data_7TDP
#
_entry.id   7TDP
#
_cell.length_a   164.009
_cell.length_b   164.009
_cell.length_c   141.528
_cell.angle_alpha   90.000
_cell.angle_beta   90.000
_cell.angle_gamma   90.000
#
_symmetry.space_group_name_H-M   'P 42 21 2'
#
loop_
_entity.id
_entity.type
_entity.pdbx_description
1 polymer 'Glutamine synthetase'
2 non-polymer "ADENOSINE-5'-DIPHOSPHATE"
3 non-polymer 'L-METHIONINE-S-SULFOXIMINE PHOSPHATE'
4 non-polymer 'MAGNESIUM ION'
5 water water
#
_entity_poly.entity_id   1
_entity_poly.type   'polypeptide(L)'
_entity_poly.pdbx_seq_one_letter_code
;MSYTREDIIRIAEEENVRFIRLQFTDLLGTIKNVEIPVSQLEKALDNKMMFDGSSIEGYVRIEESDMYLYPDLDTWVVFP
WVTSDRVARLICDIYKPDGSPFAGDPRGILKRVLKEAEELGYTSMNVGPEPEFFLFKTDEKGDPTTELNDQGGYFDLAPM
DLGENCRREIVLKLEEMGFEIEASHHEVAPGQHEIDFKYADAVKAADQIQTFKLVVKTIARQHGLHATFMPKPLFGVNGS
GMHCNQSLFKDNENVFYDETDELGLSQTARHYMAGILKHARAMAAITNPTVNSYKRLVPGYEAPCYVAWSASNRSPMIRI
PASRGLSTRVEVRNPDPAANPYLALAVMLRAGLDGIKRQMALPAPIDRNIYVMSEEERIEEGIPSLPADLKEALSELIRS
EVISDALGDHALAYFYELKEIEWDMYRTQVHQWERDQYLTLY
;
_entity_poly.pdbx_strand_id   A,C,B
#
loop_
_chem_comp.id
_chem_comp.type
_chem_comp.name
_chem_comp.formula
ADP non-polymer ADENOSINE-5'-DIPHOSPHATE 'C10 H15 N5 O10 P2'
MG non-polymer 'MAGNESIUM ION' 'Mg 2'
P3S non-polymer 'L-METHIONINE-S-SULFOXIMINE PHOSPHATE' 'C5 H13 N2 O6 P S'
#
# COMPACT_ATOMS: atom_id res chain seq x y z
N SER A 2 3.44 35.58 24.96
CA SER A 2 3.54 34.20 25.40
C SER A 2 2.21 33.47 25.14
N TYR A 3 2.26 32.45 24.29
CA TYR A 3 1.06 31.86 23.71
C TYR A 3 0.30 30.99 24.72
N THR A 4 -1.03 31.11 24.71
CA THR A 4 -1.94 30.21 25.42
C THR A 4 -2.44 29.13 24.46
N ARG A 5 -3.09 28.12 25.05
CA ARG A 5 -3.76 27.10 24.24
C ARG A 5 -4.74 27.73 23.25
N GLU A 6 -5.50 28.74 23.69
CA GLU A 6 -6.48 29.37 22.83
C GLU A 6 -5.82 30.10 21.67
N ASP A 7 -4.68 30.74 21.93
CA ASP A 7 -3.87 31.33 20.87
C ASP A 7 -3.55 30.32 19.78
N ILE A 8 -3.08 29.13 20.17
CA ILE A 8 -2.66 28.13 19.19
C ILE A 8 -3.84 27.66 18.36
N ILE A 9 -4.96 27.37 19.03
CA ILE A 9 -6.20 27.02 18.33
C ILE A 9 -6.57 28.10 17.34
N ARG A 10 -6.57 29.36 17.78
CA ARG A 10 -6.94 30.47 16.90
C ARG A 10 -5.99 30.58 15.71
N ILE A 11 -4.68 30.53 15.98
CA ILE A 11 -3.69 30.74 14.93
C ILE A 11 -3.71 29.59 13.91
N ALA A 12 -3.93 28.36 14.39
CA ALA A 12 -3.98 27.24 13.45
C ALA A 12 -5.16 27.38 12.48
N GLU A 13 -6.28 27.91 12.97
CA GLU A 13 -7.40 28.20 12.08
C GLU A 13 -7.11 29.36 11.14
N GLU A 14 -6.56 30.46 11.68
CA GLU A 14 -6.20 31.62 10.85
C GLU A 14 -5.30 31.21 9.69
N GLU A 15 -4.28 30.42 9.95
CA GLU A 15 -3.31 30.03 8.93
C GLU A 15 -3.73 28.80 8.13
N ASN A 16 -4.90 28.22 8.42
CA ASN A 16 -5.39 27.03 7.72
C ASN A 16 -4.43 25.84 7.88
N VAL A 17 -3.88 25.67 9.08
CA VAL A 17 -2.97 24.56 9.34
C VAL A 17 -3.77 23.25 9.32
N ARG A 18 -3.25 22.26 8.61
CA ARG A 18 -3.93 20.96 8.54
C ARG A 18 -3.20 19.85 9.28
N PHE A 19 -1.90 20.01 9.54
CA PHE A 19 -1.08 19.02 10.22
C PHE A 19 -0.09 19.71 11.14
N ILE A 20 0.22 19.09 12.26
CA ILE A 20 1.16 19.63 13.23
C ILE A 20 2.21 18.58 13.55
N ARG A 21 3.47 18.97 13.46
CA ARG A 21 4.57 18.13 13.92
C ARG A 21 4.84 18.39 15.40
N LEU A 22 4.82 17.34 16.21
CA LEU A 22 5.28 17.45 17.59
C LEU A 22 6.74 16.99 17.60
N GLN A 23 7.65 17.91 17.86
CA GLN A 23 9.07 17.68 17.67
C GLN A 23 9.80 17.63 19.00
N PHE A 24 10.87 16.85 19.05
CA PHE A 24 11.73 16.78 20.23
C PHE A 24 13.07 16.23 19.79
N THR A 25 13.99 16.10 20.73
CA THR A 25 15.38 15.79 20.40
C THR A 25 15.89 14.62 21.22
N ASP A 26 16.49 13.62 20.55
CA ASP A 26 17.06 12.48 21.26
C ASP A 26 18.38 12.90 21.92
N LEU A 27 18.99 11.96 22.65
CA LEU A 27 20.18 12.27 23.45
C LEU A 27 21.35 12.73 22.57
N LEU A 28 21.49 12.15 21.39
CA LEU A 28 22.57 12.53 20.49
C LEU A 28 22.26 13.79 19.67
N GLY A 29 21.11 14.43 19.90
CA GLY A 29 20.81 15.66 19.20
C GLY A 29 19.99 15.51 17.93
N THR A 30 19.52 14.30 17.61
CA THR A 30 18.77 14.08 16.40
C THR A 30 17.31 14.45 16.62
N ILE A 31 16.79 15.32 15.75
CA ILE A 31 15.40 15.75 15.85
C ILE A 31 14.47 14.59 15.50
N LYS A 32 13.33 14.55 16.18
CA LYS A 32 12.33 13.50 16.06
C LYS A 32 10.95 14.14 16.03
N ASN A 33 10.00 13.52 15.32
CA ASN A 33 8.64 14.06 15.39
C ASN A 33 7.60 13.03 14.98
N VAL A 34 6.38 13.28 15.46
CA VAL A 34 5.16 12.63 15.00
C VAL A 34 4.28 13.70 14.38
N GLU A 35 3.59 13.37 13.30
CA GLU A 35 2.68 14.31 12.65
C GLU A 35 1.23 13.95 12.95
N ILE A 36 0.46 14.92 13.44
CA ILE A 36 -0.95 14.72 13.77
C ILE A 36 -1.80 15.64 12.91
N PRO A 37 -3.01 15.23 12.56
CA PRO A 37 -3.94 16.15 11.91
C PRO A 37 -4.39 17.24 12.88
N VAL A 38 -4.82 18.36 12.30
CA VAL A 38 -5.29 19.46 13.13
C VAL A 38 -6.46 19.04 14.01
N SER A 39 -7.22 18.01 13.60
CA SER A 39 -8.29 17.51 14.44
C SER A 39 -7.78 17.02 15.78
N GLN A 40 -6.50 16.65 15.86
CA GLN A 40 -5.93 16.13 17.10
C GLN A 40 -5.26 17.21 17.94
N LEU A 41 -5.33 18.47 17.53
CA LEU A 41 -4.50 19.49 18.18
C LEU A 41 -4.92 19.70 19.64
N GLU A 42 -6.22 19.61 19.94
CA GLU A 42 -6.66 19.79 21.32
C GLU A 42 -6.10 18.68 22.23
N LYS A 43 -6.07 17.44 21.74
CA LYS A 43 -5.42 16.37 22.50
C LYS A 43 -3.95 16.69 22.77
N ALA A 44 -3.24 17.22 21.77
CA ALA A 44 -1.83 17.54 21.94
C ALA A 44 -1.63 18.66 22.95
N LEU A 45 -2.43 19.72 22.85
CA LEU A 45 -2.37 20.81 23.83
C LEU A 45 -2.82 20.35 25.21
N ASP A 46 -3.50 19.22 25.30
CA ASP A 46 -3.88 18.59 26.57
C ASP A 46 -2.79 17.65 27.11
N ASN A 47 -1.61 17.62 26.47
CA ASN A 47 -0.46 16.85 26.94
C ASN A 47 -0.74 15.34 26.96
N LYS A 48 -1.50 14.86 25.96
CA LYS A 48 -1.91 13.46 25.93
C LYS A 48 -1.19 12.62 24.87
N MET A 49 -0.31 13.20 24.05
CA MET A 49 0.36 12.44 23.01
C MET A 49 1.49 11.60 23.59
N MET A 50 1.58 10.34 23.14
CA MET A 50 2.52 9.36 23.68
C MET A 50 3.45 8.87 22.59
N PHE A 51 4.57 8.27 23.01
CA PHE A 51 5.50 7.69 22.06
C PHE A 51 6.27 6.57 22.75
N ASP A 52 7.01 5.82 21.95
CA ASP A 52 7.81 4.70 22.46
C ASP A 52 9.21 5.22 22.82
N GLY A 53 9.44 5.44 24.12
CA GLY A 53 10.72 5.95 24.56
C GLY A 53 11.88 4.99 24.38
N SER A 54 11.60 3.70 24.20
CA SER A 54 12.67 2.74 23.97
C SER A 54 13.20 2.79 22.53
N SER A 55 12.52 3.48 21.62
CA SER A 55 12.99 3.62 20.24
C SER A 55 13.65 4.96 19.99
N ILE A 56 13.83 5.77 21.03
CA ILE A 56 14.49 7.06 20.95
C ILE A 56 15.81 6.90 21.68
N GLU A 57 16.93 7.19 20.98
CA GLU A 57 18.25 6.97 21.56
C GLU A 57 18.41 7.74 22.88
N GLY A 58 18.85 7.03 23.91
CA GLY A 58 19.17 7.66 25.17
C GLY A 58 18.00 7.90 26.10
N TYR A 59 16.81 7.38 25.78
CA TYR A 59 15.70 7.70 26.69
C TYR A 59 15.42 6.59 27.71
N VAL A 60 14.67 5.54 27.34
CA VAL A 60 14.21 4.55 28.33
C VAL A 60 14.31 3.16 27.72
N ARG A 61 14.08 2.15 28.55
CA ARG A 61 14.17 0.75 28.16
C ARG A 61 12.79 0.22 27.74
N ILE A 62 12.82 -0.91 27.04
CA ILE A 62 11.61 -1.47 26.41
C ILE A 62 10.55 -1.77 27.47
N GLU A 63 10.97 -2.12 28.69
CA GLU A 63 10.03 -2.52 29.71
C GLU A 63 9.37 -1.34 30.42
N GLU A 64 9.83 -0.11 30.16
CA GLU A 64 9.28 1.11 30.77
C GLU A 64 9.09 2.18 29.70
N SER A 65 8.50 1.81 28.55
CA SER A 65 8.72 2.58 27.32
C SER A 65 7.68 3.66 27.06
N ASP A 66 6.60 3.75 27.83
CA ASP A 66 5.58 4.76 27.57
C ASP A 66 6.03 6.15 28.04
N MET A 67 5.96 7.13 27.14
CA MET A 67 6.36 8.49 27.46
C MET A 67 5.41 9.48 26.81
N TYR A 68 5.34 10.68 27.38
CA TYR A 68 4.41 11.72 26.96
C TYR A 68 5.16 12.93 26.41
N LEU A 69 4.48 13.62 25.50
CA LEU A 69 4.94 14.88 24.90
C LEU A 69 4.10 16.04 25.45
N TYR A 70 4.76 17.04 26.05
CA TYR A 70 4.09 18.25 26.51
C TYR A 70 4.53 19.42 25.63
N PRO A 71 3.69 19.95 24.75
CA PRO A 71 4.15 20.98 23.81
C PRO A 71 4.53 22.27 24.53
N ASP A 72 5.55 22.93 24.00
CA ASP A 72 5.92 24.28 24.43
C ASP A 72 5.27 25.26 23.45
N LEU A 73 4.22 25.96 23.93
CA LEU A 73 3.36 26.69 23.01
C LEU A 73 4.10 27.81 22.29
N ASP A 74 5.11 28.38 22.94
CA ASP A 74 5.87 29.46 22.33
C ASP A 74 6.78 28.99 21.19
N THR A 75 6.89 27.69 20.93
CA THR A 75 7.67 27.21 19.80
C THR A 75 6.85 27.05 18.53
N TRP A 76 5.59 27.48 18.55
CA TRP A 76 4.72 27.37 17.38
C TRP A 76 5.30 28.12 16.18
N VAL A 77 5.35 27.44 15.03
CA VAL A 77 5.73 28.07 13.78
C VAL A 77 5.18 27.25 12.63
N VAL A 78 4.80 27.93 11.54
CA VAL A 78 4.35 27.29 10.31
C VAL A 78 5.53 27.10 9.37
N PHE A 79 5.66 25.90 8.80
CA PHE A 79 6.69 25.66 7.78
C PHE A 79 6.31 26.32 6.47
N PRO A 80 7.19 27.12 5.86
CA PRO A 80 6.83 27.81 4.62
C PRO A 80 6.90 26.94 3.36
N TRP A 81 7.76 25.93 3.33
CA TRP A 81 7.98 25.15 2.10
C TRP A 81 6.90 24.08 1.86
N SER A 84 0.70 23.52 -0.06
CA SER A 84 -0.23 22.41 -0.28
C SER A 84 -1.31 22.35 0.79
N ASP A 85 -1.07 21.54 1.83
CA ASP A 85 -1.84 21.55 3.08
C ASP A 85 -0.89 21.97 4.20
N ARG A 86 -1.21 23.07 4.87
CA ARG A 86 -0.22 23.74 5.70
C ARG A 86 0.17 22.90 6.91
N VAL A 87 1.46 22.93 7.25
CA VAL A 87 2.05 22.15 8.32
C VAL A 87 2.71 23.11 9.30
N ALA A 88 2.44 22.94 10.59
CA ALA A 88 3.12 23.70 11.64
C ALA A 88 3.82 22.71 12.58
N ARG A 89 4.56 23.23 13.56
CA ARG A 89 5.21 22.38 14.55
C ARG A 89 5.09 22.99 15.93
N LEU A 90 5.18 22.13 16.93
CA LEU A 90 5.44 22.49 18.33
C LEU A 90 6.59 21.64 18.83
N ILE A 91 7.56 22.26 19.49
CA ILE A 91 8.60 21.51 20.19
C ILE A 91 8.04 21.11 21.56
N CYS A 92 8.32 19.88 21.99
CA CYS A 92 7.75 19.36 23.22
C CYS A 92 8.83 18.98 24.22
N ASP A 93 8.51 19.13 25.51
CA ASP A 93 9.28 18.51 26.57
C ASP A 93 8.73 17.11 26.84
N ILE A 94 9.61 16.25 27.37
CA ILE A 94 9.34 14.84 27.59
C ILE A 94 8.93 14.62 29.05
N TYR A 95 7.83 13.89 29.25
CA TYR A 95 7.32 13.58 30.58
C TYR A 95 7.07 12.10 30.72
N LYS A 96 7.21 11.60 31.95
CA LYS A 96 6.85 10.24 32.29
C LYS A 96 5.36 10.13 32.57
N PRO A 97 4.80 8.91 32.48
CA PRO A 97 3.35 8.76 32.70
C PRO A 97 2.88 9.22 34.07
N ASP A 98 3.74 9.24 35.08
CA ASP A 98 3.31 9.73 36.38
C ASP A 98 3.27 11.26 36.46
N GLY A 99 3.65 11.96 35.40
CA GLY A 99 3.56 13.41 35.37
C GLY A 99 4.84 14.15 35.72
N SER A 100 5.88 13.45 35.99
CA SER A 100 7.08 14.22 36.27
C SER A 100 7.91 14.38 34.98
N PRO A 101 8.66 15.47 34.89
CA PRO A 101 9.51 15.66 33.72
C PRO A 101 10.61 14.62 33.64
N PHE A 102 10.90 14.17 32.42
CA PHE A 102 11.88 13.12 32.21
C PHE A 102 13.29 13.64 32.50
N ALA A 103 14.00 12.97 33.39
CA ALA A 103 15.35 13.39 33.77
C ALA A 103 16.34 13.35 32.61
N GLY A 104 16.09 12.53 31.59
CA GLY A 104 16.99 12.42 30.46
C GLY A 104 16.66 13.29 29.28
N ASP A 105 15.68 14.18 29.41
CA ASP A 105 15.26 15.07 28.32
C ASP A 105 16.32 16.15 28.13
N PRO A 106 17.00 16.20 26.99
CA PRO A 106 18.05 17.24 26.80
C PRO A 106 17.55 18.65 26.99
N ARG A 107 16.34 18.95 26.53
CA ARG A 107 15.78 20.28 26.73
C ARG A 107 15.52 20.56 28.20
N GLY A 108 15.04 19.56 28.95
CA GLY A 108 14.90 19.72 30.39
C GLY A 108 16.24 19.88 31.09
N ILE A 109 17.30 19.25 30.56
CA ILE A 109 18.61 19.38 31.17
C ILE A 109 19.12 20.81 31.07
N LEU A 110 18.98 21.45 29.90
CA LEU A 110 19.40 22.83 29.76
C LEU A 110 18.55 23.77 30.63
N LYS A 111 17.24 23.54 30.69
CA LYS A 111 16.38 24.36 31.55
C LYS A 111 16.78 24.26 33.02
N ARG A 112 17.23 23.07 33.45
CA ARG A 112 17.69 22.93 34.83
C ARG A 112 18.92 23.77 35.10
N VAL A 113 19.89 23.75 34.18
CA VAL A 113 21.11 24.52 34.41
C VAL A 113 20.82 26.02 34.36
N LEU A 114 19.91 26.42 33.46
CA LEU A 114 19.53 27.83 33.37
C LEU A 114 18.90 28.33 34.67
N LYS A 115 18.20 27.47 35.40
CA LYS A 115 17.66 27.90 36.69
C LYS A 115 18.78 28.18 37.68
N GLU A 116 19.90 27.44 37.59
CA GLU A 116 21.07 27.78 38.40
C GLU A 116 21.59 29.18 38.06
N ALA A 117 21.57 29.56 36.78
CA ALA A 117 21.96 30.91 36.42
C ALA A 117 20.98 31.94 36.98
N GLU A 118 19.67 31.63 36.95
CA GLU A 118 18.67 32.58 37.40
C GLU A 118 18.80 32.89 38.88
N GLU A 119 19.16 31.89 39.70
CA GLU A 119 19.27 32.13 41.13
C GLU A 119 20.51 32.99 41.45
N LEU A 120 21.54 32.98 40.59
CA LEU A 120 22.66 33.87 40.79
C LEU A 120 22.42 35.27 40.22
N GLY A 121 21.19 35.56 39.75
CA GLY A 121 20.84 36.89 39.29
C GLY A 121 20.75 37.05 37.78
N TYR A 122 21.27 36.11 36.99
CA TYR A 122 21.30 36.26 35.55
C TYR A 122 19.96 35.83 34.96
N THR A 123 19.29 36.74 34.26
CA THR A 123 17.97 36.46 33.72
C THR A 123 18.00 35.78 32.35
N SER A 124 19.12 35.83 31.62
CA SER A 124 19.21 35.18 30.33
C SER A 124 20.66 34.80 30.06
N MET A 125 20.85 33.68 29.38
CA MET A 125 22.12 33.34 28.74
C MET A 125 21.89 33.50 27.25
N ASN A 126 22.52 34.51 26.66
CA ASN A 126 22.32 34.77 25.24
C ASN A 126 23.35 33.99 24.44
N VAL A 127 22.88 33.30 23.41
CA VAL A 127 23.71 32.37 22.69
C VAL A 127 23.55 32.65 21.21
N GLY A 128 24.67 32.82 20.50
CA GLY A 128 24.66 32.93 19.06
C GLY A 128 25.51 31.87 18.42
N PRO A 129 24.88 30.86 17.85
CA PRO A 129 25.64 29.74 17.29
C PRO A 129 25.92 29.95 15.81
N GLU A 130 27.08 29.47 15.33
CA GLU A 130 27.42 29.53 13.91
C GLU A 130 27.55 28.11 13.34
N PRO A 131 26.45 27.45 13.00
CA PRO A 131 26.56 26.07 12.54
C PRO A 131 26.92 26.01 11.06
N GLU A 132 28.19 25.74 10.76
CA GLU A 132 28.66 25.65 9.38
C GLU A 132 28.26 24.30 8.80
N PHE A 133 28.17 24.22 7.47
CA PHE A 133 27.78 22.97 6.82
C PHE A 133 28.38 22.87 5.43
N PHE A 134 28.44 21.63 4.94
CA PHE A 134 28.89 21.32 3.58
C PHE A 134 27.68 20.93 2.73
N LEU A 135 27.75 21.26 1.44
CA LEU A 135 26.78 20.81 0.46
C LEU A 135 27.47 19.82 -0.47
N PHE A 136 26.93 18.61 -0.55
CA PHE A 136 27.45 17.60 -1.46
C PHE A 136 26.48 17.42 -2.63
N LYS A 137 27.02 17.13 -3.80
CA LYS A 137 26.15 16.71 -4.90
C LYS A 137 25.57 15.33 -4.62
N THR A 138 24.52 14.99 -5.35
CA THR A 138 23.82 13.73 -5.19
C THR A 138 23.75 13.01 -6.52
N ASP A 139 23.57 11.69 -6.45
CA ASP A 139 23.40 10.89 -7.65
C ASP A 139 21.93 10.86 -8.04
N GLU A 140 21.61 10.04 -9.05
CA GLU A 140 20.26 9.95 -9.57
C GLU A 140 19.28 9.47 -8.50
N LYS A 141 19.76 8.70 -7.53
CA LYS A 141 18.93 8.15 -6.47
C LYS A 141 18.79 9.08 -5.27
N GLY A 142 19.57 10.17 -5.20
CA GLY A 142 19.39 11.16 -4.16
C GLY A 142 20.38 11.08 -3.01
N ASP A 143 21.27 10.10 -3.00
CA ASP A 143 22.28 9.96 -1.96
C ASP A 143 23.52 10.78 -2.32
N PRO A 144 24.29 11.24 -1.33
CA PRO A 144 25.44 12.09 -1.63
C PRO A 144 26.55 11.33 -2.35
N THR A 145 27.20 12.00 -3.28
CA THR A 145 28.43 11.50 -3.86
C THR A 145 29.60 12.06 -3.05
N THR A 146 30.82 11.86 -3.54
CA THR A 146 32.00 12.46 -2.92
C THR A 146 32.28 13.87 -3.42
N GLU A 147 31.49 14.37 -4.38
CA GLU A 147 31.72 15.68 -5.00
C GLU A 147 31.01 16.77 -4.21
N LEU A 148 31.76 17.80 -3.83
CA LEU A 148 31.17 18.97 -3.18
C LEU A 148 30.39 19.80 -4.19
N ASN A 149 29.46 20.64 -3.69
CA ASN A 149 28.62 21.41 -4.61
C ASN A 149 29.43 22.43 -5.42
N ASP A 150 30.57 22.88 -4.90
CA ASP A 150 31.43 23.77 -5.67
C ASP A 150 32.85 23.63 -5.14
N GLN A 151 33.79 24.33 -5.78
CA GLN A 151 35.16 24.40 -5.30
C GLN A 151 35.51 25.81 -4.83
N GLY A 152 34.52 26.54 -4.35
CA GLY A 152 34.74 27.91 -3.91
C GLY A 152 35.36 27.98 -2.53
N GLY A 153 35.59 29.22 -2.09
CA GLY A 153 36.21 29.49 -0.80
C GLY A 153 35.58 30.69 -0.08
N TYR A 154 36.26 31.19 0.95
CA TYR A 154 35.68 32.14 1.90
C TYR A 154 35.24 33.42 1.20
N PHE A 155 33.95 33.75 1.31
CA PHE A 155 33.35 34.96 0.76
C PHE A 155 33.39 35.00 -0.78
N ASP A 156 33.61 33.87 -1.45
CA ASP A 156 33.64 33.87 -2.91
C ASP A 156 32.25 34.17 -3.50
N LEU A 157 32.26 34.60 -4.76
CA LEU A 157 31.05 34.87 -5.51
C LEU A 157 30.83 33.79 -6.55
N ALA A 158 29.60 33.72 -7.05
CA ALA A 158 29.32 32.85 -8.20
C ALA A 158 30.08 33.37 -9.43
N PRO A 159 30.52 32.47 -10.32
CA PRO A 159 30.28 31.03 -10.27
C PRO A 159 31.31 30.21 -9.47
N MET A 160 32.31 30.85 -8.85
CA MET A 160 33.17 30.11 -7.92
C MET A 160 32.35 29.54 -6.76
N ASP A 161 31.47 30.35 -6.20
CA ASP A 161 30.52 29.93 -5.16
C ASP A 161 29.20 29.58 -5.86
N LEU A 162 28.83 28.30 -5.82
CA LEU A 162 27.58 27.85 -6.44
C LEU A 162 26.45 27.62 -5.43
N GLY A 163 26.61 28.10 -4.20
CA GLY A 163 25.58 27.95 -3.20
C GLY A 163 24.71 29.18 -2.96
N GLU A 164 24.90 30.25 -3.74
CA GLU A 164 24.17 31.50 -3.49
C GLU A 164 22.66 31.26 -3.46
N ASN A 165 22.13 30.59 -4.48
CA ASN A 165 20.69 30.39 -4.58
C ASN A 165 20.19 29.50 -3.44
N CYS A 166 20.93 28.45 -3.13
CA CYS A 166 20.52 27.56 -2.04
C CYS A 166 20.56 28.29 -0.71
N ARG A 167 21.66 28.99 -0.41
CA ARG A 167 21.72 29.78 0.82
C ARG A 167 20.61 30.84 0.86
N ARG A 168 20.37 31.53 -0.28
CA ARG A 168 19.35 32.56 -0.27
C ARG A 168 17.97 31.98 0.02
N GLU A 169 17.66 30.79 -0.50
CA GLU A 169 16.33 30.25 -0.22
C GLU A 169 16.23 29.80 1.23
N ILE A 170 17.31 29.26 1.80
CA ILE A 170 17.31 28.94 3.22
C ILE A 170 17.03 30.19 4.02
N VAL A 171 17.72 31.28 3.70
CA VAL A 171 17.52 32.53 4.41
C VAL A 171 16.07 32.99 4.30
N LEU A 172 15.48 32.90 3.12
CA LEU A 172 14.10 33.35 2.98
C LEU A 172 13.14 32.51 3.82
N LYS A 173 13.36 31.19 3.84
CA LYS A 173 12.51 30.32 4.65
C LYS A 173 12.70 30.61 6.14
N LEU A 174 13.95 30.73 6.61
CA LEU A 174 14.17 31.00 8.03
C LEU A 174 13.55 32.31 8.46
N GLU A 175 13.60 33.34 7.62
CA GLU A 175 13.02 34.61 8.02
C GLU A 175 11.49 34.56 8.04
N GLU A 176 10.89 33.77 7.15
CA GLU A 176 9.44 33.56 7.26
C GLU A 176 9.09 32.86 8.56
N MET A 177 10.01 32.08 9.11
CA MET A 177 9.83 31.40 10.38
C MET A 177 10.26 32.23 11.57
N GLY A 178 10.50 33.52 11.39
CA GLY A 178 10.82 34.40 12.49
C GLY A 178 12.28 34.44 12.90
N PHE A 179 13.19 33.82 12.14
CA PHE A 179 14.61 34.01 12.41
C PHE A 179 15.02 35.43 12.05
N GLU A 180 15.96 35.96 12.83
CA GLU A 180 16.61 37.22 12.49
C GLU A 180 17.96 36.86 11.88
N ILE A 181 18.00 36.77 10.55
CA ILE A 181 19.22 36.38 9.85
C ILE A 181 20.15 37.58 9.79
N GLU A 182 21.43 37.33 10.03
CA GLU A 182 22.44 38.38 10.00
C GLU A 182 23.28 38.40 8.73
N ALA A 183 23.60 37.24 8.16
CA ALA A 183 24.58 37.17 7.07
C ALA A 183 24.56 35.76 6.49
N SER A 184 25.06 35.65 5.26
CA SER A 184 25.27 34.35 4.67
C SER A 184 26.42 34.46 3.68
N HIS A 185 27.25 33.42 3.63
CA HIS A 185 28.43 33.48 2.78
C HIS A 185 28.97 32.08 2.58
N HIS A 186 29.78 31.93 1.54
CA HIS A 186 30.61 30.73 1.39
C HIS A 186 31.70 30.74 2.46
N GLU A 187 32.00 29.57 3.02
CA GLU A 187 33.04 29.46 4.04
C GLU A 187 34.35 29.02 3.38
N VAL A 188 35.34 28.66 4.21
CA VAL A 188 36.73 28.51 3.73
C VAL A 188 36.88 27.32 2.79
N ALA A 189 36.31 26.17 3.14
CA ALA A 189 36.54 24.94 2.40
C ALA A 189 35.64 24.86 1.17
N PRO A 190 36.04 24.09 0.17
CA PRO A 190 35.14 23.86 -0.97
C PRO A 190 33.79 23.30 -0.52
N GLY A 191 32.71 23.81 -1.11
CA GLY A 191 31.38 23.35 -0.79
C GLY A 191 30.89 23.65 0.62
N GLN A 192 31.57 24.53 1.35
CA GLN A 192 31.23 24.84 2.73
C GLN A 192 30.55 26.21 2.82
N HIS A 193 29.57 26.32 3.72
CA HIS A 193 28.69 27.48 3.74
C HIS A 193 28.34 27.85 5.18
N GLU A 194 27.94 29.12 5.36
CA GLU A 194 27.56 29.65 6.66
C GLU A 194 26.38 30.60 6.52
N ILE A 195 25.41 30.46 7.42
CA ILE A 195 24.30 31.39 7.56
C ILE A 195 24.22 31.76 9.04
N ASP A 196 24.35 33.06 9.34
CA ASP A 196 24.38 33.54 10.71
C ASP A 196 23.03 34.10 11.13
N PHE A 197 22.65 33.89 12.40
CA PHE A 197 21.41 34.48 12.89
C PHE A 197 21.63 35.04 14.29
N LYS A 198 20.72 35.94 14.67
CA LYS A 198 20.93 36.73 15.88
C LYS A 198 20.89 35.83 17.12
N TYR A 199 21.70 36.20 18.10
CA TYR A 199 21.68 35.52 19.40
C TYR A 199 20.29 35.53 20.00
N ALA A 200 20.02 34.56 20.87
CA ALA A 200 18.75 34.45 21.57
C ALA A 200 19.01 33.76 22.91
N ASP A 201 18.02 33.81 23.80
CA ASP A 201 18.13 33.08 25.07
C ASP A 201 18.38 31.60 24.79
N ALA A 202 19.06 30.94 25.73
CA ALA A 202 19.69 29.64 25.46
C ALA A 202 18.70 28.62 24.90
N VAL A 203 17.52 28.48 25.51
CA VAL A 203 16.57 27.48 25.03
C VAL A 203 16.14 27.79 23.60
N LYS A 204 15.80 29.06 23.33
CA LYS A 204 15.41 29.42 21.98
C LYS A 204 16.57 29.25 21.00
N ALA A 205 17.78 29.60 21.41
CA ALA A 205 18.95 29.40 20.54
C ALA A 205 19.08 27.92 20.17
N ALA A 206 18.90 27.02 21.14
CA ALA A 206 19.04 25.60 20.86
C ALA A 206 17.88 25.08 19.99
N ASP A 207 16.65 25.51 20.27
CA ASP A 207 15.51 25.25 19.39
C ASP A 207 15.79 25.75 17.98
N GLN A 208 16.40 26.92 17.86
CA GLN A 208 16.70 27.46 16.55
C GLN A 208 17.80 26.68 15.85
N ILE A 209 18.79 26.16 16.60
CA ILE A 209 19.79 25.29 15.98
C ILE A 209 19.12 24.04 15.41
N GLN A 210 18.21 23.41 16.16
CA GLN A 210 17.51 22.24 15.63
C GLN A 210 16.70 22.59 14.38
N THR A 211 16.02 23.73 14.41
CA THR A 211 15.19 24.16 13.28
C THR A 211 16.06 24.55 12.08
N PHE A 212 17.17 25.26 12.33
CA PHE A 212 18.11 25.64 11.28
C PHE A 212 18.59 24.42 10.50
N LYS A 213 19.06 23.39 11.20
CA LYS A 213 19.58 22.21 10.54
C LYS A 213 18.51 21.55 9.68
N LEU A 214 17.28 21.51 10.16
CA LEU A 214 16.18 20.90 9.41
C LEU A 214 15.90 21.68 8.12
N VAL A 215 15.77 23.00 8.21
CA VAL A 215 15.52 23.83 7.02
C VAL A 215 16.68 23.72 6.03
N VAL A 216 17.92 23.76 6.52
CA VAL A 216 19.06 23.64 5.63
C VAL A 216 19.00 22.33 4.83
N LYS A 217 18.79 21.22 5.53
CA LYS A 217 18.74 19.91 4.86
C LYS A 217 17.57 19.82 3.89
N THR A 218 16.42 20.37 4.27
CA THR A 218 15.24 20.31 3.41
C THR A 218 15.46 21.11 2.13
N ILE A 219 15.91 22.35 2.26
CA ILE A 219 16.08 23.18 1.07
C ILE A 219 17.21 22.65 0.21
N ALA A 220 18.32 22.20 0.82
CA ALA A 220 19.41 21.66 0.02
C ALA A 220 18.92 20.53 -0.87
N ARG A 221 18.10 19.63 -0.31
CA ARG A 221 17.55 18.54 -1.10
C ARG A 221 16.69 19.05 -2.26
N GLN A 222 15.89 20.09 -2.04
CA GLN A 222 15.12 20.66 -3.16
C GLN A 222 16.04 21.11 -4.29
N HIS A 223 17.26 21.53 -3.97
CA HIS A 223 18.22 21.97 -4.97
C HIS A 223 19.09 20.84 -5.48
N GLY A 224 18.76 19.59 -5.15
CA GLY A 224 19.55 18.48 -5.64
C GLY A 224 20.82 18.23 -4.88
N LEU A 225 20.95 18.78 -3.67
CA LEU A 225 22.17 18.69 -2.90
C LEU A 225 21.89 17.96 -1.60
N HIS A 226 22.95 17.48 -0.96
CA HIS A 226 22.84 16.86 0.36
C HIS A 226 23.65 17.70 1.36
N ALA A 227 22.95 18.27 2.35
CA ALA A 227 23.62 19.06 3.37
C ALA A 227 24.09 18.17 4.51
N THR A 228 25.29 18.45 5.04
CA THR A 228 25.75 17.72 6.21
C THR A 228 26.41 18.65 7.23
N PHE A 229 26.14 18.37 8.51
CA PHE A 229 26.79 19.03 9.63
C PHE A 229 27.85 18.14 10.28
N MET A 230 28.29 17.11 9.57
CA MET A 230 29.43 16.31 9.98
C MET A 230 30.64 17.21 10.20
N PRO A 231 31.38 17.05 11.30
CA PRO A 231 32.46 18.01 11.62
C PRO A 231 33.59 18.07 10.60
N LYS A 232 34.00 16.96 10.02
CA LYS A 232 35.18 16.91 9.16
C LYS A 232 34.99 15.88 8.06
N PRO A 233 34.20 16.23 7.04
CA PRO A 233 33.92 15.25 5.98
C PRO A 233 35.12 14.96 5.10
N LEU A 234 36.11 15.85 5.06
CA LEU A 234 37.22 15.71 4.12
C LEU A 234 38.53 16.10 4.80
N PHE A 235 39.54 15.22 4.68
CA PHE A 235 40.86 15.52 5.22
C PHE A 235 41.47 16.72 4.48
N GLY A 236 42.25 17.51 5.19
CA GLY A 236 43.08 18.51 4.53
C GLY A 236 42.39 19.79 4.12
N VAL A 237 41.11 19.98 4.47
CA VAL A 237 40.43 21.27 4.35
C VAL A 237 39.69 21.52 5.66
N ASN A 238 39.24 22.76 5.83
CA ASN A 238 38.56 23.13 7.08
C ASN A 238 37.42 22.17 7.37
N GLY A 239 37.21 21.89 8.66
CA GLY A 239 35.99 21.26 9.12
C GLY A 239 34.91 22.29 9.38
N SER A 240 33.76 21.81 9.83
CA SER A 240 32.64 22.66 10.22
C SER A 240 32.58 22.76 11.73
N GLY A 241 32.66 23.97 12.24
CA GLY A 241 32.46 24.21 13.65
C GLY A 241 31.03 24.69 13.90
N MET A 242 30.68 24.75 15.18
CA MET A 242 29.49 25.48 15.62
C MET A 242 29.96 26.36 16.76
N HIS A 243 30.55 27.51 16.41
CA HIS A 243 31.01 28.44 17.43
C HIS A 243 29.83 28.86 18.28
N CYS A 244 29.99 28.81 19.59
CA CYS A 244 28.91 29.18 20.49
C CYS A 244 29.30 30.50 21.16
N ASN A 245 28.81 31.60 20.60
CA ASN A 245 28.98 32.91 21.20
C ASN A 245 28.04 33.05 22.38
N GLN A 246 28.56 33.61 23.47
CA GLN A 246 27.95 33.49 24.79
C GLN A 246 28.05 34.78 25.58
N SER A 247 26.96 35.17 26.21
CA SER A 247 26.95 36.27 27.17
C SER A 247 25.82 36.07 28.17
N LEU A 248 25.99 36.64 29.37
CA LEU A 248 24.95 36.64 30.39
C LEU A 248 24.35 38.04 30.49
N PHE A 249 23.03 38.11 30.68
CA PHE A 249 22.33 39.37 30.77
C PHE A 249 21.61 39.50 32.11
N LYS A 250 21.45 40.75 32.54
CA LYS A 250 20.54 41.14 33.62
C LYS A 250 19.54 42.12 33.01
N ASP A 251 18.44 41.55 32.54
CA ASP A 251 17.25 42.11 31.91
C ASP A 251 17.45 42.74 30.54
N ASN A 252 18.49 43.53 30.38
CA ASN A 252 18.74 44.18 29.11
C ASN A 252 20.20 44.55 29.03
N GLU A 253 20.89 44.40 30.15
CA GLU A 253 22.29 44.75 30.24
C GLU A 253 23.10 43.49 30.01
N ASN A 254 24.11 43.61 29.17
CA ASN A 254 25.07 42.56 28.94
C ASN A 254 26.10 42.66 30.05
N VAL A 255 26.05 41.74 31.02
CA VAL A 255 26.94 41.84 32.17
C VAL A 255 28.37 41.43 31.85
N PHE A 256 28.61 40.92 30.63
CA PHE A 256 29.98 40.69 30.18
C PHE A 256 30.67 41.97 29.75
N TYR A 257 29.91 43.04 29.51
CA TYR A 257 30.47 44.29 28.97
C TYR A 257 30.89 45.23 30.10
N ASP A 258 32.10 45.78 29.98
CA ASP A 258 32.64 46.79 30.90
C ASP A 258 33.48 47.74 30.05
N GLU A 259 33.01 48.97 29.86
CA GLU A 259 33.73 49.86 28.95
C GLU A 259 35.10 50.28 29.48
N THR A 260 35.32 50.22 30.80
CA THR A 260 36.63 50.61 31.33
C THR A 260 37.71 49.57 31.05
N ASP A 261 37.36 48.41 30.51
CA ASP A 261 38.33 47.34 30.25
C ASP A 261 38.91 47.48 28.83
N GLU A 262 40.14 46.99 28.66
CA GLU A 262 40.81 47.16 27.37
C GLU A 262 40.11 46.37 26.27
N LEU A 263 39.64 45.17 26.57
CA LEU A 263 38.85 44.38 25.62
C LEU A 263 37.35 44.57 25.80
N GLY A 264 36.94 45.38 26.76
CA GLY A 264 35.53 45.55 27.06
C GLY A 264 34.92 44.42 27.84
N LEU A 265 35.71 43.60 28.51
CA LEU A 265 35.24 42.45 29.28
C LEU A 265 35.13 42.81 30.76
N SER A 266 33.99 42.52 31.36
CA SER A 266 33.81 42.67 32.79
C SER A 266 34.57 41.58 33.55
N GLN A 267 34.62 41.72 34.87
CA GLN A 267 35.20 40.68 35.71
C GLN A 267 34.37 39.40 35.68
N THR A 268 33.04 39.52 35.56
CA THR A 268 32.19 38.34 35.43
C THR A 268 32.53 37.57 34.16
N ALA A 269 32.69 38.26 33.04
CA ALA A 269 33.08 37.60 31.80
C ALA A 269 34.40 36.87 31.96
N ARG A 270 35.37 37.49 32.64
CA ARG A 270 36.68 36.87 32.78
C ARG A 270 36.62 35.62 33.64
N HIS A 271 35.84 35.66 34.73
CA HIS A 271 35.61 34.47 35.54
C HIS A 271 34.87 33.39 34.75
N TYR A 272 33.91 33.79 33.92
CA TYR A 272 33.17 32.83 33.09
C TYR A 272 34.11 32.13 32.13
N MET A 273 34.96 32.90 31.43
CA MET A 273 35.95 32.32 30.53
C MET A 273 36.85 31.35 31.26
N ALA A 274 37.26 31.70 32.48
CA ALA A 274 38.17 30.84 33.23
C ALA A 274 37.50 29.50 33.52
N GLY A 275 36.20 29.50 33.82
CA GLY A 275 35.48 28.25 34.01
C GLY A 275 35.39 27.43 32.74
N ILE A 276 35.18 28.10 31.60
CA ILE A 276 35.15 27.38 30.32
C ILE A 276 36.49 26.68 30.09
N LEU A 277 37.59 27.42 30.27
CA LEU A 277 38.91 26.84 30.03
C LEU A 277 39.22 25.74 31.04
N LYS A 278 38.84 25.94 32.31
CA LYS A 278 39.08 24.94 33.35
C LYS A 278 38.43 23.60 33.00
N HIS A 279 37.20 23.63 32.50
CA HIS A 279 36.43 22.41 32.24
C HIS A 279 36.43 22.02 30.77
N ALA A 280 37.32 22.62 29.97
CA ALA A 280 37.30 22.39 28.52
C ALA A 280 37.48 20.92 28.18
N ARG A 281 38.46 20.26 28.80
CA ARG A 281 38.70 18.85 28.49
C ARG A 281 37.56 17.97 28.96
N ALA A 282 36.89 18.36 30.05
CA ALA A 282 35.86 17.55 30.66
C ALA A 282 34.53 17.63 29.93
N MET A 283 34.29 18.69 29.17
CA MET A 283 33.04 18.80 28.41
C MET A 283 33.24 18.53 26.93
N ALA A 284 34.46 18.17 26.52
CA ALA A 284 34.74 17.90 25.11
C ALA A 284 33.86 16.78 24.57
N ALA A 285 33.60 15.76 25.39
CA ALA A 285 32.80 14.63 24.91
C ALA A 285 31.38 15.06 24.54
N ILE A 286 30.87 16.13 25.16
CA ILE A 286 29.55 16.64 24.82
C ILE A 286 29.60 17.60 23.64
N THR A 287 30.54 18.54 23.66
CA THR A 287 30.63 19.54 22.59
C THR A 287 31.24 18.96 21.32
N ASN A 288 31.93 17.82 21.42
CA ASN A 288 32.59 17.18 20.27
C ASN A 288 32.33 15.68 20.42
N PRO A 289 31.10 15.25 20.14
CA PRO A 289 30.65 13.93 20.62
C PRO A 289 30.85 12.77 19.65
N THR A 290 31.45 12.94 18.48
CA THR A 290 31.65 11.86 17.54
C THR A 290 33.14 11.55 17.40
N VAL A 291 33.43 10.37 16.82
CA VAL A 291 34.81 10.04 16.48
C VAL A 291 35.39 11.11 15.58
N ASN A 292 34.60 11.52 14.59
CA ASN A 292 35.01 12.45 13.54
C ASN A 292 35.25 13.86 14.06
N SER A 293 34.56 14.24 15.16
CA SER A 293 34.83 15.52 15.82
C SER A 293 36.33 15.76 16.03
N TYR A 294 37.07 14.70 16.35
CA TYR A 294 38.46 14.89 16.72
C TYR A 294 39.39 14.89 15.51
N LYS A 295 38.88 14.61 14.31
CA LYS A 295 39.63 14.90 13.10
C LYS A 295 39.50 16.35 12.68
N ARG A 296 38.52 17.09 13.22
CA ARG A 296 38.46 18.53 13.05
C ARG A 296 39.38 19.24 14.04
N LEU A 297 39.48 18.73 15.27
CA LEU A 297 40.35 19.31 16.30
C LEU A 297 41.80 18.91 16.03
N VAL A 298 42.30 19.32 14.86
CA VAL A 298 43.70 19.18 14.47
C VAL A 298 44.23 20.56 14.08
N PRO A 299 45.52 20.84 14.24
CA PRO A 299 46.02 22.21 14.01
C PRO A 299 46.00 22.61 12.54
N GLY A 300 45.79 23.91 12.31
CA GLY A 300 45.94 24.51 11.01
C GLY A 300 44.66 24.84 10.25
N TYR A 301 43.47 24.74 10.87
CA TYR A 301 42.23 24.93 10.13
C TYR A 301 41.20 25.80 10.85
N GLU A 302 41.66 26.67 11.75
CA GLU A 302 40.81 27.62 12.49
C GLU A 302 39.84 26.93 13.44
N ALA A 303 40.09 25.66 13.75
CA ALA A 303 39.45 24.95 14.84
C ALA A 303 40.43 24.81 15.99
N PRO A 304 39.92 24.81 17.23
CA PRO A 304 40.77 24.71 18.42
C PRO A 304 41.48 23.38 18.50
N CYS A 305 42.70 23.43 19.05
CA CYS A 305 43.48 22.27 19.49
C CYS A 305 43.89 22.36 20.93
N TYR A 306 44.08 23.56 21.43
CA TYR A 306 44.67 23.81 22.73
C TYR A 306 43.74 24.70 23.54
N VAL A 307 43.82 24.53 24.85
CA VAL A 307 42.92 25.21 25.78
C VAL A 307 43.55 26.57 26.08
N ALA A 308 43.08 27.61 25.40
CA ALA A 308 43.62 28.95 25.54
C ALA A 308 42.61 29.94 24.99
N TRP A 309 42.81 31.22 25.32
CA TRP A 309 41.96 32.28 24.80
C TRP A 309 42.83 33.42 24.27
N SER A 310 42.25 34.22 23.39
CA SER A 310 42.95 35.36 22.83
C SER A 310 41.96 36.27 22.11
N ALA A 311 42.24 37.57 22.11
CA ALA A 311 41.39 38.51 21.39
C ALA A 311 41.65 38.45 19.88
N SER A 312 40.57 38.45 19.10
CA SER A 312 40.64 38.57 17.62
C SER A 312 41.56 37.51 17.01
N ASN A 313 41.56 36.33 17.61
CA ASN A 313 42.48 35.25 17.27
C ASN A 313 41.62 34.04 16.95
N ARG A 314 41.84 33.43 15.79
CA ARG A 314 41.04 32.28 15.39
C ARG A 314 41.76 30.94 15.60
N SER A 315 42.99 30.96 16.14
CA SER A 315 43.69 29.75 16.54
C SER A 315 43.31 29.16 17.90
N PRO A 316 42.86 29.97 18.93
CA PRO A 316 42.61 29.38 20.25
C PRO A 316 41.22 28.78 20.44
N MET A 317 40.96 28.25 21.64
CA MET A 317 39.65 27.69 21.99
C MET A 317 38.61 28.79 22.23
N ILE A 318 38.99 29.89 22.87
CA ILE A 318 38.10 31.02 23.06
C ILE A 318 38.69 32.21 22.32
N ARG A 319 37.90 32.80 21.42
CA ARG A 319 38.20 34.09 20.81
C ARG A 319 37.31 35.15 21.43
N ILE A 320 37.88 36.32 21.67
CA ILE A 320 37.09 37.50 22.05
C ILE A 320 36.98 38.38 20.80
N PRO A 321 35.83 38.44 20.14
CA PRO A 321 35.74 39.24 18.92
C PRO A 321 35.94 40.72 19.22
N ALA A 322 36.47 41.43 18.23
CA ALA A 322 36.81 42.84 18.40
C ALA A 322 35.56 43.71 18.30
N SER A 323 34.54 43.38 19.08
CA SER A 323 33.29 44.14 19.15
C SER A 323 33.04 44.45 20.61
N ARG A 324 32.38 45.59 20.87
CA ARG A 324 32.15 46.04 22.23
C ARG A 324 30.70 46.48 22.39
N GLY A 325 30.22 46.43 23.62
CA GLY A 325 28.88 46.87 23.93
C GLY A 325 27.93 45.71 24.02
N LEU A 326 26.74 45.85 23.45
CA LEU A 326 25.77 44.76 23.44
C LEU A 326 26.35 43.51 22.77
N SER A 327 27.31 43.67 21.86
CA SER A 327 27.92 42.56 21.13
C SER A 327 29.16 41.99 21.82
N THR A 328 29.53 42.46 23.01
CA THR A 328 30.59 41.84 23.79
C THR A 328 30.20 40.41 24.12
N ARG A 329 31.09 39.46 23.82
CA ARG A 329 30.73 38.06 23.97
C ARG A 329 31.98 37.19 24.05
N VAL A 330 31.76 35.97 24.51
CA VAL A 330 32.78 34.93 24.58
C VAL A 330 32.48 33.95 23.46
N GLU A 331 33.38 33.81 22.48
CA GLU A 331 33.18 32.86 21.39
C GLU A 331 33.91 31.56 21.74
N VAL A 332 33.16 30.55 22.12
CA VAL A 332 33.73 29.23 22.39
C VAL A 332 33.71 28.47 21.06
N ARG A 333 34.90 28.22 20.51
CA ARG A 333 35.03 27.79 19.13
C ARG A 333 35.08 26.27 18.96
N ASN A 334 35.28 25.51 20.04
CA ASN A 334 35.46 24.08 19.82
C ASN A 334 34.19 23.27 19.48
N PRO A 335 32.98 23.62 19.91
CA PRO A 335 31.84 22.75 19.56
C PRO A 335 31.72 22.60 18.05
N ASP A 336 31.24 21.45 17.62
CA ASP A 336 30.93 21.26 16.22
C ASP A 336 29.45 21.02 16.07
N PRO A 337 28.90 21.12 14.86
CA PRO A 337 27.43 21.05 14.71
C PRO A 337 26.86 19.65 14.91
N ALA A 338 27.68 18.63 15.22
CA ALA A 338 27.14 17.35 15.67
C ALA A 338 26.75 17.35 17.14
N ALA A 339 27.18 18.34 17.90
CA ALA A 339 26.81 18.43 19.31
C ALA A 339 25.30 18.57 19.45
N ASN A 340 24.74 17.89 20.46
CA ASN A 340 23.37 18.16 20.88
C ASN A 340 23.34 19.59 21.43
N PRO A 341 22.63 20.53 20.79
CA PRO A 341 22.71 21.92 21.25
C PRO A 341 22.25 22.14 22.68
N TYR A 342 21.19 21.45 23.12
CA TYR A 342 20.74 21.60 24.49
C TYR A 342 21.82 21.17 25.48
N LEU A 343 22.49 20.03 25.21
CA LEU A 343 23.51 19.56 26.15
C LEU A 343 24.78 20.41 26.06
N ALA A 344 25.16 20.83 24.86
CA ALA A 344 26.35 21.67 24.73
C ALA A 344 26.19 22.97 25.51
N LEU A 345 25.06 23.66 25.31
CA LEU A 345 24.82 24.91 26.04
C LEU A 345 24.78 24.65 27.54
N ALA A 346 24.17 23.54 27.95
CA ALA A 346 24.06 23.24 29.38
C ALA A 346 25.42 23.10 30.02
N VAL A 347 26.33 22.34 29.40
CA VAL A 347 27.63 22.11 30.06
C VAL A 347 28.51 23.35 29.94
N MET A 348 28.40 24.13 28.86
CA MET A 348 29.21 25.35 28.80
C MET A 348 28.71 26.38 29.80
N LEU A 349 27.39 26.48 29.95
CA LEU A 349 26.83 27.35 30.97
C LEU A 349 27.29 26.92 32.36
N ARG A 350 27.22 25.63 32.65
CA ARG A 350 27.59 25.17 33.99
C ARG A 350 29.06 25.46 34.27
N ALA A 351 29.92 25.17 33.29
CA ALA A 351 31.35 25.47 33.44
C ALA A 351 31.57 26.96 33.67
N GLY A 352 30.87 27.81 32.91
CA GLY A 352 31.04 29.24 33.09
C GLY A 352 30.59 29.71 34.47
N LEU A 353 29.40 29.27 34.88
CA LEU A 353 28.90 29.60 36.23
C LEU A 353 29.85 29.12 37.30
N ASP A 354 30.42 27.92 37.16
CA ASP A 354 31.37 27.43 38.13
C ASP A 354 32.58 28.35 38.22
N GLY A 355 33.03 28.88 37.08
CA GLY A 355 34.10 29.85 37.10
C GLY A 355 33.75 31.11 37.85
N ILE A 356 32.48 31.52 37.78
CA ILE A 356 32.03 32.70 38.51
C ILE A 356 31.92 32.41 40.00
N LYS A 357 31.28 31.30 40.37
CA LYS A 357 31.09 31.00 41.79
C LYS A 357 32.42 30.80 42.51
N ARG A 358 33.41 30.25 41.82
CA ARG A 358 34.70 29.97 42.43
C ARG A 358 35.72 31.09 42.20
N GLN A 359 35.31 32.18 41.56
CA GLN A 359 36.20 33.30 41.20
C GLN A 359 37.53 32.80 40.64
N MET A 360 37.42 32.03 39.55
CA MET A 360 38.61 31.46 38.95
C MET A 360 39.45 32.54 38.27
N ALA A 361 40.77 32.44 38.45
CA ALA A 361 41.70 33.34 37.79
C ALA A 361 41.81 33.01 36.31
N LEU A 362 41.76 34.04 35.48
CA LEU A 362 41.84 33.86 34.04
C LEU A 362 43.29 33.78 33.59
N PRO A 363 43.72 32.68 32.95
CA PRO A 363 45.09 32.60 32.45
C PRO A 363 45.40 33.74 31.49
N ALA A 364 46.69 34.01 31.33
CA ALA A 364 47.14 34.97 30.34
C ALA A 364 46.66 34.55 28.94
N PRO A 365 46.36 35.51 28.08
CA PRO A 365 45.98 35.15 26.70
C PRO A 365 47.18 34.67 25.92
N ILE A 366 46.93 33.86 24.90
CA ILE A 366 48.00 33.38 24.03
C ILE A 366 47.87 34.15 22.72
N ASP A 367 48.68 35.18 22.57
CA ASP A 367 48.54 36.17 21.51
C ASP A 367 49.34 35.81 20.28
N ARG A 368 49.36 34.52 19.94
CA ARG A 368 50.13 34.01 18.83
C ARG A 368 49.25 33.10 17.99
N ASN A 369 49.77 32.75 16.81
CA ASN A 369 49.25 31.61 16.09
C ASN A 369 49.65 30.38 16.87
N ILE A 370 48.73 29.86 17.68
CA ILE A 370 49.07 28.77 18.58
C ILE A 370 49.44 27.51 17.82
N TYR A 371 49.03 27.40 16.55
CA TYR A 371 49.31 26.20 15.77
C TYR A 371 50.80 26.00 15.53
N VAL A 372 51.58 27.08 15.41
CA VAL A 372 53.00 26.98 15.07
C VAL A 372 53.89 27.04 16.30
N MET A 373 53.32 27.03 17.50
CA MET A 373 54.12 26.92 18.71
C MET A 373 54.61 25.48 18.87
N SER A 374 55.88 25.31 19.18
CA SER A 374 56.40 23.98 19.43
C SER A 374 55.79 23.42 20.72
N GLU A 375 55.83 22.09 20.84
CA GLU A 375 55.36 21.44 22.06
C GLU A 375 56.13 21.95 23.28
N GLU A 376 57.44 22.18 23.11
CA GLU A 376 58.24 22.76 24.17
C GLU A 376 57.68 24.10 24.63
N GLU A 377 57.37 24.99 23.68
CA GLU A 377 56.83 26.30 24.04
C GLU A 377 55.48 26.18 24.73
N ARG A 378 54.65 25.21 24.30
CA ARG A 378 53.32 25.09 24.89
C ARG A 378 53.39 24.62 26.34
N ILE A 379 54.32 23.72 26.67
CA ILE A 379 54.48 23.34 28.07
C ILE A 379 55.07 24.51 28.85
N GLU A 380 55.97 25.27 28.23
CA GLU A 380 56.54 26.46 28.87
C GLU A 380 55.44 27.37 29.42
N GLU A 381 54.41 27.63 28.61
CA GLU A 381 53.30 28.45 29.08
C GLU A 381 52.19 27.66 29.74
N GLY A 382 52.31 26.34 29.84
CA GLY A 382 51.25 25.59 30.49
C GLY A 382 49.94 25.59 29.72
N ILE A 383 50.01 25.50 28.39
CA ILE A 383 48.81 25.43 27.57
C ILE A 383 48.36 23.97 27.49
N PRO A 384 47.25 23.60 28.09
CA PRO A 384 46.75 22.23 27.94
C PRO A 384 46.22 21.97 26.53
N SER A 385 46.06 20.68 26.22
CA SER A 385 45.49 20.25 24.97
C SER A 385 44.04 19.81 25.18
N LEU A 386 43.22 20.02 24.16
CA LEU A 386 41.94 19.34 24.11
C LEU A 386 42.20 17.84 23.91
N PRO A 387 41.25 16.99 24.32
CA PRO A 387 41.43 15.55 24.10
C PRO A 387 41.66 15.24 22.63
N ALA A 388 42.50 14.25 22.36
CA ALA A 388 42.91 13.90 21.01
C ALA A 388 41.91 12.99 20.31
N ASP A 389 41.07 12.30 21.07
CA ASP A 389 40.07 11.42 20.47
C ASP A 389 38.90 11.28 21.44
N LEU A 390 37.85 10.63 20.95
CA LEU A 390 36.59 10.52 21.70
C LEU A 390 36.77 9.70 22.97
N LYS A 391 37.58 8.63 22.91
CA LYS A 391 37.82 7.83 24.11
C LYS A 391 38.48 8.66 25.21
N GLU A 392 39.51 9.42 24.87
CA GLU A 392 40.12 10.28 25.87
C GLU A 392 39.12 11.31 26.38
N ALA A 393 38.26 11.83 25.50
CA ALA A 393 37.24 12.77 25.94
C ALA A 393 36.28 12.11 26.93
N LEU A 394 35.85 10.88 26.66
CA LEU A 394 34.93 10.19 27.57
C LEU A 394 35.57 10.00 28.94
N SER A 395 36.85 9.66 28.97
CA SER A 395 37.55 9.48 30.24
C SER A 395 37.53 10.76 31.06
N GLU A 396 37.73 11.90 30.41
CA GLU A 396 37.69 13.18 31.12
C GLU A 396 36.27 13.49 31.59
N LEU A 397 35.25 13.13 30.80
CA LEU A 397 33.88 13.47 31.17
C LEU A 397 33.47 12.79 32.47
N ILE A 398 33.72 11.48 32.60
CA ILE A 398 33.23 10.78 33.78
C ILE A 398 34.00 11.14 35.03
N ARG A 399 35.19 11.74 34.89
CA ARG A 399 35.97 12.18 36.04
C ARG A 399 35.59 13.59 36.50
N SER A 400 34.70 14.28 35.80
CA SER A 400 34.38 15.66 36.12
C SER A 400 33.06 15.71 36.88
N GLU A 401 33.12 16.12 38.14
CA GLU A 401 31.90 16.25 38.93
C GLU A 401 31.04 17.41 38.43
N VAL A 402 31.67 18.50 37.98
CA VAL A 402 30.90 19.66 37.54
C VAL A 402 30.15 19.37 36.23
N ILE A 403 30.81 18.71 35.28
CA ILE A 403 30.14 18.44 34.01
C ILE A 403 29.17 17.26 34.16
N SER A 404 29.55 16.25 34.94
CA SER A 404 28.66 15.12 35.19
C SER A 404 27.34 15.58 35.80
N ASP A 405 27.38 16.54 36.71
CA ASP A 405 26.15 17.01 37.34
C ASP A 405 25.35 17.94 36.46
N ALA A 406 25.99 18.61 35.50
CA ALA A 406 25.25 19.35 34.49
C ALA A 406 24.31 18.41 33.75
N LEU A 407 24.81 17.24 33.37
CA LEU A 407 24.06 16.28 32.56
C LEU A 407 23.02 15.52 33.37
N GLY A 408 23.31 15.22 34.64
CA GLY A 408 22.48 14.37 35.45
C GLY A 408 22.81 12.89 35.26
N ASP A 409 22.39 12.08 36.24
CA ASP A 409 22.76 10.67 36.24
C ASP A 409 22.27 9.92 35.01
N HIS A 410 21.03 10.19 34.58
CA HIS A 410 20.46 9.40 33.49
C HIS A 410 21.19 9.66 32.18
N ALA A 411 21.28 10.92 31.78
CA ALA A 411 21.90 11.23 30.50
C ALA A 411 23.36 10.85 30.51
N LEU A 412 24.06 11.08 31.63
CA LEU A 412 25.46 10.70 31.70
C LEU A 412 25.63 9.20 31.46
N ALA A 413 24.85 8.37 32.16
CA ALA A 413 25.00 6.92 32.03
C ALA A 413 24.70 6.46 30.60
N TYR A 414 23.62 6.97 30.00
CA TYR A 414 23.31 6.57 28.64
C TYR A 414 24.30 7.12 27.64
N PHE A 415 24.73 8.38 27.82
CA PHE A 415 25.69 8.95 26.89
C PHE A 415 26.98 8.15 26.89
N TYR A 416 27.45 7.79 28.07
CA TYR A 416 28.71 7.07 28.19
C TYR A 416 28.60 5.68 27.55
N GLU A 417 27.46 5.00 27.78
CA GLU A 417 27.25 3.68 27.21
C GLU A 417 27.20 3.72 25.69
N LEU A 418 26.45 4.69 25.13
CA LEU A 418 26.38 4.83 23.69
C LEU A 418 27.73 5.13 23.07
N LYS A 419 28.48 6.06 23.68
CA LYS A 419 29.73 6.49 23.08
C LYS A 419 30.84 5.44 23.25
N GLU A 420 30.84 4.71 24.37
CA GLU A 420 31.79 3.61 24.50
C GLU A 420 31.58 2.56 23.43
N ILE A 421 30.31 2.25 23.11
CA ILE A 421 30.01 1.33 22.02
C ILE A 421 30.47 1.90 20.68
N GLU A 422 30.25 3.21 20.48
CA GLU A 422 30.64 3.85 19.24
C GLU A 422 32.15 3.81 19.07
N TRP A 423 32.88 4.13 20.14
CA TRP A 423 34.34 4.11 20.09
C TRP A 423 34.86 2.72 19.82
N ASP A 424 34.33 1.72 20.53
CA ASP A 424 34.83 0.36 20.38
C ASP A 424 34.60 -0.17 18.96
N MET A 425 33.47 0.22 18.33
CA MET A 425 33.22 -0.14 16.94
C MET A 425 34.24 0.50 16.00
N TYR A 426 34.49 1.80 16.19
CA TYR A 426 35.47 2.50 15.35
C TYR A 426 36.87 1.89 15.52
N ARG A 427 37.28 1.63 16.75
CA ARG A 427 38.66 1.29 17.00
C ARG A 427 39.03 -0.10 16.48
N THR A 428 38.06 -0.98 16.29
CA THR A 428 38.35 -2.30 15.71
C THR A 428 38.32 -2.32 14.18
N GLN A 429 37.84 -1.27 13.53
CA GLN A 429 37.80 -1.25 12.06
C GLN A 429 39.22 -1.22 11.47
N VAL A 430 39.39 -1.87 10.32
CA VAL A 430 40.62 -1.77 9.55
C VAL A 430 40.32 -0.85 8.39
N HIS A 431 40.95 0.32 8.37
CA HIS A 431 40.63 1.35 7.39
C HIS A 431 41.48 1.20 6.15
N GLN A 432 40.98 1.75 5.04
CA GLN A 432 41.71 1.65 3.78
C GLN A 432 43.12 2.24 3.88
N TRP A 433 43.30 3.30 4.69
CA TRP A 433 44.64 3.85 4.89
C TRP A 433 45.62 2.77 5.35
N GLU A 434 45.16 1.88 6.23
CA GLU A 434 46.03 0.81 6.74
C GLU A 434 46.37 -0.18 5.64
N ARG A 435 45.40 -0.54 4.79
CA ARG A 435 45.73 -1.40 3.66
C ARG A 435 46.74 -0.72 2.74
N ASP A 436 46.53 0.57 2.45
CA ASP A 436 47.45 1.29 1.56
C ASP A 436 48.86 1.34 2.14
N GLN A 437 48.99 1.59 3.44
CA GLN A 437 50.32 1.73 4.02
C GLN A 437 51.02 0.39 4.25
N TYR A 438 50.26 -0.69 4.43
CA TYR A 438 50.84 -1.88 5.03
C TYR A 438 50.71 -3.17 4.22
N LEU A 439 49.74 -3.26 3.30
CA LEU A 439 49.46 -4.52 2.64
C LEU A 439 50.61 -5.00 1.76
N THR A 440 51.32 -4.07 1.11
CA THR A 440 52.47 -4.40 0.28
C THR A 440 53.81 -4.12 0.97
N LEU A 441 53.81 -3.27 1.99
CA LEU A 441 55.07 -3.05 2.72
C LEU A 441 55.40 -4.24 3.60
N TYR A 442 54.39 -4.82 4.25
CA TYR A 442 54.61 -5.99 5.10
C TYR A 442 54.00 -7.23 4.43
N MET B 1 -27.69 8.50 11.05
CA MET B 1 -27.97 7.15 11.50
C MET B 1 -27.75 6.15 10.37
N SER B 2 -28.55 5.08 10.38
CA SER B 2 -28.37 4.00 9.43
C SER B 2 -28.99 4.35 8.09
N TYR B 3 -28.19 4.24 7.02
CA TYR B 3 -28.63 4.53 5.67
C TYR B 3 -29.76 3.61 5.23
N THR B 4 -30.53 4.09 4.26
CA THR B 4 -31.57 3.31 3.61
C THR B 4 -31.29 3.24 2.12
N ARG B 5 -31.92 2.26 1.48
CA ARG B 5 -31.80 2.12 0.03
C ARG B 5 -32.03 3.45 -0.69
N GLU B 6 -33.03 4.22 -0.26
CA GLU B 6 -33.35 5.50 -0.89
C GLU B 6 -32.24 6.52 -0.65
N ASP B 7 -31.70 6.56 0.57
CA ASP B 7 -30.57 7.43 0.84
C ASP B 7 -29.44 7.16 -0.15
N ILE B 8 -29.12 5.88 -0.39
CA ILE B 8 -27.98 5.54 -1.25
C ILE B 8 -28.22 6.01 -2.67
N ILE B 9 -29.40 5.68 -3.22
CA ILE B 9 -29.72 6.04 -4.60
C ILE B 9 -29.71 7.55 -4.79
N ARG B 10 -30.22 8.28 -3.79
CA ARG B 10 -30.20 9.74 -3.87
C ARG B 10 -28.77 10.28 -3.81
N ILE B 11 -27.98 9.80 -2.85
CA ILE B 11 -26.61 10.29 -2.72
C ILE B 11 -25.81 9.96 -3.98
N ALA B 12 -26.08 8.81 -4.60
CA ALA B 12 -25.35 8.46 -5.82
C ALA B 12 -25.62 9.45 -6.94
N GLU B 13 -26.89 9.85 -7.12
CA GLU B 13 -27.21 10.85 -8.14
C GLU B 13 -26.73 12.24 -7.71
N GLU B 14 -26.89 12.57 -6.43
CA GLU B 14 -26.48 13.89 -5.93
C GLU B 14 -24.98 14.11 -6.07
N GLU B 15 -24.18 13.05 -6.05
CA GLU B 15 -22.73 13.16 -6.14
C GLU B 15 -22.18 12.70 -7.48
N ASN B 16 -23.06 12.45 -8.46
CA ASN B 16 -22.68 11.96 -9.78
C ASN B 16 -21.74 10.76 -9.69
N VAL B 17 -22.12 9.80 -8.83
CA VAL B 17 -21.40 8.53 -8.78
C VAL B 17 -21.66 7.78 -10.09
N ARG B 18 -20.59 7.33 -10.73
CA ARG B 18 -20.78 6.57 -11.97
C ARG B 18 -20.55 5.08 -11.81
N PHE B 19 -19.78 4.66 -10.81
CA PHE B 19 -19.47 3.25 -10.57
C PHE B 19 -19.45 2.99 -9.07
N ILE B 20 -19.83 1.77 -8.72
CA ILE B 20 -19.83 1.30 -7.34
C ILE B 20 -19.04 0.01 -7.27
N ARG B 21 -18.07 -0.05 -6.35
CA ARG B 21 -17.37 -1.29 -6.03
C ARG B 21 -18.17 -2.04 -4.97
N LEU B 22 -18.53 -3.28 -5.28
CA LEU B 22 -19.11 -4.20 -4.31
C LEU B 22 -17.96 -5.03 -3.75
N GLN B 23 -17.64 -4.85 -2.48
CA GLN B 23 -16.41 -5.36 -1.89
C GLN B 23 -16.68 -6.40 -0.81
N PHE B 24 -15.76 -7.36 -0.69
CA PHE B 24 -15.84 -8.36 0.37
C PHE B 24 -14.45 -8.95 0.56
N THR B 25 -14.34 -9.92 1.46
CA THR B 25 -13.04 -10.41 1.91
C THR B 25 -13.00 -11.94 1.86
N ASP B 26 -11.96 -12.50 1.23
CA ASP B 26 -11.82 -13.95 1.17
C ASP B 26 -11.32 -14.47 2.53
N LEU B 27 -11.18 -15.80 2.65
CA LEU B 27 -10.87 -16.39 3.94
C LEU B 27 -9.52 -15.92 4.46
N LEU B 28 -8.55 -15.71 3.57
CA LEU B 28 -7.22 -15.27 3.97
C LEU B 28 -7.15 -13.76 4.22
N GLY B 29 -8.26 -13.04 4.04
CA GLY B 29 -8.28 -11.62 4.30
C GLY B 29 -8.02 -10.72 3.12
N THR B 30 -7.90 -11.28 1.91
CA THR B 30 -7.66 -10.45 0.74
C THR B 30 -8.97 -9.83 0.27
N ILE B 31 -8.94 -8.53 0.03
CA ILE B 31 -10.12 -7.80 -0.42
C ILE B 31 -10.44 -8.18 -1.87
N LYS B 32 -11.73 -8.25 -2.18
CA LYS B 32 -12.21 -8.63 -3.50
C LYS B 32 -13.32 -7.67 -3.90
N ASN B 33 -13.51 -7.44 -5.20
CA ASN B 33 -14.67 -6.64 -5.57
C ASN B 33 -15.05 -6.86 -7.02
N VAL B 34 -16.30 -6.53 -7.31
CA VAL B 34 -16.80 -6.33 -8.67
C VAL B 34 -17.27 -4.88 -8.77
N GLU B 35 -17.00 -4.25 -9.90
CA GLU B 35 -17.44 -2.89 -10.15
C GLU B 35 -18.66 -2.89 -11.06
N ILE B 36 -19.71 -2.18 -10.65
CA ILE B 36 -20.94 -2.07 -11.45
C ILE B 36 -21.17 -0.61 -11.83
N PRO B 37 -21.75 -0.35 -13.00
CA PRO B 37 -22.18 1.02 -13.30
C PRO B 37 -23.35 1.40 -12.41
N VAL B 38 -23.52 2.71 -12.24
CA VAL B 38 -24.59 3.18 -11.38
C VAL B 38 -25.96 2.76 -11.89
N SER B 39 -26.08 2.45 -13.19
CA SER B 39 -27.34 1.91 -13.71
C SER B 39 -27.73 0.59 -13.06
N GLN B 40 -26.78 -0.12 -12.47
CA GLN B 40 -27.04 -1.41 -11.86
C GLN B 40 -27.24 -1.31 -10.36
N LEU B 41 -27.28 -0.09 -9.81
CA LEU B 41 -27.25 0.07 -8.36
C LEU B 41 -28.49 -0.51 -7.69
N GLU B 42 -29.67 -0.35 -8.30
CA GLU B 42 -30.88 -0.90 -7.69
C GLU B 42 -30.81 -2.43 -7.65
N LYS B 43 -30.26 -3.05 -8.69
CA LYS B 43 -30.07 -4.50 -8.69
C LYS B 43 -29.17 -4.94 -7.53
N ALA B 44 -28.08 -4.20 -7.30
CA ALA B 44 -27.20 -4.50 -6.19
C ALA B 44 -27.93 -4.34 -4.86
N LEU B 45 -28.69 -3.25 -4.71
CA LEU B 45 -29.42 -3.04 -3.47
C LEU B 45 -30.59 -4.00 -3.33
N ASP B 46 -30.99 -4.68 -4.42
CA ASP B 46 -31.96 -5.76 -4.37
C ASP B 46 -31.34 -7.11 -4.00
N ASN B 47 -30.04 -7.14 -3.70
CA ASN B 47 -29.32 -8.37 -3.29
C ASN B 47 -29.32 -9.42 -4.41
N LYS B 48 -29.11 -9.00 -5.66
CA LYS B 48 -29.12 -9.93 -6.78
C LYS B 48 -27.77 -10.09 -7.48
N MET B 49 -26.73 -9.39 -7.06
CA MET B 49 -25.42 -9.60 -7.67
C MET B 49 -24.85 -10.96 -7.25
N MET B 50 -24.25 -11.67 -8.20
CA MET B 50 -23.71 -13.00 -8.01
C MET B 50 -22.24 -13.04 -8.38
N PHE B 51 -21.56 -14.07 -7.86
CA PHE B 51 -20.16 -14.26 -8.19
C PHE B 51 -19.82 -15.75 -8.07
N ASP B 52 -18.62 -16.09 -8.53
CA ASP B 52 -18.14 -17.46 -8.53
C ASP B 52 -17.45 -17.75 -7.19
N GLY B 53 -18.17 -18.43 -6.29
CA GLY B 53 -17.60 -18.76 -4.99
C GLY B 53 -16.41 -19.71 -5.06
N SER B 54 -16.26 -20.43 -6.17
CA SER B 54 -15.14 -21.37 -6.26
C SER B 54 -13.83 -20.71 -6.68
N SER B 55 -13.88 -19.43 -7.06
CA SER B 55 -12.70 -18.68 -7.42
C SER B 55 -12.24 -17.74 -6.32
N ILE B 56 -12.95 -17.75 -5.19
CA ILE B 56 -12.62 -16.96 -4.00
C ILE B 56 -12.07 -17.94 -2.97
N GLU B 57 -10.86 -17.66 -2.47
CA GLU B 57 -10.18 -18.61 -1.59
C GLU B 57 -11.00 -18.88 -0.32
N GLY B 58 -11.22 -20.15 -0.04
CA GLY B 58 -11.88 -20.56 1.17
C GLY B 58 -13.39 -20.57 1.14
N TYR B 59 -14.01 -20.23 0.01
CA TYR B 59 -15.47 -20.20 0.04
C TYR B 59 -16.12 -21.54 -0.31
N VAL B 60 -16.27 -21.91 -1.59
CA VAL B 60 -17.04 -23.10 -1.98
C VAL B 60 -16.39 -23.79 -3.18
N ARG B 61 -16.90 -24.98 -3.50
CA ARG B 61 -16.35 -25.82 -4.55
C ARG B 61 -17.01 -25.52 -5.90
N ILE B 62 -16.37 -26.00 -6.96
CA ILE B 62 -16.77 -25.65 -8.32
C ILE B 62 -18.17 -26.17 -8.63
N GLU B 63 -18.58 -27.27 -7.99
CA GLU B 63 -19.88 -27.86 -8.31
C GLU B 63 -21.05 -27.16 -7.61
N GLU B 64 -20.78 -26.23 -6.70
CA GLU B 64 -21.80 -25.46 -5.98
C GLU B 64 -21.37 -24.00 -5.89
N SER B 65 -21.02 -23.41 -7.02
CA SER B 65 -20.20 -22.21 -7.01
C SER B 65 -20.99 -20.90 -7.00
N ASP B 66 -22.30 -20.92 -7.18
CA ASP B 66 -23.07 -19.69 -7.25
C ASP B 66 -23.29 -19.08 -5.85
N MET B 67 -22.94 -17.81 -5.70
CA MET B 67 -23.07 -17.12 -4.43
C MET B 67 -23.59 -15.70 -4.67
N TYR B 68 -24.22 -15.12 -3.65
CA TYR B 68 -24.81 -13.80 -3.74
C TYR B 68 -24.11 -12.83 -2.80
N LEU B 69 -24.19 -11.55 -3.16
CA LEU B 69 -23.66 -10.43 -2.39
C LEU B 69 -24.80 -9.57 -1.85
N TYR B 70 -24.83 -9.34 -0.54
CA TYR B 70 -25.83 -8.48 0.08
C TYR B 70 -25.17 -7.22 0.63
N PRO B 71 -25.32 -6.05 -0.01
CA PRO B 71 -24.60 -4.86 0.45
C PRO B 71 -25.02 -4.43 1.86
N ASP B 72 -24.04 -3.95 2.63
CA ASP B 72 -24.28 -3.32 3.91
C ASP B 72 -24.34 -1.80 3.69
N LEU B 73 -25.55 -1.23 3.78
CA LEU B 73 -25.75 0.13 3.31
C LEU B 73 -24.92 1.15 4.08
N ASP B 74 -24.64 0.88 5.36
CA ASP B 74 -23.87 1.83 6.16
C ASP B 74 -22.39 1.87 5.80
N THR B 75 -21.90 0.99 4.92
CA THR B 75 -20.52 1.07 4.49
C THR B 75 -20.33 1.97 3.27
N TRP B 76 -21.37 2.64 2.83
CA TRP B 76 -21.28 3.54 1.67
C TRP B 76 -20.23 4.62 1.89
N VAL B 77 -19.29 4.74 0.94
CA VAL B 77 -18.31 5.82 0.95
C VAL B 77 -17.89 6.10 -0.49
N VAL B 78 -17.61 7.37 -0.79
CA VAL B 78 -17.13 7.78 -2.09
C VAL B 78 -15.61 7.91 -2.04
N PHE B 79 -14.94 7.24 -2.98
CA PHE B 79 -13.49 7.33 -3.05
C PHE B 79 -13.07 8.75 -3.41
N PRO B 80 -11.97 9.24 -2.86
CA PRO B 80 -11.56 10.62 -3.12
C PRO B 80 -10.74 10.79 -4.39
N TRP B 81 -9.99 9.76 -4.78
CA TRP B 81 -9.04 9.87 -5.91
C TRP B 81 -9.73 10.22 -7.23
N SER B 84 -12.99 12.09 -13.70
CA SER B 84 -14.22 12.73 -14.16
C SER B 84 -15.45 12.05 -13.57
N ASP B 85 -15.34 10.72 -13.37
CA ASP B 85 -16.48 9.87 -13.04
C ASP B 85 -16.28 9.25 -11.68
N ARG B 86 -17.14 9.63 -10.73
CA ARG B 86 -16.98 9.32 -9.32
C ARG B 86 -17.22 7.83 -9.04
N VAL B 87 -16.47 7.27 -8.10
CA VAL B 87 -16.55 5.86 -7.74
C VAL B 87 -16.84 5.76 -6.24
N ALA B 88 -17.84 4.95 -5.88
CA ALA B 88 -18.17 4.67 -4.49
C ALA B 88 -17.98 3.19 -4.17
N ARG B 89 -18.28 2.83 -2.93
CA ARG B 89 -18.00 1.51 -2.37
C ARG B 89 -19.16 1.09 -1.48
N LEU B 90 -19.52 -0.20 -1.57
CA LEU B 90 -20.33 -0.87 -0.58
C LEU B 90 -19.65 -2.18 -0.19
N ILE B 91 -19.47 -2.41 1.13
CA ILE B 91 -19.04 -3.72 1.64
C ILE B 91 -20.23 -4.64 1.74
N CYS B 92 -20.05 -5.90 1.32
CA CYS B 92 -21.14 -6.86 1.18
C CYS B 92 -20.93 -8.05 2.11
N ASP B 93 -22.04 -8.60 2.57
CA ASP B 93 -22.06 -9.91 3.22
C ASP B 93 -22.40 -10.96 2.18
N ILE B 94 -21.98 -12.20 2.44
CA ILE B 94 -22.10 -13.30 1.48
C ILE B 94 -23.29 -14.17 1.84
N TYR B 95 -24.12 -14.49 0.84
CA TYR B 95 -25.29 -15.32 1.01
C TYR B 95 -25.31 -16.44 -0.03
N LYS B 96 -25.85 -17.59 0.36
CA LYS B 96 -26.10 -18.68 -0.54
C LYS B 96 -27.35 -18.41 -1.36
N PRO B 97 -27.51 -19.08 -2.50
CA PRO B 97 -28.70 -18.83 -3.34
C PRO B 97 -30.02 -19.08 -2.64
N ASP B 98 -30.04 -19.89 -1.58
CA ASP B 98 -31.28 -20.18 -0.88
C ASP B 98 -31.64 -19.12 0.16
N GLY B 99 -30.88 -18.02 0.24
CA GLY B 99 -31.19 -16.95 1.16
C GLY B 99 -30.51 -17.03 2.51
N SER B 100 -29.82 -18.11 2.83
CA SER B 100 -29.16 -18.16 4.12
C SER B 100 -27.78 -17.51 4.07
N PRO B 101 -27.34 -16.90 5.17
CA PRO B 101 -25.99 -16.33 5.19
C PRO B 101 -24.94 -17.42 5.02
N PHE B 102 -23.85 -17.08 4.36
CA PHE B 102 -22.80 -18.05 4.10
C PHE B 102 -22.00 -18.27 5.38
N ALA B 103 -21.88 -19.53 5.82
CA ALA B 103 -21.22 -19.83 7.09
C ALA B 103 -19.73 -19.54 7.07
N GLY B 104 -19.08 -19.55 5.91
CA GLY B 104 -17.66 -19.25 5.81
C GLY B 104 -17.30 -17.80 5.56
N ASP B 105 -18.25 -16.88 5.67
CA ASP B 105 -18.03 -15.44 5.47
C ASP B 105 -17.30 -14.85 6.68
N PRO B 106 -16.05 -14.38 6.53
CA PRO B 106 -15.32 -13.86 7.70
C PRO B 106 -16.05 -12.72 8.39
N ARG B 107 -16.69 -11.83 7.63
CA ARG B 107 -17.47 -10.76 8.23
C ARG B 107 -18.66 -11.33 9.02
N GLY B 108 -19.33 -12.34 8.45
CA GLY B 108 -20.41 -12.99 9.17
C GLY B 108 -19.93 -13.75 10.39
N ILE B 109 -18.71 -14.28 10.35
CA ILE B 109 -18.13 -14.96 11.50
C ILE B 109 -17.93 -13.99 12.66
N LEU B 110 -17.34 -12.82 12.39
CA LEU B 110 -17.20 -11.78 13.42
C LEU B 110 -18.55 -11.34 13.98
N LYS B 111 -19.55 -11.14 13.12
CA LYS B 111 -20.87 -10.73 13.61
C LYS B 111 -21.46 -11.76 14.57
N ARG B 112 -21.34 -13.06 14.23
CA ARG B 112 -21.85 -14.08 15.13
C ARG B 112 -21.17 -14.00 16.50
N VAL B 113 -19.84 -13.81 16.54
CA VAL B 113 -19.16 -13.75 17.83
C VAL B 113 -19.56 -12.48 18.60
N LEU B 114 -19.76 -11.36 17.89
CA LEU B 114 -20.23 -10.15 18.55
C LEU B 114 -21.60 -10.34 19.19
N LYS B 115 -22.47 -11.16 18.60
CA LYS B 115 -23.77 -11.43 19.22
C LYS B 115 -23.58 -12.08 20.58
N GLU B 116 -22.57 -12.94 20.72
CA GLU B 116 -22.28 -13.55 22.01
C GLU B 116 -21.92 -12.50 23.05
N ALA B 117 -21.12 -11.49 22.66
CA ALA B 117 -20.79 -10.41 23.59
C ALA B 117 -22.03 -9.61 23.97
N GLU B 118 -22.92 -9.34 23.01
CA GLU B 118 -24.10 -8.54 23.30
C GLU B 118 -25.05 -9.26 24.27
N GLU B 119 -25.06 -10.60 24.27
CA GLU B 119 -25.87 -11.33 25.23
C GLU B 119 -25.36 -11.13 26.65
N LEU B 120 -24.06 -10.88 26.83
CA LEU B 120 -23.54 -10.58 28.16
C LEU B 120 -23.72 -9.12 28.55
N GLY B 121 -24.33 -8.31 27.70
CA GLY B 121 -24.56 -6.92 28.00
C GLY B 121 -23.59 -5.94 27.38
N TYR B 122 -22.54 -6.42 26.72
CA TYR B 122 -21.56 -5.51 26.10
C TYR B 122 -22.11 -5.05 24.76
N THR B 123 -22.40 -3.75 24.65
CA THR B 123 -23.01 -3.22 23.44
C THR B 123 -22.03 -3.10 22.28
N SER B 124 -20.73 -3.02 22.53
CA SER B 124 -19.78 -3.01 21.44
C SER B 124 -18.39 -3.42 21.95
N MET B 125 -17.59 -3.94 21.03
CA MET B 125 -16.18 -4.21 21.24
C MET B 125 -15.42 -3.18 20.44
N ASN B 126 -14.77 -2.24 21.12
CA ASN B 126 -14.04 -1.17 20.44
C ASN B 126 -12.63 -1.67 20.15
N VAL B 127 -12.17 -1.44 18.92
CA VAL B 127 -10.90 -1.98 18.45
C VAL B 127 -10.11 -0.86 17.78
N GLY B 128 -8.87 -0.66 18.24
CA GLY B 128 -7.94 0.23 17.57
C GLY B 128 -6.73 -0.52 17.04
N PRO B 129 -6.71 -0.76 15.73
CA PRO B 129 -5.61 -1.51 15.12
C PRO B 129 -4.48 -0.60 14.68
N GLU B 130 -3.25 -1.12 14.72
CA GLU B 130 -2.04 -0.40 14.31
C GLU B 130 -1.37 -1.16 13.18
N PRO B 131 -1.86 -1.04 11.96
CA PRO B 131 -1.30 -1.86 10.87
C PRO B 131 -0.05 -1.24 10.25
N GLU B 132 1.13 -1.57 10.79
CA GLU B 132 2.42 -1.08 10.27
C GLU B 132 2.71 -1.67 8.90
N PHE B 133 3.49 -0.93 8.09
CA PHE B 133 3.82 -1.40 6.74
C PHE B 133 5.18 -0.88 6.29
N PHE B 134 5.74 -1.55 5.29
CA PHE B 134 6.99 -1.17 4.64
C PHE B 134 6.70 -0.60 3.26
N LEU B 135 7.55 0.33 2.83
CA LEU B 135 7.52 0.85 1.46
C LEU B 135 8.81 0.45 0.76
N PHE B 136 8.68 -0.22 -0.38
CA PHE B 136 9.82 -0.62 -1.19
C PHE B 136 9.84 0.21 -2.46
N LYS B 137 11.04 0.49 -2.94
CA LYS B 137 11.20 1.08 -4.26
C LYS B 137 10.81 0.06 -5.33
N THR B 138 10.45 0.55 -6.50
CA THR B 138 10.05 -0.29 -7.61
C THR B 138 11.00 -0.09 -8.80
N ASP B 139 11.06 -1.09 -9.65
CA ASP B 139 11.80 -0.94 -10.90
C ASP B 139 10.94 -0.25 -11.96
N GLU B 140 11.51 -0.17 -13.17
CA GLU B 140 10.84 0.43 -14.32
C GLU B 140 9.54 -0.30 -14.64
N LYS B 141 9.51 -1.62 -14.46
CA LYS B 141 8.38 -2.50 -14.74
C LYS B 141 7.25 -2.39 -13.71
N GLY B 142 7.47 -1.68 -12.60
CA GLY B 142 6.47 -1.52 -11.56
C GLY B 142 6.61 -2.45 -10.38
N ASP B 143 7.48 -3.47 -10.46
CA ASP B 143 7.60 -4.50 -9.43
C ASP B 143 8.52 -4.02 -8.31
N PRO B 144 8.28 -4.48 -7.08
CA PRO B 144 9.16 -4.10 -5.97
C PRO B 144 10.58 -4.62 -6.15
N THR B 145 11.55 -3.82 -5.72
CA THR B 145 12.94 -4.26 -5.61
C THR B 145 13.23 -4.63 -4.15
N THR B 146 14.49 -4.97 -3.88
CA THR B 146 14.92 -5.22 -2.50
C THR B 146 15.21 -3.95 -1.72
N GLU B 147 15.20 -2.79 -2.36
CA GLU B 147 15.59 -1.54 -1.72
C GLU B 147 14.38 -0.86 -1.07
N LEU B 148 14.55 -0.42 0.17
CA LEU B 148 13.48 0.24 0.91
C LEU B 148 13.37 1.71 0.51
N ASN B 149 12.23 2.31 0.79
CA ASN B 149 12.05 3.69 0.33
C ASN B 149 13.03 4.65 1.02
N ASP B 150 13.51 4.31 2.21
CA ASP B 150 14.49 5.14 2.90
C ASP B 150 15.23 4.27 3.91
N GLN B 151 16.21 4.88 4.60
CA GLN B 151 16.97 4.20 5.63
C GLN B 151 16.72 4.83 7.00
N GLY B 152 15.54 5.44 7.16
CA GLY B 152 15.21 6.14 8.38
C GLY B 152 14.76 5.20 9.49
N GLY B 153 14.49 5.81 10.64
CA GLY B 153 14.07 5.08 11.83
C GLY B 153 12.94 5.76 12.57
N TYR B 154 12.73 5.38 13.83
CA TYR B 154 11.50 5.74 14.54
C TYR B 154 11.39 7.25 14.72
N PHE B 155 10.27 7.82 14.26
CA PHE B 155 9.98 9.26 14.40
C PHE B 155 11.00 10.15 13.68
N ASP B 156 11.76 9.64 12.72
CA ASP B 156 12.71 10.50 12.03
C ASP B 156 12.02 11.51 11.14
N LEU B 157 12.80 12.51 10.72
CA LEU B 157 12.37 13.54 9.80
C LEU B 157 13.09 13.40 8.46
N ALA B 158 12.49 13.97 7.43
CA ALA B 158 13.17 14.13 6.16
C ALA B 158 14.47 14.91 6.39
N PRO B 159 15.55 14.59 5.65
CA PRO B 159 15.69 13.63 4.55
C PRO B 159 15.91 12.17 4.97
N MET B 160 16.07 11.92 6.27
CA MET B 160 16.23 10.54 6.74
C MET B 160 14.95 9.72 6.49
N ASP B 161 13.80 10.31 6.80
CA ASP B 161 12.48 9.76 6.50
C ASP B 161 12.02 10.33 5.17
N LEU B 162 11.92 9.48 4.14
CA LEU B 162 11.46 9.91 2.83
C LEU B 162 10.01 9.52 2.58
N GLY B 163 9.28 9.11 3.62
CA GLY B 163 7.88 8.73 3.50
C GLY B 163 6.89 9.79 3.91
N GLU B 164 7.33 11.00 4.24
CA GLU B 164 6.43 12.03 4.75
C GLU B 164 5.32 12.36 3.77
N ASN B 165 5.67 12.56 2.49
CA ASN B 165 4.66 12.98 1.53
C ASN B 165 3.69 11.86 1.24
N CYS B 166 4.19 10.64 1.15
CA CYS B 166 3.34 9.49 0.90
C CYS B 166 2.39 9.26 2.08
N ARG B 167 2.91 9.31 3.31
CA ARG B 167 2.05 9.15 4.48
C ARG B 167 1.00 10.26 4.54
N ARG B 168 1.39 11.50 4.25
CA ARG B 168 0.45 12.61 4.32
C ARG B 168 -0.67 12.45 3.31
N GLU B 169 -0.34 12.03 2.09
CA GLU B 169 -1.37 11.84 1.09
C GLU B 169 -2.30 10.69 1.48
N ILE B 170 -1.78 9.62 2.08
CA ILE B 170 -2.62 8.56 2.61
C ILE B 170 -3.58 9.13 3.65
N VAL B 171 -3.07 9.93 4.60
CA VAL B 171 -3.90 10.50 5.65
C VAL B 171 -5.00 11.39 5.05
N LEU B 172 -4.65 12.22 4.05
CA LEU B 172 -5.63 13.10 3.44
C LEU B 172 -6.75 12.31 2.76
N LYS B 173 -6.40 11.27 2.02
CA LYS B 173 -7.44 10.47 1.38
C LYS B 173 -8.29 9.76 2.43
N LEU B 174 -7.67 9.25 3.50
CA LEU B 174 -8.43 8.54 4.53
C LEU B 174 -9.38 9.49 5.26
N GLU B 175 -8.92 10.71 5.54
CA GLU B 175 -9.80 11.69 6.19
C GLU B 175 -10.98 12.05 5.30
N GLU B 176 -10.77 12.11 3.98
CA GLU B 176 -11.88 12.34 3.06
C GLU B 176 -12.89 11.20 3.08
N MET B 177 -12.47 10.01 3.50
CA MET B 177 -13.32 8.82 3.53
C MET B 177 -13.91 8.58 4.91
N GLY B 178 -13.88 9.57 5.80
CA GLY B 178 -14.47 9.43 7.11
C GLY B 178 -13.59 8.84 8.19
N PHE B 179 -12.32 8.54 7.90
CA PHE B 179 -11.42 8.10 8.96
C PHE B 179 -11.12 9.26 9.90
N GLU B 180 -11.05 8.96 11.19
CA GLU B 180 -10.47 9.89 12.15
C GLU B 180 -9.00 9.47 12.35
N ILE B 181 -8.12 10.12 11.62
CA ILE B 181 -6.70 9.82 11.72
C ILE B 181 -6.16 10.44 13.00
N GLU B 182 -5.33 9.69 13.73
CA GLU B 182 -4.72 10.19 14.95
C GLU B 182 -3.27 10.61 14.79
N ALA B 183 -2.47 9.87 14.02
CA ALA B 183 -1.04 10.15 13.94
C ALA B 183 -0.43 9.46 12.73
N SER B 184 0.74 9.94 12.33
CA SER B 184 1.51 9.41 11.20
C SER B 184 2.98 9.56 11.55
N HIS B 185 3.77 8.50 11.36
CA HIS B 185 5.21 8.61 11.66
C HIS B 185 5.98 7.48 10.99
N HIS B 186 7.28 7.72 10.82
CA HIS B 186 8.20 6.65 10.48
C HIS B 186 8.33 5.70 11.67
N GLU B 187 8.36 4.39 11.40
CA GLU B 187 8.52 3.38 12.43
C GLU B 187 10.00 2.98 12.56
N VAL B 188 10.27 1.91 13.33
CA VAL B 188 11.63 1.63 13.79
C VAL B 188 12.52 1.19 12.63
N ALA B 189 12.03 0.31 11.76
CA ALA B 189 12.91 -0.25 10.73
C ALA B 189 13.04 0.68 9.53
N PRO B 190 14.12 0.54 8.75
CA PRO B 190 14.21 1.30 7.50
C PRO B 190 13.01 1.03 6.60
N GLY B 191 12.50 2.10 5.99
CA GLY B 191 11.36 1.99 5.09
C GLY B 191 10.05 1.60 5.74
N GLN B 192 9.95 1.71 7.07
CA GLN B 192 8.74 1.27 7.79
C GLN B 192 7.95 2.47 8.30
N HIS B 193 6.63 2.33 8.30
CA HIS B 193 5.73 3.46 8.50
C HIS B 193 4.49 3.03 9.26
N GLU B 194 3.88 4.01 9.93
CA GLU B 194 2.69 3.81 10.73
C GLU B 194 1.75 4.99 10.58
N ILE B 195 0.46 4.70 10.45
CA ILE B 195 -0.61 5.69 10.45
C ILE B 195 -1.70 5.15 11.37
N ASP B 196 -1.97 5.86 12.47
CA ASP B 196 -2.96 5.42 13.45
C ASP B 196 -4.31 6.10 13.20
N PHE B 197 -5.39 5.37 13.50
CA PHE B 197 -6.72 5.96 13.42
C PHE B 197 -7.54 5.54 14.63
N LYS B 198 -8.58 6.33 14.90
CA LYS B 198 -9.37 6.14 16.11
C LYS B 198 -9.99 4.75 16.14
N TYR B 199 -10.06 4.19 17.34
CA TYR B 199 -10.81 2.94 17.53
C TYR B 199 -12.25 3.08 17.06
N ALA B 200 -12.86 1.94 16.78
CA ALA B 200 -14.24 1.87 16.30
C ALA B 200 -14.80 0.52 16.72
N ASP B 201 -16.13 0.37 16.64
CA ASP B 201 -16.74 -0.93 16.88
C ASP B 201 -16.13 -1.96 15.92
N ALA B 202 -16.10 -3.21 16.38
CA ALA B 202 -15.23 -4.22 15.77
C ALA B 202 -15.47 -4.37 14.27
N VAL B 203 -16.75 -4.44 13.84
CA VAL B 203 -16.99 -4.65 12.41
C VAL B 203 -16.47 -3.46 11.60
N LYS B 204 -16.75 -2.24 12.08
CA LYS B 204 -16.23 -1.07 11.39
C LYS B 204 -14.71 -1.00 11.48
N ALA B 205 -14.14 -1.42 12.61
CA ALA B 205 -12.67 -1.45 12.70
C ALA B 205 -12.07 -2.37 11.64
N ALA B 206 -12.67 -3.55 11.46
CA ALA B 206 -12.17 -4.49 10.46
C ALA B 206 -12.43 -3.99 9.03
N ASP B 207 -13.61 -3.44 8.78
CA ASP B 207 -13.87 -2.74 7.51
C ASP B 207 -12.79 -1.71 7.25
N GLN B 208 -12.46 -0.93 8.28
CA GLN B 208 -11.43 0.12 8.13
C GLN B 208 -10.05 -0.46 7.88
N ILE B 209 -9.70 -1.58 8.50
CA ILE B 209 -8.41 -2.21 8.19
C ILE B 209 -8.32 -2.56 6.72
N GLN B 210 -9.38 -3.18 6.18
CA GLN B 210 -9.39 -3.51 4.76
C GLN B 210 -9.27 -2.26 3.90
N THR B 211 -10.01 -1.21 4.23
CA THR B 211 -9.94 0.01 3.45
C THR B 211 -8.57 0.67 3.61
N PHE B 212 -8.03 0.66 4.83
CA PHE B 212 -6.72 1.23 5.08
C PHE B 212 -5.67 0.62 4.17
N LYS B 213 -5.60 -0.72 4.13
CA LYS B 213 -4.56 -1.38 3.34
C LYS B 213 -4.70 -1.03 1.85
N LEU B 214 -5.94 -0.94 1.35
CA LEU B 214 -6.16 -0.61 -0.05
C LEU B 214 -5.69 0.81 -0.37
N VAL B 215 -6.01 1.76 0.50
CA VAL B 215 -5.58 3.15 0.25
C VAL B 215 -4.07 3.25 0.33
N VAL B 216 -3.45 2.59 1.31
CA VAL B 216 -1.99 2.63 1.45
C VAL B 216 -1.32 2.11 0.18
N LYS B 217 -1.73 0.92 -0.30
CA LYS B 217 -1.09 0.36 -1.49
C LYS B 217 -1.33 1.23 -2.72
N THR B 218 -2.55 1.78 -2.84
CA THR B 218 -2.89 2.62 -3.99
C THR B 218 -2.05 3.89 -4.01
N ILE B 219 -1.99 4.60 -2.88
CA ILE B 219 -1.25 5.85 -2.85
C ILE B 219 0.24 5.58 -3.00
N ALA B 220 0.76 4.54 -2.36
CA ALA B 220 2.18 4.21 -2.50
C ALA B 220 2.57 4.02 -3.96
N ARG B 221 1.73 3.31 -4.72
CA ARG B 221 2.05 3.08 -6.12
C ARG B 221 2.07 4.39 -6.90
N GLN B 222 1.20 5.33 -6.55
CA GLN B 222 1.21 6.65 -7.18
C GLN B 222 2.53 7.36 -6.95
N HIS B 223 3.17 7.09 -5.81
CA HIS B 223 4.45 7.71 -5.48
C HIS B 223 5.64 6.91 -5.96
N GLY B 224 5.43 5.90 -6.82
CA GLY B 224 6.53 5.08 -7.28
C GLY B 224 7.00 4.01 -6.33
N LEU B 225 6.21 3.68 -5.30
CA LEU B 225 6.63 2.72 -4.27
C LEU B 225 5.69 1.52 -4.25
N HIS B 226 6.10 0.49 -3.53
CA HIS B 226 5.30 -0.70 -3.29
C HIS B 226 5.13 -0.87 -1.80
N ALA B 227 3.89 -0.75 -1.31
CA ALA B 227 3.58 -0.99 0.09
C ALA B 227 3.32 -2.47 0.33
N THR B 228 3.86 -2.99 1.43
CA THR B 228 3.57 -4.36 1.82
C THR B 228 3.26 -4.47 3.32
N PHE B 229 2.28 -5.30 3.64
CA PHE B 229 1.93 -5.65 5.00
C PHE B 229 2.44 -7.04 5.39
N MET B 230 3.40 -7.56 4.63
CA MET B 230 4.10 -8.79 4.99
C MET B 230 4.71 -8.65 6.39
N PRO B 231 4.57 -9.67 7.26
CA PRO B 231 4.99 -9.50 8.67
C PRO B 231 6.47 -9.22 8.85
N LYS B 232 7.35 -9.82 8.05
CA LYS B 232 8.79 -9.72 8.29
C LYS B 232 9.51 -9.82 6.94
N PRO B 233 9.55 -8.72 6.20
CA PRO B 233 10.15 -8.78 4.86
C PRO B 233 11.68 -8.89 4.89
N LEU B 234 12.29 -8.70 6.06
CA LEU B 234 13.73 -8.50 6.20
C LEU B 234 14.23 -9.07 7.52
N PHE B 235 15.22 -9.96 7.45
CA PHE B 235 15.87 -10.45 8.66
C PHE B 235 16.61 -9.31 9.37
N GLY B 236 16.59 -9.34 10.70
CA GLY B 236 17.47 -8.48 11.49
C GLY B 236 17.02 -7.05 11.71
N VAL B 237 15.83 -6.67 11.23
CA VAL B 237 15.20 -5.39 11.58
C VAL B 237 13.78 -5.71 12.03
N ASN B 238 13.14 -4.73 12.67
CA ASN B 238 11.77 -4.92 13.14
C ASN B 238 10.87 -5.42 12.03
N GLY B 239 9.95 -6.34 12.38
CA GLY B 239 8.84 -6.70 11.52
C GLY B 239 7.67 -5.73 11.69
N SER B 240 6.60 -6.01 10.96
CA SER B 240 5.40 -5.19 10.97
C SER B 240 4.33 -5.96 11.75
N GLY B 241 3.82 -5.37 12.84
CA GLY B 241 2.70 -5.93 13.55
C GLY B 241 1.40 -5.20 13.24
N MET B 242 0.31 -5.77 13.77
CA MET B 242 -0.99 -5.10 13.76
C MET B 242 -1.52 -5.23 15.19
N HIS B 243 -1.04 -4.36 16.08
CA HIS B 243 -1.49 -4.43 17.47
C HIS B 243 -2.99 -4.16 17.49
N CYS B 244 -3.74 -5.03 18.18
CA CYS B 244 -5.18 -4.82 18.29
C CYS B 244 -5.48 -4.33 19.70
N ASN B 245 -5.59 -3.01 19.83
CA ASN B 245 -6.07 -2.41 21.07
C ASN B 245 -7.57 -2.69 21.20
N GLN B 246 -7.98 -3.14 22.39
CA GLN B 246 -9.31 -3.68 22.62
C GLN B 246 -9.92 -3.19 23.93
N SER B 247 -11.22 -2.91 23.89
CA SER B 247 -11.99 -2.70 25.10
C SER B 247 -13.44 -3.06 24.84
N LEU B 248 -14.18 -3.30 25.92
CA LEU B 248 -15.61 -3.58 25.85
C LEU B 248 -16.36 -2.38 26.42
N PHE B 249 -17.45 -2.01 25.77
CA PHE B 249 -18.22 -0.84 26.18
C PHE B 249 -19.63 -1.25 26.60
N LYS B 250 -20.16 -0.59 27.61
CA LYS B 250 -21.59 -0.64 27.95
C LYS B 250 -22.18 0.72 27.61
N ASP B 251 -22.56 0.83 26.34
CA ASP B 251 -23.16 1.93 25.60
C ASP B 251 -22.26 3.14 25.38
N ASN B 252 -21.58 3.63 26.42
CA ASN B 252 -20.69 4.78 26.25
C ASN B 252 -19.65 4.72 27.36
N GLU B 253 -19.84 3.76 28.26
CA GLU B 253 -18.91 3.53 29.36
C GLU B 253 -17.89 2.49 28.94
N ASN B 254 -16.61 2.83 29.11
CA ASN B 254 -15.56 1.84 28.89
C ASN B 254 -15.55 0.90 30.09
N VAL B 255 -16.06 -0.32 29.90
CA VAL B 255 -16.17 -1.30 30.97
C VAL B 255 -14.80 -1.75 31.49
N PHE B 256 -13.76 -1.60 30.68
CA PHE B 256 -12.42 -1.98 31.11
C PHE B 256 -11.82 -1.00 32.11
N TYR B 257 -12.39 0.19 32.25
CA TYR B 257 -11.83 1.23 33.10
C TYR B 257 -12.39 1.12 34.52
N ASP B 258 -11.50 1.21 35.51
CA ASP B 258 -11.87 1.20 36.93
C ASP B 258 -10.89 2.15 37.62
N GLU B 259 -11.37 3.35 37.99
CA GLU B 259 -10.46 4.36 38.53
C GLU B 259 -9.79 3.92 39.84
N THR B 260 -10.40 3.01 40.59
CA THR B 260 -9.84 2.57 41.86
C THR B 260 -8.65 1.63 41.71
N ASP B 261 -8.39 1.13 40.51
CA ASP B 261 -7.33 0.16 40.28
C ASP B 261 -6.02 0.88 39.97
N GLU B 262 -4.90 0.25 40.31
CA GLU B 262 -3.59 0.88 40.12
C GLU B 262 -3.29 1.12 38.64
N LEU B 263 -3.65 0.17 37.77
CA LEU B 263 -3.48 0.37 36.33
C LEU B 263 -4.73 0.89 35.64
N GLY B 264 -5.81 1.14 36.39
CA GLY B 264 -7.07 1.54 35.80
C GLY B 264 -7.86 0.42 35.18
N LEU B 265 -7.53 -0.85 35.46
CA LEU B 265 -8.17 -1.99 34.84
C LEU B 265 -9.26 -2.54 35.75
N SER B 266 -10.47 -2.68 35.21
CA SER B 266 -11.55 -3.33 35.92
C SER B 266 -11.27 -4.83 36.05
N GLN B 267 -12.05 -5.46 36.92
CA GLN B 267 -12.04 -6.92 37.03
C GLN B 267 -12.40 -7.55 35.70
N THR B 268 -13.34 -6.95 34.97
CA THR B 268 -13.72 -7.47 33.66
C THR B 268 -12.55 -7.44 32.68
N ALA B 269 -11.79 -6.33 32.69
CA ALA B 269 -10.60 -6.25 31.84
C ALA B 269 -9.60 -7.33 32.20
N ARG B 270 -9.36 -7.53 33.51
CA ARG B 270 -8.39 -8.52 33.93
C ARG B 270 -8.82 -9.93 33.55
N HIS B 271 -10.11 -10.25 33.70
CA HIS B 271 -10.61 -11.54 33.22
C HIS B 271 -10.45 -11.65 31.71
N TYR B 272 -10.76 -10.58 30.98
CA TYR B 272 -10.61 -10.59 29.52
C TYR B 272 -9.17 -10.90 29.12
N MET B 273 -8.21 -10.17 29.68
CA MET B 273 -6.80 -10.44 29.44
C MET B 273 -6.46 -11.89 29.74
N ALA B 274 -7.00 -12.43 30.84
CA ALA B 274 -6.73 -13.81 31.20
C ALA B 274 -7.16 -14.76 30.10
N GLY B 275 -8.31 -14.49 29.47
CA GLY B 275 -8.76 -15.34 28.39
C GLY B 275 -7.86 -15.27 27.17
N ILE B 276 -7.40 -14.07 26.82
CA ILE B 276 -6.45 -13.89 25.72
C ILE B 276 -5.19 -14.71 25.96
N LEU B 277 -4.65 -14.63 27.18
CA LEU B 277 -3.42 -15.36 27.48
C LEU B 277 -3.64 -16.87 27.44
N LYS B 278 -4.75 -17.35 27.99
CA LYS B 278 -4.97 -18.80 28.03
C LYS B 278 -5.12 -19.40 26.63
N HIS B 279 -5.70 -18.65 25.70
CA HIS B 279 -5.93 -19.15 24.37
C HIS B 279 -4.93 -18.62 23.36
N ALA B 280 -3.84 -17.99 23.85
CA ALA B 280 -2.88 -17.35 22.94
C ALA B 280 -2.32 -18.32 21.91
N ARG B 281 -1.84 -19.48 22.39
CA ARG B 281 -1.27 -20.47 21.48
C ARG B 281 -2.31 -20.98 20.50
N ALA B 282 -3.55 -21.13 20.96
CA ALA B 282 -4.60 -21.70 20.12
C ALA B 282 -5.07 -20.76 19.02
N MET B 283 -4.94 -19.44 19.20
CA MET B 283 -5.40 -18.52 18.16
C MET B 283 -4.28 -17.93 17.31
N ALA B 284 -3.03 -18.33 17.58
CA ALA B 284 -1.91 -17.82 16.80
C ALA B 284 -2.03 -18.14 15.32
N ALA B 285 -2.60 -19.30 14.97
CA ALA B 285 -2.76 -19.66 13.56
C ALA B 285 -3.63 -18.66 12.82
N ILE B 286 -4.58 -18.04 13.50
CA ILE B 286 -5.43 -17.02 12.91
C ILE B 286 -4.78 -15.65 12.96
N THR B 287 -4.27 -15.23 14.13
CA THR B 287 -3.69 -13.91 14.25
C THR B 287 -2.34 -13.80 13.56
N ASN B 288 -1.66 -14.93 13.33
CA ASN B 288 -0.34 -14.96 12.70
C ASN B 288 -0.37 -16.08 11.69
N PRO B 289 -0.97 -15.85 10.52
CA PRO B 289 -1.41 -16.95 9.68
C PRO B 289 -0.46 -17.38 8.56
N THR B 290 0.69 -16.74 8.38
CA THR B 290 1.58 -17.13 7.30
C THR B 290 2.82 -17.81 7.88
N VAL B 291 3.59 -18.44 7.00
CA VAL B 291 4.89 -18.95 7.43
C VAL B 291 5.74 -17.81 7.98
N ASN B 292 5.74 -16.69 7.26
CA ASN B 292 6.56 -15.54 7.59
C ASN B 292 6.15 -14.88 8.89
N SER B 293 4.88 -15.03 9.33
CA SER B 293 4.47 -14.49 10.62
C SER B 293 5.40 -14.92 11.74
N TYR B 294 5.96 -16.13 11.64
CA TYR B 294 6.76 -16.65 12.73
C TYR B 294 8.22 -16.23 12.65
N LYS B 295 8.65 -15.59 11.56
CA LYS B 295 9.95 -14.92 11.55
C LYS B 295 9.88 -13.56 12.24
N ARG B 296 8.67 -13.01 12.41
CA ARG B 296 8.50 -11.81 13.23
C ARG B 296 8.43 -12.15 14.71
N LEU B 297 7.81 -13.29 15.05
CA LEU B 297 7.71 -13.71 16.45
C LEU B 297 9.03 -14.34 16.93
N VAL B 298 10.08 -13.53 16.87
CA VAL B 298 11.42 -13.89 17.37
C VAL B 298 11.83 -12.80 18.34
N PRO B 299 12.65 -13.09 19.36
CA PRO B 299 12.95 -12.08 20.38
C PRO B 299 13.81 -10.94 19.86
N GLY B 300 13.58 -9.75 20.42
CA GLY B 300 14.45 -8.61 20.23
C GLY B 300 13.95 -7.46 19.38
N TYR B 301 12.70 -7.49 18.90
CA TYR B 301 12.22 -6.50 17.94
C TYR B 301 10.85 -5.92 18.29
N GLU B 302 10.50 -5.90 19.58
CA GLU B 302 9.24 -5.32 20.07
C GLU B 302 8.01 -6.06 19.55
N ALA B 303 8.20 -7.29 19.10
CA ALA B 303 7.12 -8.20 18.85
C ALA B 303 7.14 -9.29 19.91
N PRO B 304 5.99 -9.86 20.27
CA PRO B 304 5.99 -10.88 21.31
C PRO B 304 6.48 -12.23 20.79
N CYS B 305 7.04 -13.01 21.70
CA CYS B 305 7.19 -14.44 21.44
C CYS B 305 6.84 -15.27 22.65
N TYR B 306 6.44 -14.65 23.76
CA TYR B 306 6.07 -15.37 24.97
C TYR B 306 4.70 -14.87 25.46
N VAL B 307 3.96 -15.75 26.12
CA VAL B 307 2.60 -15.45 26.54
C VAL B 307 2.68 -14.78 27.92
N ALA B 308 2.58 -13.45 27.94
CA ALA B 308 2.67 -12.68 29.17
C ALA B 308 2.11 -11.28 28.95
N TRP B 309 1.84 -10.58 30.05
CA TRP B 309 1.35 -9.21 30.00
C TRP B 309 2.16 -8.33 30.93
N SER B 310 2.24 -7.04 30.59
CA SER B 310 2.89 -6.08 31.48
C SER B 310 2.44 -4.67 31.11
N ALA B 311 2.54 -3.76 32.07
CA ALA B 311 2.19 -2.36 31.83
C ALA B 311 3.35 -1.61 31.19
N SER B 312 3.03 -0.78 30.19
CA SER B 312 4.02 0.11 29.54
C SER B 312 5.26 -0.66 29.09
N ASN B 313 5.08 -1.90 28.66
CA ASN B 313 6.15 -2.81 28.33
C ASN B 313 5.93 -3.31 26.92
N ARG B 314 6.93 -3.17 26.05
CA ARG B 314 6.77 -3.53 24.65
C ARG B 314 7.38 -4.89 24.31
N SER B 315 7.91 -5.62 25.30
CA SER B 315 8.37 -7.01 25.14
C SER B 315 7.28 -8.09 25.21
N PRO B 316 6.16 -7.93 25.98
CA PRO B 316 5.24 -9.06 26.16
C PRO B 316 4.17 -9.19 25.09
N MET B 317 3.29 -10.18 25.24
CA MET B 317 2.20 -10.37 24.28
C MET B 317 1.11 -9.31 24.45
N ILE B 318 0.84 -8.90 25.69
CA ILE B 318 -0.17 -7.91 26.00
C ILE B 318 0.47 -6.77 26.76
N ARG B 319 0.35 -5.56 26.22
CA ARG B 319 0.77 -4.34 26.90
C ARG B 319 -0.46 -3.58 27.38
N ILE B 320 -0.37 -3.03 28.58
CA ILE B 320 -1.38 -2.07 29.02
C ILE B 320 -0.74 -0.69 28.91
N PRO B 321 -1.14 0.13 27.94
CA PRO B 321 -0.54 1.46 27.82
C PRO B 321 -0.86 2.31 29.04
N ALA B 322 -0.03 3.32 29.26
CA ALA B 322 -0.09 4.16 30.45
C ALA B 322 -1.18 5.23 30.38
N SER B 323 -2.22 5.04 29.59
CA SER B 323 -3.35 5.98 29.58
C SER B 323 -4.54 5.39 30.32
N ARG B 324 -5.41 6.26 30.82
CA ARG B 324 -6.55 5.83 31.62
C ARG B 324 -7.80 6.60 31.22
N GLY B 325 -8.95 5.94 31.38
CA GLY B 325 -10.22 6.56 31.08
C GLY B 325 -10.88 5.91 29.88
N LEU B 326 -11.39 6.71 28.94
CA LEU B 326 -11.91 6.13 27.71
C LEU B 326 -10.82 5.41 26.93
N SER B 327 -9.56 5.79 27.14
CA SER B 327 -8.44 5.18 26.45
C SER B 327 -7.90 3.96 27.18
N THR B 328 -8.51 3.55 28.30
CA THR B 328 -8.11 2.31 28.96
C THR B 328 -8.32 1.15 28.01
N ARG B 329 -7.27 0.36 27.76
CA ARG B 329 -7.42 -0.69 26.75
C ARG B 329 -6.38 -1.78 26.96
N VAL B 330 -6.65 -2.93 26.34
CA VAL B 330 -5.74 -4.05 26.28
C VAL B 330 -5.12 -4.04 24.89
N GLU B 331 -3.81 -3.80 24.80
CA GLU B 331 -3.11 -3.89 23.53
C GLU B 331 -2.58 -5.31 23.35
N VAL B 332 -3.23 -6.08 22.49
CA VAL B 332 -2.73 -7.40 22.14
C VAL B 332 -1.78 -7.22 20.97
N ARG B 333 -0.51 -7.60 21.16
CA ARG B 333 0.54 -7.18 20.24
C ARG B 333 0.92 -8.23 19.22
N ASN B 334 0.50 -9.47 19.36
CA ASN B 334 1.02 -10.49 18.45
C ASN B 334 0.44 -10.50 17.03
N PRO B 335 -0.81 -10.07 16.76
CA PRO B 335 -1.30 -10.14 15.36
C PRO B 335 -0.38 -9.36 14.44
N ASP B 336 -0.28 -9.82 13.21
CA ASP B 336 0.43 -9.10 12.19
C ASP B 336 -0.56 -8.70 11.08
N PRO B 337 -0.17 -7.78 10.19
CA PRO B 337 -1.15 -7.25 9.22
C PRO B 337 -1.55 -8.23 8.13
N ALA B 338 -1.02 -9.45 8.13
CA ALA B 338 -1.51 -10.47 7.21
C ALA B 338 -2.73 -11.19 7.75
N ALA B 339 -3.03 -11.05 9.04
CA ALA B 339 -4.20 -11.68 9.62
C ALA B 339 -5.48 -11.17 8.96
N ASN B 340 -6.42 -12.06 8.73
CA ASN B 340 -7.74 -11.63 8.30
C ASN B 340 -8.35 -10.83 9.45
N PRO B 341 -8.62 -9.53 9.29
CA PRO B 341 -9.08 -8.73 10.43
C PRO B 341 -10.36 -9.23 11.06
N TYR B 342 -11.32 -9.69 10.24
CA TYR B 342 -12.56 -10.21 10.79
C TYR B 342 -12.30 -11.44 11.64
N LEU B 343 -11.49 -12.37 11.14
CA LEU B 343 -11.23 -13.60 11.88
C LEU B 343 -10.39 -13.31 13.13
N ALA B 344 -9.39 -12.44 13.00
CA ALA B 344 -8.52 -12.16 14.14
C ALA B 344 -9.29 -11.53 15.28
N LEU B 345 -10.19 -10.58 14.97
CA LEU B 345 -11.00 -9.97 16.02
C LEU B 345 -11.99 -10.97 16.61
N ALA B 346 -12.50 -11.89 15.80
CA ALA B 346 -13.45 -12.87 16.30
C ALA B 346 -12.81 -13.83 17.29
N VAL B 347 -11.59 -14.31 16.99
CA VAL B 347 -11.01 -15.29 17.90
C VAL B 347 -10.53 -14.62 19.18
N MET B 348 -10.07 -13.36 19.09
CA MET B 348 -9.62 -12.66 20.28
C MET B 348 -10.80 -12.27 21.17
N LEU B 349 -11.89 -11.78 20.57
CA LEU B 349 -13.09 -11.51 21.36
C LEU B 349 -13.56 -12.76 22.09
N ARG B 350 -13.64 -13.88 21.36
CA ARG B 350 -14.16 -15.11 21.97
C ARG B 350 -13.24 -15.61 23.08
N ALA B 351 -11.92 -15.46 22.91
CA ALA B 351 -11.00 -15.81 23.98
C ALA B 351 -11.20 -14.92 25.20
N GLY B 352 -11.37 -13.62 24.97
CA GLY B 352 -11.60 -12.71 26.08
C GLY B 352 -12.93 -12.97 26.77
N LEU B 353 -13.98 -13.25 25.99
CA LEU B 353 -15.28 -13.58 26.57
C LEU B 353 -15.20 -14.85 27.41
N ASP B 354 -14.38 -15.81 26.98
CA ASP B 354 -14.21 -17.03 27.76
C ASP B 354 -13.55 -16.73 29.10
N GLY B 355 -12.54 -15.86 29.11
CA GLY B 355 -11.97 -15.43 30.38
C GLY B 355 -12.97 -14.74 31.28
N ILE B 356 -13.88 -13.95 30.70
CA ILE B 356 -14.93 -13.32 31.49
C ILE B 356 -15.90 -14.36 32.01
N LYS B 357 -16.40 -15.22 31.13
CA LYS B 357 -17.39 -16.22 31.51
C LYS B 357 -16.85 -17.18 32.57
N ARG B 358 -15.56 -17.50 32.53
CA ARG B 358 -14.97 -18.40 33.51
C ARG B 358 -14.33 -17.68 34.68
N GLN B 359 -14.36 -16.35 34.69
CA GLN B 359 -13.70 -15.55 35.73
C GLN B 359 -12.27 -16.04 35.97
N MET B 360 -11.54 -16.22 34.87
CA MET B 360 -10.19 -16.73 34.94
C MET B 360 -9.30 -15.80 35.75
N ALA B 361 -8.47 -16.40 36.61
CA ALA B 361 -7.47 -15.63 37.34
C ALA B 361 -6.37 -15.17 36.39
N LEU B 362 -5.94 -13.93 36.56
CA LEU B 362 -4.94 -13.34 35.69
C LEU B 362 -3.55 -13.61 36.24
N PRO B 363 -2.64 -14.21 35.47
CA PRO B 363 -1.27 -14.39 35.96
C PRO B 363 -0.63 -13.05 36.31
N ALA B 364 0.36 -13.13 37.18
CA ALA B 364 1.16 -11.95 37.51
C ALA B 364 1.80 -11.40 36.24
N PRO B 365 1.98 -10.08 36.16
CA PRO B 365 2.67 -9.52 34.99
C PRO B 365 4.16 -9.80 35.04
N ILE B 366 4.77 -9.92 33.87
CA ILE B 366 6.22 -10.07 33.77
C ILE B 366 6.75 -8.66 33.52
N ASP B 367 7.11 -7.98 34.61
CA ASP B 367 7.57 -6.59 34.56
C ASP B 367 9.06 -6.50 34.26
N ARG B 368 9.50 -7.11 33.16
CA ARG B 368 10.89 -7.07 32.74
C ARG B 368 10.96 -7.06 31.22
N ASN B 369 12.18 -6.92 30.71
CA ASN B 369 12.44 -7.24 29.31
C ASN B 369 12.44 -8.76 29.19
N ILE B 370 11.34 -9.32 28.68
CA ILE B 370 11.19 -10.76 28.65
C ILE B 370 12.17 -11.40 27.68
N TYR B 371 12.69 -10.63 26.70
CA TYR B 371 13.61 -11.18 25.72
C TYR B 371 14.89 -11.68 26.33
N VAL B 372 15.36 -11.06 27.43
CA VAL B 372 16.63 -11.43 28.04
C VAL B 372 16.47 -12.47 29.14
N MET B 373 15.25 -12.91 29.44
CA MET B 373 15.09 -13.98 30.41
C MET B 373 15.58 -15.30 29.82
N SER B 374 16.27 -16.08 30.66
CA SER B 374 16.69 -17.42 30.25
C SER B 374 15.51 -18.37 30.29
N GLU B 375 15.60 -19.46 29.50
CA GLU B 375 14.54 -20.45 29.50
C GLU B 375 14.31 -21.02 30.89
N GLU B 376 15.37 -21.11 31.71
CA GLU B 376 15.18 -21.55 33.09
C GLU B 376 14.30 -20.58 33.85
N GLU B 377 14.50 -19.27 33.63
CA GLU B 377 13.69 -18.27 34.32
C GLU B 377 12.23 -18.33 33.87
N ARG B 378 12.00 -18.49 32.56
CA ARG B 378 10.63 -18.54 32.07
C ARG B 378 9.89 -19.80 32.54
N ILE B 379 10.61 -20.90 32.71
CA ILE B 379 9.97 -22.09 33.26
C ILE B 379 9.65 -21.90 34.73
N GLU B 380 10.56 -21.29 35.49
CA GLU B 380 10.31 -21.05 36.91
C GLU B 380 9.14 -20.09 37.11
N GLU B 381 9.00 -19.12 36.21
CA GLU B 381 7.91 -18.15 36.30
C GLU B 381 6.66 -18.59 35.54
N GLY B 382 6.67 -19.79 34.94
CA GLY B 382 5.53 -20.30 34.20
C GLY B 382 5.13 -19.47 32.98
N ILE B 383 6.08 -19.10 32.14
CA ILE B 383 5.81 -18.25 30.98
C ILE B 383 5.78 -19.14 29.74
N PRO B 384 4.60 -19.42 29.17
CA PRO B 384 4.55 -20.18 27.92
C PRO B 384 5.12 -19.39 26.76
N SER B 385 5.49 -20.13 25.72
CA SER B 385 5.93 -19.54 24.47
C SER B 385 4.78 -19.53 23.47
N LEU B 386 4.80 -18.56 22.56
CA LEU B 386 3.94 -18.64 21.40
C LEU B 386 4.45 -19.76 20.50
N PRO B 387 3.61 -20.26 19.60
CA PRO B 387 4.09 -21.28 18.64
C PRO B 387 5.31 -20.81 17.85
N ALA B 388 6.23 -21.73 17.59
CA ALA B 388 7.47 -21.42 16.90
C ALA B 388 7.31 -21.34 15.39
N ASP B 389 6.26 -21.94 14.83
CA ASP B 389 6.07 -21.91 13.38
C ASP B 389 4.61 -22.22 13.08
N LEU B 390 4.24 -22.04 11.80
CA LEU B 390 2.84 -22.17 11.41
C LEU B 390 2.30 -23.57 11.67
N LYS B 391 3.13 -24.59 11.44
CA LYS B 391 2.70 -25.97 11.68
C LYS B 391 2.32 -26.16 13.15
N GLU B 392 3.18 -25.71 14.07
CA GLU B 392 2.87 -25.85 15.48
C GLU B 392 1.60 -25.07 15.83
N ALA B 393 1.42 -23.90 15.20
CA ALA B 393 0.23 -23.10 15.44
C ALA B 393 -1.02 -23.82 14.99
N LEU B 394 -0.98 -24.46 13.81
CA LEU B 394 -2.14 -25.19 13.31
C LEU B 394 -2.58 -26.28 14.28
N SER B 395 -1.63 -27.03 14.83
CA SER B 395 -1.99 -28.14 15.71
C SER B 395 -2.63 -27.64 17.00
N GLU B 396 -2.19 -26.49 17.50
CA GLU B 396 -2.88 -25.89 18.64
C GLU B 396 -4.28 -25.43 18.26
N LEU B 397 -4.48 -24.97 17.01
CA LEU B 397 -5.79 -24.49 16.59
C LEU B 397 -6.82 -25.60 16.62
N ILE B 398 -6.53 -26.73 15.98
CA ILE B 398 -7.54 -27.79 15.88
C ILE B 398 -7.81 -28.46 17.22
N ARG B 399 -6.91 -28.31 18.19
CA ARG B 399 -7.13 -28.86 19.52
C ARG B 399 -7.88 -27.90 20.45
N SER B 400 -8.29 -26.74 19.98
CA SER B 400 -8.94 -25.74 20.81
C SER B 400 -10.44 -25.71 20.53
N GLU B 401 -11.25 -26.08 21.52
CA GLU B 401 -12.69 -26.02 21.36
C GLU B 401 -13.17 -24.58 21.21
N VAL B 402 -12.63 -23.67 22.01
CA VAL B 402 -13.11 -22.30 22.08
C VAL B 402 -12.81 -21.56 20.77
N ILE B 403 -11.60 -21.73 20.23
CA ILE B 403 -11.24 -20.99 19.04
C ILE B 403 -11.80 -21.68 17.80
N SER B 404 -11.86 -23.02 17.79
CA SER B 404 -12.51 -23.73 16.70
C SER B 404 -13.97 -23.30 16.53
N ASP B 405 -14.68 -23.13 17.65
CA ASP B 405 -16.08 -22.73 17.58
C ASP B 405 -16.26 -21.27 17.19
N ALA B 406 -15.26 -20.42 17.44
CA ALA B 406 -15.31 -19.06 16.90
C ALA B 406 -15.38 -19.08 15.39
N LEU B 407 -14.48 -19.86 14.76
CA LEU B 407 -14.42 -19.90 13.31
C LEU B 407 -15.63 -20.58 12.70
N GLY B 408 -16.14 -21.61 13.37
CA GLY B 408 -17.16 -22.46 12.79
C GLY B 408 -16.54 -23.50 11.86
N ASP B 409 -17.31 -24.56 11.62
CA ASP B 409 -16.78 -25.76 10.97
C ASP B 409 -16.28 -25.47 9.55
N HIS B 410 -17.03 -24.70 8.76
CA HIS B 410 -16.64 -24.48 7.37
C HIS B 410 -15.31 -23.74 7.28
N ALA B 411 -15.22 -22.57 7.92
CA ALA B 411 -13.99 -21.80 7.88
C ALA B 411 -12.84 -22.57 8.50
N LEU B 412 -13.10 -23.28 9.61
CA LEU B 412 -12.04 -24.08 10.23
C LEU B 412 -11.48 -25.11 9.26
N ALA B 413 -12.38 -25.83 8.56
CA ALA B 413 -11.93 -26.87 7.64
C ALA B 413 -11.14 -26.29 6.48
N TYR B 414 -11.66 -25.24 5.83
CA TYR B 414 -10.95 -24.66 4.68
C TYR B 414 -9.64 -24.03 5.11
N PHE B 415 -9.62 -23.32 6.23
CA PHE B 415 -8.40 -22.66 6.69
C PHE B 415 -7.30 -23.68 6.96
N TYR B 416 -7.64 -24.76 7.68
CA TYR B 416 -6.67 -25.80 7.99
C TYR B 416 -6.13 -26.44 6.72
N GLU B 417 -7.02 -26.76 5.78
CA GLU B 417 -6.60 -27.37 4.52
C GLU B 417 -5.65 -26.45 3.74
N LEU B 418 -5.97 -25.15 3.66
CA LEU B 418 -5.11 -24.23 2.92
C LEU B 418 -3.74 -24.09 3.58
N LYS B 419 -3.71 -23.99 4.91
CA LYS B 419 -2.46 -23.75 5.60
C LYS B 419 -1.58 -24.99 5.64
N GLU B 420 -2.20 -26.17 5.68
CA GLU B 420 -1.44 -27.41 5.58
C GLU B 420 -0.73 -27.52 4.24
N ILE B 421 -1.41 -27.15 3.16
CA ILE B 421 -0.78 -27.11 1.85
C ILE B 421 0.35 -26.10 1.84
N GLU B 422 0.08 -24.91 2.37
CA GLU B 422 1.09 -23.85 2.42
C GLU B 422 2.32 -24.30 3.21
N TRP B 423 2.10 -24.91 4.38
CA TRP B 423 3.24 -25.37 5.18
C TRP B 423 4.02 -26.45 4.45
N ASP B 424 3.33 -27.41 3.87
CA ASP B 424 4.03 -28.51 3.22
C ASP B 424 4.84 -28.04 2.02
N MET B 425 4.33 -27.04 1.29
CA MET B 425 5.11 -26.50 0.18
C MET B 425 6.34 -25.75 0.69
N TYR B 426 6.18 -24.97 1.77
CA TYR B 426 7.32 -24.28 2.36
C TYR B 426 8.37 -25.28 2.85
N ARG B 427 7.94 -26.31 3.56
CA ARG B 427 8.86 -27.17 4.28
C ARG B 427 9.71 -28.02 3.35
N THR B 428 9.32 -28.17 2.09
CA THR B 428 10.11 -28.93 1.15
C THR B 428 11.03 -28.05 0.31
N GLN B 429 10.87 -26.73 0.35
CA GLN B 429 11.76 -25.85 -0.39
C GLN B 429 13.19 -25.98 0.11
N VAL B 430 14.15 -25.77 -0.79
CA VAL B 430 15.57 -25.69 -0.42
C VAL B 430 15.95 -24.23 -0.57
N HIS B 431 16.34 -23.60 0.54
CA HIS B 431 16.53 -22.15 0.48
C HIS B 431 17.99 -21.81 0.22
N GLN B 432 18.22 -20.55 -0.20
CA GLN B 432 19.57 -20.08 -0.48
C GLN B 432 20.46 -20.20 0.75
N TRP B 433 19.90 -19.98 1.95
CA TRP B 433 20.70 -20.12 3.17
C TRP B 433 21.33 -21.50 3.27
N GLU B 434 20.58 -22.54 2.88
CA GLU B 434 21.11 -23.90 2.96
C GLU B 434 22.25 -24.11 1.97
N ARG B 435 22.10 -23.59 0.75
CA ARG B 435 23.22 -23.67 -0.19
C ARG B 435 24.44 -22.94 0.35
N ASP B 436 24.25 -21.74 0.91
CA ASP B 436 25.38 -20.99 1.48
C ASP B 436 26.06 -21.77 2.59
N GLN B 437 25.28 -22.40 3.47
CA GLN B 437 25.87 -23.09 4.61
C GLN B 437 26.48 -24.43 4.23
N TYR B 438 25.95 -25.09 3.20
CA TYR B 438 26.24 -26.51 3.04
C TYR B 438 26.87 -26.92 1.71
N LEU B 439 26.66 -26.15 0.63
CA LEU B 439 27.10 -26.59 -0.69
C LEU B 439 28.62 -26.79 -0.76
N THR B 440 29.38 -25.91 -0.11
CA THR B 440 30.84 -26.06 -0.11
C THR B 440 31.37 -26.71 1.16
N LEU B 441 30.57 -26.75 2.23
CA LEU B 441 31.01 -27.39 3.46
C LEU B 441 30.94 -28.90 3.34
N TYR B 442 29.86 -29.40 2.76
CA TYR B 442 29.68 -30.82 2.50
C TYR B 442 29.87 -31.09 1.01
N SER C 2 -38.32 1.78 -35.39
CA SER C 2 -37.13 1.65 -36.20
C SER C 2 -36.85 2.94 -37.00
N TYR C 3 -35.59 3.10 -37.41
CA TYR C 3 -35.17 4.25 -38.18
C TYR C 3 -35.55 4.10 -39.65
N THR C 4 -35.88 5.21 -40.28
CA THR C 4 -36.09 5.27 -41.71
C THR C 4 -34.87 5.90 -42.39
N ARG C 5 -34.84 5.78 -43.71
CA ARG C 5 -33.87 6.50 -44.53
C ARG C 5 -33.84 7.98 -44.17
N GLU C 6 -35.01 8.60 -44.11
CA GLU C 6 -35.11 10.03 -43.82
C GLU C 6 -34.61 10.33 -42.41
N ASP C 7 -34.86 9.42 -41.46
CA ASP C 7 -34.37 9.61 -40.11
C ASP C 7 -32.85 9.67 -40.06
N ILE C 8 -32.20 8.78 -40.83
CA ILE C 8 -30.73 8.72 -40.78
C ILE C 8 -30.14 9.99 -41.38
N ILE C 9 -30.67 10.46 -42.52
CA ILE C 9 -30.20 11.71 -43.10
C ILE C 9 -30.33 12.84 -42.09
N ARG C 10 -31.52 12.99 -41.51
CA ARG C 10 -31.79 14.01 -40.51
C ARG C 10 -30.78 13.94 -39.36
N ILE C 11 -30.66 12.77 -38.73
CA ILE C 11 -29.82 12.65 -37.54
C ILE C 11 -28.34 12.88 -37.89
N ALA C 12 -27.92 12.43 -39.07
CA ALA C 12 -26.53 12.65 -39.49
C ALA C 12 -26.20 14.13 -39.55
N GLU C 13 -27.12 14.94 -40.05
CA GLU C 13 -26.91 16.39 -40.05
C GLU C 13 -26.97 16.95 -38.63
N GLU C 14 -27.97 16.56 -37.85
CA GLU C 14 -28.13 17.10 -36.50
C GLU C 14 -26.89 16.87 -35.64
N GLU C 15 -26.38 15.64 -35.63
CA GLU C 15 -25.21 15.36 -34.81
C GLU C 15 -23.89 15.69 -35.51
N ASN C 16 -23.95 16.31 -36.68
CA ASN C 16 -22.78 16.71 -37.47
C ASN C 16 -21.81 15.54 -37.71
N VAL C 17 -22.36 14.43 -38.18
CA VAL C 17 -21.56 13.28 -38.56
C VAL C 17 -20.86 13.57 -39.88
N ARG C 18 -19.54 13.41 -39.91
CA ARG C 18 -18.76 13.65 -41.12
C ARG C 18 -18.37 12.36 -41.86
N PHE C 19 -18.29 11.23 -41.16
CA PHE C 19 -17.87 9.97 -41.76
C PHE C 19 -18.75 8.84 -41.24
N ILE C 20 -18.99 7.85 -42.10
CA ILE C 20 -19.78 6.68 -41.74
C ILE C 20 -18.98 5.42 -42.07
N ARG C 21 -18.94 4.50 -41.13
CA ARG C 21 -18.35 3.18 -41.35
C ARG C 21 -19.45 2.18 -41.67
N LEU C 22 -19.34 1.55 -42.82
CA LEU C 22 -20.23 0.46 -43.20
C LEU C 22 -19.55 -0.84 -42.82
N GLN C 23 -20.13 -1.57 -41.88
CA GLN C 23 -19.44 -2.68 -41.24
C GLN C 23 -20.16 -3.99 -41.56
N PHE C 24 -19.39 -5.06 -41.60
CA PHE C 24 -19.94 -6.40 -41.78
C PHE C 24 -18.89 -7.39 -41.29
N THR C 25 -19.22 -8.67 -41.37
CA THR C 25 -18.41 -9.70 -40.70
C THR C 25 -18.09 -10.83 -41.66
N ASP C 26 -16.81 -11.25 -41.70
CA ASP C 26 -16.43 -12.34 -42.58
C ASP C 26 -16.78 -13.68 -41.96
N LEU C 27 -16.53 -14.77 -42.69
CA LEU C 27 -16.94 -16.10 -42.24
C LEU C 27 -16.31 -16.45 -40.90
N LEU C 28 -15.06 -16.05 -40.69
CA LEU C 28 -14.37 -16.41 -39.45
C LEU C 28 -14.69 -15.47 -38.30
N GLY C 29 -15.63 -14.54 -38.49
CA GLY C 29 -16.00 -13.65 -37.41
C GLY C 29 -15.21 -12.36 -37.35
N THR C 30 -14.35 -12.08 -38.31
CA THR C 30 -13.55 -10.87 -38.26
C THR C 30 -14.37 -9.70 -38.80
N ILE C 31 -14.42 -8.61 -38.03
CA ILE C 31 -15.16 -7.44 -38.49
C ILE C 31 -14.41 -6.75 -39.63
N LYS C 32 -15.17 -6.19 -40.57
CA LYS C 32 -14.67 -5.52 -41.76
C LYS C 32 -15.44 -4.22 -41.95
N ASN C 33 -14.79 -3.21 -42.55
CA ASN C 33 -15.53 -2.00 -42.90
C ASN C 33 -14.81 -1.19 -43.97
N VAL C 34 -15.61 -0.32 -44.59
CA VAL C 34 -15.15 0.76 -45.45
C VAL C 34 -15.70 2.05 -44.84
N GLU C 35 -14.89 3.12 -44.88
CA GLU C 35 -15.32 4.43 -44.37
C GLU C 35 -15.66 5.35 -45.53
N ILE C 36 -16.85 5.95 -45.48
CA ILE C 36 -17.30 6.89 -46.51
C ILE C 36 -17.52 8.27 -45.89
N PRO C 37 -17.23 9.35 -46.60
CA PRO C 37 -17.62 10.68 -46.13
C PRO C 37 -19.14 10.80 -46.11
N VAL C 38 -19.65 11.72 -45.27
CA VAL C 38 -21.10 11.85 -45.16
C VAL C 38 -21.74 12.29 -46.47
N SER C 39 -20.97 12.90 -47.38
CA SER C 39 -21.48 13.20 -48.72
C SER C 39 -21.97 11.95 -49.45
N GLN C 40 -21.48 10.78 -49.07
CA GLN C 40 -21.85 9.53 -49.70
C GLN C 40 -22.98 8.81 -48.99
N LEU C 41 -23.53 9.41 -47.93
CA LEU C 41 -24.49 8.70 -47.10
C LEU C 41 -25.73 8.30 -47.89
N GLU C 42 -26.18 9.16 -48.80
CA GLU C 42 -27.36 8.82 -49.59
C GLU C 42 -27.07 7.67 -50.54
N LYS C 43 -25.86 7.62 -51.10
CA LYS C 43 -25.51 6.48 -51.93
C LYS C 43 -25.54 5.20 -51.11
N ALA C 44 -25.02 5.24 -49.89
CA ALA C 44 -25.02 4.07 -49.02
C ALA C 44 -26.44 3.64 -48.66
N LEU C 45 -27.33 4.60 -48.39
CA LEU C 45 -28.71 4.26 -48.10
C LEU C 45 -29.49 3.80 -49.32
N ASP C 46 -29.00 4.10 -50.53
CA ASP C 46 -29.59 3.52 -51.74
C ASP C 46 -29.07 2.11 -52.04
N ASN C 47 -28.29 1.52 -51.12
CA ASN C 47 -27.79 0.13 -51.26
C ASN C 47 -26.85 -0.01 -52.45
N LYS C 48 -26.00 0.99 -52.68
CA LYS C 48 -25.16 1.00 -53.87
C LYS C 48 -23.67 0.85 -53.58
N MET C 49 -23.27 0.73 -52.32
CA MET C 49 -21.86 0.53 -52.01
C MET C 49 -21.44 -0.90 -52.36
N MET C 50 -20.26 -1.03 -52.96
CA MET C 50 -19.76 -2.31 -53.46
C MET C 50 -18.42 -2.64 -52.83
N PHE C 51 -18.05 -3.92 -52.85
CA PHE C 51 -16.75 -4.31 -52.34
C PHE C 51 -16.31 -5.58 -53.06
N ASP C 52 -15.06 -5.94 -52.85
CA ASP C 52 -14.46 -7.14 -53.45
C ASP C 52 -14.72 -8.31 -52.52
N GLY C 53 -15.72 -9.13 -52.86
CA GLY C 53 -16.01 -10.31 -52.04
C GLY C 53 -14.93 -11.38 -52.07
N SER C 54 -14.03 -11.34 -53.06
CA SER C 54 -12.97 -12.35 -53.08
C SER C 54 -11.83 -12.05 -52.12
N SER C 55 -11.83 -10.86 -51.50
CA SER C 55 -10.84 -10.52 -50.49
C SER C 55 -11.42 -10.62 -49.08
N ILE C 56 -12.65 -11.09 -48.94
CA ILE C 56 -13.26 -11.30 -47.64
C ILE C 56 -13.36 -12.80 -47.42
N GLU C 57 -12.79 -13.28 -46.33
CA GLU C 57 -12.69 -14.71 -46.08
C GLU C 57 -14.07 -15.35 -46.06
N GLY C 58 -14.24 -16.39 -46.88
CA GLY C 58 -15.47 -17.14 -46.89
C GLY C 58 -16.55 -16.64 -47.81
N TYR C 59 -16.29 -15.59 -48.59
CA TYR C 59 -17.42 -15.09 -49.38
C TYR C 59 -17.48 -15.65 -50.79
N VAL C 60 -16.72 -15.10 -51.74
CA VAL C 60 -16.86 -15.49 -53.15
C VAL C 60 -15.47 -15.55 -53.79
N ARG C 61 -15.45 -15.98 -55.05
CA ARG C 61 -14.23 -16.19 -55.81
C ARG C 61 -13.93 -14.98 -56.68
N ILE C 62 -12.67 -14.90 -57.10
CA ILE C 62 -12.18 -13.72 -57.81
C ILE C 62 -12.98 -13.46 -59.09
N GLU C 63 -13.48 -14.51 -59.74
CA GLU C 63 -14.13 -14.34 -61.03
C GLU C 63 -15.57 -13.84 -60.94
N GLU C 64 -16.16 -13.81 -59.75
CA GLU C 64 -17.47 -13.20 -59.56
C GLU C 64 -17.45 -12.40 -58.26
N SER C 65 -16.52 -11.47 -58.16
CA SER C 65 -16.14 -10.87 -56.88
C SER C 65 -16.98 -9.65 -56.47
N ASP C 66 -17.79 -9.08 -57.36
CA ASP C 66 -18.54 -7.87 -57.04
C ASP C 66 -19.68 -8.18 -56.06
N MET C 67 -19.71 -7.47 -54.93
CA MET C 67 -20.80 -7.64 -53.97
C MET C 67 -21.23 -6.29 -53.44
N TYR C 68 -22.42 -6.26 -52.82
CA TYR C 68 -23.08 -5.03 -52.38
C TYR C 68 -23.35 -5.07 -50.90
N LEU C 69 -23.35 -3.88 -50.29
CA LEU C 69 -23.67 -3.67 -48.89
C LEU C 69 -25.03 -2.99 -48.76
N TYR C 70 -25.95 -3.59 -47.99
CA TYR C 70 -27.25 -3.01 -47.70
C TYR C 70 -27.30 -2.69 -46.20
N PRO C 71 -27.25 -1.42 -45.80
CA PRO C 71 -27.16 -1.13 -44.36
C PRO C 71 -28.45 -1.43 -43.62
N ASP C 72 -28.30 -1.88 -42.37
CA ASP C 72 -29.42 -2.07 -41.45
C ASP C 72 -29.54 -0.80 -40.61
N LEU C 73 -30.58 0.01 -40.90
CA LEU C 73 -30.64 1.36 -40.34
C LEU C 73 -30.72 1.36 -38.83
N ASP C 74 -31.25 0.30 -38.21
CA ASP C 74 -31.34 0.27 -36.75
C ASP C 74 -29.98 0.11 -36.08
N THR C 75 -28.94 -0.25 -36.81
CA THR C 75 -27.61 -0.37 -36.21
C THR C 75 -26.87 0.95 -36.15
N TRP C 76 -27.53 2.07 -36.44
CA TRP C 76 -26.89 3.38 -36.41
C TRP C 76 -26.42 3.73 -35.01
N VAL C 77 -25.16 4.18 -34.89
CA VAL C 77 -24.62 4.62 -33.61
C VAL C 77 -23.39 5.48 -33.89
N VAL C 78 -23.13 6.44 -33.00
CA VAL C 78 -22.00 7.36 -33.10
C VAL C 78 -20.86 6.86 -32.23
N PHE C 79 -19.65 6.87 -32.79
CA PHE C 79 -18.46 6.47 -32.03
C PHE C 79 -18.05 7.57 -31.05
N PRO C 80 -17.64 7.22 -29.83
CA PRO C 80 -17.14 8.24 -28.90
C PRO C 80 -15.68 8.65 -29.08
N TRP C 81 -14.80 7.70 -29.42
CA TRP C 81 -13.36 7.99 -29.43
C TRP C 81 -12.94 8.64 -30.75
N ASP C 85 -14.01 15.48 -35.84
CA ASP C 85 -14.95 15.07 -36.89
C ASP C 85 -15.67 13.77 -36.51
N ARG C 86 -16.98 13.88 -36.31
CA ARG C 86 -17.79 12.80 -35.76
C ARG C 86 -17.91 11.62 -36.74
N VAL C 87 -17.68 10.41 -36.24
CA VAL C 87 -17.76 9.16 -37.01
C VAL C 87 -18.95 8.35 -36.52
N ALA C 88 -19.77 7.85 -37.44
CA ALA C 88 -20.88 6.93 -37.13
C ALA C 88 -20.68 5.59 -37.82
N ARG C 89 -21.61 4.66 -37.54
CA ARG C 89 -21.51 3.26 -37.91
C ARG C 89 -22.86 2.79 -38.44
N LEU C 90 -22.84 1.97 -39.50
CA LEU C 90 -23.97 1.15 -39.91
C LEU C 90 -23.48 -0.27 -40.18
N ILE C 91 -24.12 -1.27 -39.55
CA ILE C 91 -23.88 -2.68 -39.88
C ILE C 91 -24.69 -3.04 -41.11
N CYS C 92 -24.07 -3.77 -42.05
CA CYS C 92 -24.66 -4.03 -43.35
C CYS C 92 -24.88 -5.52 -43.56
N ASP C 93 -25.87 -5.84 -44.39
CA ASP C 93 -26.06 -7.18 -44.90
C ASP C 93 -25.52 -7.26 -46.32
N ILE C 94 -25.12 -8.47 -46.71
CA ILE C 94 -24.39 -8.68 -47.95
C ILE C 94 -25.36 -9.14 -49.03
N TYR C 95 -25.27 -8.56 -50.22
CA TYR C 95 -26.13 -8.92 -51.34
C TYR C 95 -25.31 -9.15 -52.60
N LYS C 96 -25.81 -10.04 -53.45
CA LYS C 96 -25.24 -10.23 -54.78
C LYS C 96 -25.73 -9.13 -55.71
N PRO C 97 -25.01 -8.88 -56.81
CA PRO C 97 -25.44 -7.81 -57.72
C PRO C 97 -26.80 -8.05 -58.37
N ASP C 98 -27.27 -9.30 -58.45
CA ASP C 98 -28.61 -9.53 -58.98
C ASP C 98 -29.71 -9.23 -57.96
N GLY C 99 -29.37 -8.74 -56.77
CA GLY C 99 -30.35 -8.32 -55.80
C GLY C 99 -30.73 -9.36 -54.76
N SER C 100 -30.25 -10.60 -54.90
CA SER C 100 -30.60 -11.59 -53.89
C SER C 100 -29.63 -11.54 -52.72
N PRO C 101 -30.08 -11.86 -51.51
CA PRO C 101 -29.18 -11.88 -50.36
C PRO C 101 -28.14 -12.98 -50.51
N PHE C 102 -26.95 -12.71 -50.01
CA PHE C 102 -25.83 -13.63 -50.14
C PHE C 102 -25.95 -14.76 -49.11
N ALA C 103 -25.95 -16.00 -49.62
CA ALA C 103 -26.17 -17.19 -48.80
C ALA C 103 -25.09 -17.40 -47.75
N GLY C 104 -23.87 -16.94 -47.99
CA GLY C 104 -22.78 -17.13 -47.04
C GLY C 104 -22.61 -16.02 -46.02
N ASP C 105 -23.53 -15.06 -45.98
CA ASP C 105 -23.46 -13.94 -45.02
C ASP C 105 -23.78 -14.47 -43.62
N PRO C 106 -22.83 -14.43 -42.67
CA PRO C 106 -23.12 -14.98 -41.33
C PRO C 106 -24.29 -14.33 -40.63
N ARG C 107 -24.47 -13.01 -40.80
CA ARG C 107 -25.61 -12.34 -40.20
C ARG C 107 -26.92 -12.81 -40.83
N GLY C 108 -26.95 -13.01 -42.14
CA GLY C 108 -28.13 -13.57 -42.78
C GLY C 108 -28.40 -15.01 -42.36
N ILE C 109 -27.34 -15.76 -42.04
CA ILE C 109 -27.51 -17.14 -41.58
C ILE C 109 -28.23 -17.16 -40.23
N LEU C 110 -27.83 -16.28 -39.32
CA LEU C 110 -28.51 -16.17 -38.03
C LEU C 110 -29.98 -15.78 -38.22
N LYS C 111 -30.24 -14.79 -39.07
CA LYS C 111 -31.62 -14.36 -39.30
C LYS C 111 -32.46 -15.49 -39.88
N ARG C 112 -31.88 -16.32 -40.75
CA ARG C 112 -32.62 -17.45 -41.30
C ARG C 112 -33.01 -18.45 -40.21
N VAL C 113 -32.08 -18.78 -39.31
CA VAL C 113 -32.42 -19.68 -38.21
C VAL C 113 -33.44 -19.04 -37.28
N LEU C 114 -33.32 -17.72 -37.05
CA LEU C 114 -34.29 -17.06 -36.18
C LEU C 114 -35.70 -17.12 -36.74
N LYS C 115 -35.84 -17.13 -38.07
CA LYS C 115 -37.17 -17.29 -38.68
C LYS C 115 -37.78 -18.64 -38.29
N GLU C 116 -36.95 -19.69 -38.22
CA GLU C 116 -37.44 -20.99 -37.75
C GLU C 116 -38.00 -20.88 -36.34
N ALA C 117 -37.37 -20.08 -35.48
CA ALA C 117 -37.89 -19.93 -34.12
C ALA C 117 -39.20 -19.17 -34.10
N GLU C 118 -39.30 -18.11 -34.92
CA GLU C 118 -40.51 -17.29 -34.95
C GLU C 118 -41.72 -18.11 -35.41
N GLU C 119 -41.50 -19.04 -36.35
CA GLU C 119 -42.63 -19.85 -36.82
C GLU C 119 -43.12 -20.81 -35.75
N LEU C 120 -42.26 -21.21 -34.82
CA LEU C 120 -42.72 -21.95 -33.65
C LEU C 120 -43.35 -21.05 -32.59
N GLY C 121 -43.42 -19.75 -32.83
CA GLY C 121 -44.08 -18.85 -31.90
C GLY C 121 -43.18 -18.09 -30.96
N TYR C 122 -41.88 -18.40 -30.93
CA TYR C 122 -40.95 -17.65 -30.07
C TYR C 122 -40.60 -16.34 -30.75
N THR C 123 -40.93 -15.22 -30.11
CA THR C 123 -40.70 -13.93 -30.71
C THR C 123 -39.25 -13.47 -30.64
N SER C 124 -38.45 -13.97 -29.69
CA SER C 124 -37.03 -13.61 -29.73
C SER C 124 -36.22 -14.64 -28.96
N MET C 125 -34.97 -14.77 -29.37
CA MET C 125 -33.95 -15.51 -28.63
C MET C 125 -33.08 -14.50 -27.91
N ASN C 126 -33.14 -14.50 -26.58
CA ASN C 126 -32.36 -13.56 -25.80
C ASN C 126 -31.02 -14.20 -25.45
N VAL C 127 -29.94 -13.47 -25.69
CA VAL C 127 -28.58 -13.98 -25.57
C VAL C 127 -27.74 -12.98 -24.78
N GLY C 128 -27.13 -13.46 -23.69
CA GLY C 128 -26.15 -12.69 -22.96
C GLY C 128 -24.78 -13.36 -22.99
N PRO C 129 -23.88 -12.83 -23.82
CA PRO C 129 -22.54 -13.41 -23.96
C PRO C 129 -21.56 -12.80 -22.96
N GLU C 130 -20.59 -13.60 -22.54
CA GLU C 130 -19.55 -13.15 -21.61
C GLU C 130 -18.18 -13.31 -22.27
N PRO C 131 -17.78 -12.40 -23.15
CA PRO C 131 -16.51 -12.62 -23.85
C PRO C 131 -15.34 -12.16 -23.01
N GLU C 132 -14.64 -13.11 -22.39
CA GLU C 132 -13.46 -12.84 -21.57
C GLU C 132 -12.26 -12.53 -22.45
N PHE C 133 -11.30 -11.79 -21.91
CA PHE C 133 -10.14 -11.41 -22.70
C PHE C 133 -8.93 -11.23 -21.81
N PHE C 134 -7.77 -11.32 -22.44
CA PHE C 134 -6.49 -11.06 -21.81
C PHE C 134 -5.94 -9.73 -22.31
N LEU C 135 -5.15 -9.09 -21.47
CA LEU C 135 -4.43 -7.87 -21.83
C LEU C 135 -2.93 -8.15 -21.73
N PHE C 136 -2.20 -7.92 -22.82
CA PHE C 136 -0.76 -8.12 -22.82
C PHE C 136 -0.06 -6.77 -22.88
N LYS C 137 1.12 -6.70 -22.27
CA LYS C 137 1.95 -5.52 -22.45
C LYS C 137 2.46 -5.47 -23.88
N THR C 138 2.94 -4.29 -24.29
CA THR C 138 3.50 -4.09 -25.62
C THR C 138 4.92 -3.54 -25.52
N ASP C 139 5.72 -3.80 -26.55
CA ASP C 139 7.10 -3.33 -26.60
C ASP C 139 7.16 -1.86 -27.05
N GLU C 140 8.39 -1.38 -27.24
CA GLU C 140 8.64 -0.02 -27.72
C GLU C 140 7.97 0.22 -29.07
N LYS C 141 7.86 -0.83 -29.89
CA LYS C 141 7.27 -0.72 -31.22
C LYS C 141 5.75 -0.82 -31.23
N GLY C 142 5.13 -1.30 -30.16
CA GLY C 142 3.69 -1.44 -30.09
C GLY C 142 3.15 -2.85 -30.28
N ASP C 143 4.03 -3.87 -30.46
CA ASP C 143 3.61 -5.25 -30.59
C ASP C 143 3.47 -5.91 -29.22
N PRO C 144 2.61 -6.92 -29.08
CA PRO C 144 2.46 -7.58 -27.77
C PRO C 144 3.68 -8.38 -27.38
N THR C 145 4.00 -8.35 -26.09
CA THR C 145 5.03 -9.21 -25.52
C THR C 145 4.38 -10.43 -24.90
N THR C 146 5.18 -11.27 -24.26
CA THR C 146 4.63 -12.40 -23.52
C THR C 146 4.19 -12.02 -22.13
N GLU C 147 4.38 -10.77 -21.73
CA GLU C 147 4.08 -10.33 -20.37
C GLU C 147 2.63 -9.86 -20.27
N LEU C 148 1.89 -10.43 -19.32
CA LEU C 148 0.52 -10.00 -19.08
C LEU C 148 0.51 -8.63 -18.41
N ASN C 149 -0.65 -7.95 -18.48
CA ASN C 149 -0.71 -6.60 -17.96
C ASN C 149 -0.58 -6.58 -16.43
N ASP C 150 -0.97 -7.66 -15.76
CA ASP C 150 -0.80 -7.77 -14.32
C ASP C 150 -0.71 -9.25 -13.97
N GLN C 151 -0.52 -9.52 -12.67
CA GLN C 151 -0.54 -10.89 -12.17
C GLN C 151 -1.70 -11.10 -11.19
N GLY C 152 -2.78 -10.35 -11.35
CA GLY C 152 -3.92 -10.47 -10.47
C GLY C 152 -4.79 -11.68 -10.78
N GLY C 153 -5.84 -11.83 -9.97
CA GLY C 153 -6.75 -12.96 -10.07
C GLY C 153 -8.20 -12.50 -9.97
N TYR C 154 -9.10 -13.45 -9.72
CA TYR C 154 -10.53 -13.20 -9.82
C TYR C 154 -11.00 -12.18 -8.79
N PHE C 155 -11.65 -11.11 -9.27
CA PHE C 155 -12.22 -10.06 -8.42
C PHE C 155 -11.15 -9.29 -7.62
N ASP C 156 -9.89 -9.36 -8.02
CA ASP C 156 -8.85 -8.63 -7.31
C ASP C 156 -8.97 -7.13 -7.51
N LEU C 157 -8.35 -6.39 -6.61
CA LEU C 157 -8.30 -4.93 -6.65
C LEU C 157 -6.90 -4.46 -7.02
N ALA C 158 -6.80 -3.21 -7.44
CA ALA C 158 -5.50 -2.60 -7.64
C ALA C 158 -4.76 -2.52 -6.30
N PRO C 159 -3.42 -2.62 -6.31
CA PRO C 159 -2.51 -2.76 -7.45
C PRO C 159 -2.29 -4.21 -7.91
N MET C 160 -2.96 -5.19 -7.30
CA MET C 160 -2.90 -6.54 -7.84
C MET C 160 -3.57 -6.61 -9.22
N ASP C 161 -4.71 -5.96 -9.36
CA ASP C 161 -5.43 -5.82 -10.63
C ASP C 161 -5.02 -4.47 -11.21
N LEU C 162 -4.34 -4.49 -12.35
CA LEU C 162 -3.93 -3.26 -13.02
C LEU C 162 -4.82 -2.94 -14.22
N GLY C 163 -5.96 -3.61 -14.36
CA GLY C 163 -6.84 -3.34 -15.46
C GLY C 163 -8.00 -2.43 -15.16
N GLU C 164 -8.11 -1.90 -13.93
CA GLU C 164 -9.30 -1.15 -13.52
C GLU C 164 -9.56 0.04 -14.44
N ASN C 165 -8.53 0.83 -14.72
CA ASN C 165 -8.75 2.04 -15.52
C ASN C 165 -9.07 1.69 -16.96
N CYS C 166 -8.41 0.68 -17.50
CA CYS C 166 -8.69 0.28 -18.87
C CYS C 166 -10.10 -0.27 -18.99
N ARG C 167 -10.50 -1.17 -18.07
CA ARG C 167 -11.86 -1.70 -18.12
C ARG C 167 -12.89 -0.58 -17.95
N ARG C 168 -12.61 0.37 -17.06
CA ARG C 168 -13.58 1.42 -16.81
C ARG C 168 -13.74 2.33 -18.03
N GLU C 169 -12.66 2.61 -18.74
CA GLU C 169 -12.81 3.41 -19.95
C GLU C 169 -13.57 2.63 -21.04
N ILE C 170 -13.33 1.31 -21.14
CA ILE C 170 -14.13 0.50 -22.05
C ILE C 170 -15.61 0.64 -21.71
N VAL C 171 -15.93 0.51 -20.42
CA VAL C 171 -17.32 0.57 -19.99
C VAL C 171 -17.94 1.92 -20.37
N LEU C 172 -17.21 3.01 -20.14
CA LEU C 172 -17.74 4.34 -20.44
C LEU C 172 -18.01 4.51 -21.94
N LYS C 173 -17.12 4.00 -22.77
CA LYS C 173 -17.35 4.08 -24.21
C LYS C 173 -18.52 3.21 -24.65
N LEU C 174 -18.60 1.98 -24.13
CA LEU C 174 -19.73 1.12 -24.48
C LEU C 174 -21.05 1.75 -24.08
N GLU C 175 -21.09 2.39 -22.90
CA GLU C 175 -22.32 3.02 -22.44
C GLU C 175 -22.71 4.19 -23.33
N GLU C 176 -21.74 4.99 -23.77
CA GLU C 176 -22.06 6.07 -24.69
C GLU C 176 -22.61 5.53 -26.00
N MET C 177 -22.27 4.29 -26.35
CA MET C 177 -22.72 3.67 -27.58
C MET C 177 -24.04 2.91 -27.41
N GLY C 178 -24.69 3.01 -26.25
CA GLY C 178 -25.97 2.35 -26.06
C GLY C 178 -25.93 1.00 -25.37
N PHE C 179 -24.77 0.51 -24.96
CA PHE C 179 -24.72 -0.74 -24.19
C PHE C 179 -25.30 -0.51 -22.80
N GLU C 180 -26.02 -1.51 -22.29
CA GLU C 180 -26.28 -1.58 -20.85
C GLU C 180 -25.24 -2.52 -20.24
N ILE C 181 -24.24 -1.93 -19.62
CA ILE C 181 -23.17 -2.70 -18.98
C ILE C 181 -23.67 -3.17 -17.62
N GLU C 182 -23.35 -4.41 -17.26
CA GLU C 182 -23.78 -4.93 -15.98
C GLU C 182 -22.66 -4.99 -14.94
N ALA C 183 -21.42 -5.28 -15.33
CA ALA C 183 -20.34 -5.51 -14.38
C ALA C 183 -19.00 -5.53 -15.08
N SER C 184 -17.95 -5.33 -14.28
CA SER C 184 -16.57 -5.31 -14.76
C SER C 184 -15.70 -5.89 -13.66
N HIS C 185 -14.79 -6.80 -14.00
CA HIS C 185 -13.93 -7.39 -12.97
C HIS C 185 -12.74 -8.09 -13.62
N HIS C 186 -11.66 -8.21 -12.83
CA HIS C 186 -10.58 -9.12 -13.17
C HIS C 186 -11.08 -10.56 -13.12
N GLU C 187 -10.65 -11.38 -14.08
CA GLU C 187 -11.04 -12.79 -14.12
C GLU C 187 -9.94 -13.65 -13.44
N VAL C 188 -10.06 -14.98 -13.57
CA VAL C 188 -9.24 -15.89 -12.76
C VAL C 188 -7.75 -15.80 -13.13
N ALA C 189 -7.45 -15.76 -14.42
CA ALA C 189 -6.04 -15.89 -14.80
C ALA C 189 -5.33 -14.53 -14.73
N PRO C 190 -4.01 -14.53 -14.58
CA PRO C 190 -3.28 -13.26 -14.62
C PRO C 190 -3.54 -12.53 -15.93
N GLY C 191 -3.77 -11.22 -15.82
CA GLY C 191 -4.01 -10.41 -17.00
C GLY C 191 -5.32 -10.67 -17.71
N GLN C 192 -6.28 -11.33 -17.06
CA GLN C 192 -7.56 -11.70 -17.67
C GLN C 192 -8.68 -10.86 -17.08
N HIS C 193 -9.66 -10.50 -17.92
CA HIS C 193 -10.64 -9.49 -17.59
C HIS C 193 -12.00 -9.85 -18.17
N GLU C 194 -13.05 -9.34 -17.54
CA GLU C 194 -14.42 -9.57 -17.96
C GLU C 194 -15.23 -8.29 -17.83
N ILE C 195 -16.02 -7.99 -18.86
CA ILE C 195 -17.05 -6.96 -18.82
C ILE C 195 -18.33 -7.57 -19.36
N ASP C 196 -19.37 -7.58 -18.54
CA ASP C 196 -20.67 -8.16 -18.86
C ASP C 196 -21.66 -7.07 -19.28
N PHE C 197 -22.53 -7.42 -20.22
CA PHE C 197 -23.59 -6.50 -20.63
C PHE C 197 -24.90 -7.26 -20.76
N LYS C 198 -26.00 -6.50 -20.74
CA LYS C 198 -27.32 -7.12 -20.65
C LYS C 198 -27.63 -7.94 -21.89
N TYR C 199 -28.35 -9.03 -21.69
CA TYR C 199 -28.85 -9.84 -22.80
C TYR C 199 -29.65 -8.99 -23.78
N ALA C 200 -29.75 -9.46 -25.01
CA ALA C 200 -30.48 -8.78 -26.06
C ALA C 200 -30.97 -9.83 -27.05
N ASP C 201 -31.89 -9.44 -27.94
CA ASP C 201 -32.27 -10.35 -29.01
C ASP C 201 -31.04 -10.75 -29.82
N ALA C 202 -31.10 -11.96 -30.40
CA ALA C 202 -29.89 -12.65 -30.84
C ALA C 202 -29.07 -11.81 -31.83
N VAL C 203 -29.72 -11.22 -32.83
CA VAL C 203 -28.97 -10.47 -33.83
C VAL C 203 -28.27 -9.28 -33.17
N LYS C 204 -28.97 -8.58 -32.29
CA LYS C 204 -28.35 -7.47 -31.57
C LYS C 204 -27.23 -7.96 -30.67
N ALA C 205 -27.43 -9.08 -29.98
CA ALA C 205 -26.35 -9.64 -29.14
C ALA C 205 -25.09 -9.90 -29.95
N ALA C 206 -25.25 -10.46 -31.15
CA ALA C 206 -24.09 -10.75 -31.99
C ALA C 206 -23.45 -9.47 -32.53
N ASP C 207 -24.27 -8.48 -32.91
CA ASP C 207 -23.76 -7.15 -33.25
C ASP C 207 -22.98 -6.55 -32.08
N GLN C 208 -23.50 -6.69 -30.86
CA GLN C 208 -22.83 -6.13 -29.69
C GLN C 208 -21.53 -6.86 -29.39
N ILE C 209 -21.46 -8.18 -29.62
CA ILE C 209 -20.19 -8.88 -29.47
C ILE C 209 -19.14 -8.32 -30.42
N GLN C 210 -19.52 -8.08 -31.68
CA GLN C 210 -18.58 -7.52 -32.63
C GLN C 210 -18.11 -6.15 -32.18
N THR C 211 -19.05 -5.28 -31.81
CA THR C 211 -18.69 -3.95 -31.32
C THR C 211 -17.87 -4.02 -30.05
N PHE C 212 -18.25 -4.91 -29.11
CA PHE C 212 -17.50 -5.06 -27.85
C PHE C 212 -16.04 -5.37 -28.09
N LYS C 213 -15.76 -6.37 -28.93
CA LYS C 213 -14.38 -6.75 -29.22
C LYS C 213 -13.60 -5.57 -29.80
N LEU C 214 -14.23 -4.81 -30.68
CA LEU C 214 -13.59 -3.66 -31.31
C LEU C 214 -13.25 -2.58 -30.28
N VAL C 215 -14.19 -2.24 -29.42
CA VAL C 215 -13.94 -1.21 -28.40
C VAL C 215 -12.86 -1.66 -27.43
N VAL C 216 -12.91 -2.93 -27.01
CA VAL C 216 -11.90 -3.47 -26.10
C VAL C 216 -10.51 -3.32 -26.68
N LYS C 217 -10.33 -3.72 -27.95
CA LYS C 217 -8.99 -3.67 -28.53
C LYS C 217 -8.53 -2.24 -28.73
N THR C 218 -9.47 -1.34 -29.10
CA THR C 218 -9.13 0.06 -29.33
C THR C 218 -8.67 0.73 -28.05
N ILE C 219 -9.45 0.56 -26.97
CA ILE C 219 -9.11 1.21 -25.72
C ILE C 219 -7.86 0.59 -25.10
N ALA C 220 -7.72 -0.74 -25.18
CA ALA C 220 -6.52 -1.39 -24.67
C ALA C 220 -5.26 -0.78 -25.29
N ARG C 221 -5.30 -0.53 -26.59
CA ARG C 221 -4.14 0.05 -27.27
C ARG C 221 -3.86 1.47 -26.79
N GLN C 222 -4.92 2.27 -26.55
CA GLN C 222 -4.70 3.59 -25.98
C GLN C 222 -4.01 3.54 -24.63
N HIS C 223 -4.17 2.43 -23.89
CA HIS C 223 -3.49 2.25 -22.62
C HIS C 223 -2.16 1.53 -22.77
N GLY C 224 -1.64 1.43 -24.00
CA GLY C 224 -0.39 0.73 -24.20
C GLY C 224 -0.44 -0.77 -24.05
N LEU C 225 -1.63 -1.37 -24.18
CA LEU C 225 -1.80 -2.81 -24.00
C LEU C 225 -2.33 -3.43 -25.29
N HIS C 226 -2.24 -4.75 -25.38
CA HIS C 226 -2.79 -5.47 -26.52
C HIS C 226 -3.87 -6.41 -25.98
N ALA C 227 -5.11 -6.21 -26.42
CA ALA C 227 -6.20 -7.09 -26.00
C ALA C 227 -6.30 -8.27 -26.96
N THR C 228 -6.51 -9.49 -26.41
CA THR C 228 -6.75 -10.64 -27.28
C THR C 228 -7.89 -11.49 -26.77
N PHE C 229 -8.69 -12.00 -27.71
CA PHE C 229 -9.75 -12.97 -27.43
C PHE C 229 -9.34 -14.39 -27.84
N MET C 230 -8.04 -14.63 -28.02
CA MET C 230 -7.52 -15.98 -28.21
C MET C 230 -7.98 -16.89 -27.07
N PRO C 231 -8.47 -18.11 -27.36
CA PRO C 231 -9.10 -18.92 -26.30
C PRO C 231 -8.15 -19.31 -25.18
N LYS C 232 -6.88 -19.58 -25.47
CA LYS C 232 -5.96 -20.13 -24.49
C LYS C 232 -4.55 -19.64 -24.79
N PRO C 233 -4.25 -18.38 -24.47
CA PRO C 233 -2.92 -17.86 -24.80
C PRO C 233 -1.82 -18.46 -23.97
N LEU C 234 -2.13 -19.08 -22.82
CA LEU C 234 -1.11 -19.56 -21.90
C LEU C 234 -1.51 -20.91 -21.31
N PHE C 235 -0.59 -21.88 -21.38
CA PHE C 235 -0.77 -23.16 -20.72
C PHE C 235 -0.85 -22.99 -19.21
N GLY C 236 -1.67 -23.81 -18.57
CA GLY C 236 -1.63 -23.93 -17.13
C GLY C 236 -2.41 -22.89 -16.35
N VAL C 237 -3.08 -21.95 -17.04
CA VAL C 237 -3.98 -20.99 -16.42
C VAL C 237 -5.28 -21.02 -17.20
N ASN C 238 -6.32 -20.40 -16.63
CA ASN C 238 -7.63 -20.40 -17.30
C ASN C 238 -7.51 -19.83 -18.71
N GLY C 239 -8.29 -20.40 -19.62
CA GLY C 239 -8.53 -19.77 -20.90
C GLY C 239 -9.67 -18.77 -20.83
N SER C 240 -9.98 -18.20 -21.98
CA SER C 240 -11.07 -17.25 -22.14
C SER C 240 -12.23 -17.93 -22.83
N GLY C 241 -13.38 -17.96 -22.18
CA GLY C 241 -14.60 -18.44 -22.79
C GLY C 241 -15.44 -17.27 -23.28
N MET C 242 -16.51 -17.62 -24.01
CA MET C 242 -17.59 -16.69 -24.30
C MET C 242 -18.86 -17.46 -23.98
N HIS C 243 -19.20 -17.55 -22.68
CA HIS C 243 -20.41 -18.26 -22.31
C HIS C 243 -21.61 -17.59 -22.98
N CYS C 244 -22.49 -18.39 -23.56
CA CYS C 244 -23.66 -17.86 -24.24
C CYS C 244 -24.88 -18.21 -23.39
N ASN C 245 -25.29 -17.24 -22.58
CA ASN C 245 -26.53 -17.39 -21.82
C ASN C 245 -27.70 -17.20 -22.78
N GLN C 246 -28.65 -18.15 -22.74
CA GLN C 246 -29.74 -18.20 -23.70
C GLN C 246 -31.10 -18.45 -23.06
N SER C 247 -32.10 -17.78 -23.61
CA SER C 247 -33.50 -18.06 -23.30
C SER C 247 -34.36 -17.68 -24.51
N LEU C 248 -35.54 -18.29 -24.59
CA LEU C 248 -36.53 -17.96 -25.61
C LEU C 248 -37.66 -17.18 -24.97
N PHE C 249 -38.19 -16.16 -25.69
CA PHE C 249 -39.24 -15.30 -25.15
C PHE C 249 -40.49 -15.33 -26.02
N LYS C 250 -41.64 -15.14 -25.36
CA LYS C 250 -42.92 -14.87 -26.05
C LYS C 250 -43.41 -13.50 -25.57
N ASP C 251 -43.05 -12.50 -26.37
CA ASP C 251 -43.24 -11.04 -26.25
C ASP C 251 -42.54 -10.38 -25.09
N ASN C 252 -42.67 -10.97 -23.92
CA ASN C 252 -42.23 -10.28 -22.72
C ASN C 252 -41.96 -11.35 -21.69
N GLU C 253 -42.37 -12.57 -22.04
CA GLU C 253 -42.42 -13.68 -21.13
C GLU C 253 -41.24 -14.57 -21.43
N ASN C 254 -40.43 -14.83 -20.43
CA ASN C 254 -39.35 -15.80 -20.55
C ASN C 254 -39.97 -17.20 -20.52
N VAL C 255 -40.06 -17.85 -21.69
CA VAL C 255 -40.71 -19.16 -21.72
C VAL C 255 -39.87 -20.25 -21.08
N PHE C 256 -38.58 -19.98 -20.81
CA PHE C 256 -37.75 -20.96 -20.09
C PHE C 256 -38.09 -21.04 -18.60
N TYR C 257 -38.83 -20.07 -18.08
CA TYR C 257 -39.12 -19.95 -16.66
C TYR C 257 -40.42 -20.65 -16.31
N ASP C 258 -40.39 -21.47 -15.26
CA ASP C 258 -41.57 -22.14 -14.72
C ASP C 258 -41.37 -22.17 -13.21
N GLU C 259 -42.14 -21.37 -12.49
CA GLU C 259 -41.93 -21.23 -11.05
C GLU C 259 -42.22 -22.51 -10.29
N THR C 260 -43.05 -23.40 -10.84
CA THR C 260 -43.35 -24.67 -10.18
C THR C 260 -42.17 -25.64 -10.20
N ASP C 261 -41.12 -25.37 -10.97
CA ASP C 261 -40.02 -26.32 -11.11
C ASP C 261 -38.92 -26.07 -10.10
N GLU C 262 -38.23 -27.16 -9.74
CA GLU C 262 -37.13 -27.14 -8.78
C GLU C 262 -36.09 -26.07 -9.14
N LEU C 263 -35.68 -26.03 -10.40
CA LEU C 263 -34.67 -25.08 -10.86
C LEU C 263 -35.30 -23.89 -11.59
N GLY C 264 -36.62 -23.78 -11.60
CA GLY C 264 -37.28 -22.75 -12.38
C GLY C 264 -37.28 -22.99 -13.87
N LEU C 265 -36.94 -24.20 -14.32
CA LEU C 265 -36.81 -24.50 -15.74
C LEU C 265 -38.11 -25.07 -16.31
N SER C 266 -38.61 -24.46 -17.39
CA SER C 266 -39.79 -25.01 -18.05
C SER C 266 -39.42 -26.27 -18.83
N GLN C 267 -40.44 -27.04 -19.19
CA GLN C 267 -40.21 -28.21 -20.03
C GLN C 267 -39.60 -27.82 -21.38
N THR C 268 -40.03 -26.67 -21.92
CA THR C 268 -39.38 -26.12 -23.10
C THR C 268 -37.89 -25.88 -22.87
N ALA C 269 -37.53 -25.32 -21.71
CA ALA C 269 -36.11 -25.12 -21.39
C ALA C 269 -35.37 -26.45 -21.36
N ARG C 270 -35.98 -27.49 -20.79
CA ARG C 270 -35.25 -28.74 -20.66
C ARG C 270 -35.09 -29.43 -22.01
N HIS C 271 -36.10 -29.34 -22.88
CA HIS C 271 -35.97 -29.88 -24.24
C HIS C 271 -34.91 -29.12 -25.03
N TYR C 272 -34.88 -27.80 -24.86
CA TYR C 272 -33.85 -26.99 -25.51
C TYR C 272 -32.47 -27.42 -25.05
N MET C 273 -32.28 -27.59 -23.74
CA MET C 273 -31.02 -28.06 -23.20
C MET C 273 -30.64 -29.43 -23.77
N ALA C 274 -31.63 -30.32 -23.88
CA ALA C 274 -31.37 -31.64 -24.42
C ALA C 274 -30.86 -31.55 -25.85
N GLY C 275 -31.42 -30.62 -26.64
CA GLY C 275 -30.93 -30.42 -27.99
C GLY C 275 -29.50 -29.91 -28.04
N ILE C 276 -29.15 -28.96 -27.18
CA ILE C 276 -27.77 -28.47 -27.11
C ILE C 276 -26.84 -29.65 -26.82
N LEU C 277 -27.20 -30.48 -25.85
CA LEU C 277 -26.35 -31.61 -25.47
C LEU C 277 -26.25 -32.63 -26.59
N LYS C 278 -27.38 -32.92 -27.24
CA LYS C 278 -27.40 -33.91 -28.32
C LYS C 278 -26.43 -33.54 -29.43
N HIS C 279 -26.42 -32.28 -29.83
CA HIS C 279 -25.60 -31.80 -30.93
C HIS C 279 -24.31 -31.13 -30.48
N ALA C 280 -23.95 -31.23 -29.19
CA ALA C 280 -22.75 -30.58 -28.68
C ALA C 280 -21.54 -30.85 -29.55
N ARG C 281 -21.24 -32.14 -29.78
CA ARG C 281 -20.05 -32.50 -30.55
C ARG C 281 -20.13 -31.95 -31.97
N ALA C 282 -21.33 -31.90 -32.54
CA ALA C 282 -21.52 -31.50 -33.93
C ALA C 282 -21.38 -30.01 -34.15
N MET C 283 -21.64 -29.18 -33.15
CA MET C 283 -21.50 -27.73 -33.28
C MET C 283 -20.14 -27.22 -32.80
N ALA C 284 -19.33 -28.10 -32.23
CA ALA C 284 -18.06 -27.67 -31.62
C ALA C 284 -17.16 -26.98 -32.63
N ALA C 285 -17.15 -27.44 -33.89
CA ALA C 285 -16.28 -26.80 -34.87
C ALA C 285 -16.66 -25.34 -35.09
N ILE C 286 -17.93 -24.99 -34.86
CA ILE C 286 -18.36 -23.60 -35.03
C ILE C 286 -18.17 -22.82 -33.75
N THR C 287 -18.55 -23.38 -32.60
CA THR C 287 -18.41 -22.67 -31.34
C THR C 287 -16.96 -22.63 -30.86
N ASN C 288 -16.12 -23.55 -31.32
CA ASN C 288 -14.71 -23.64 -30.93
C ASN C 288 -13.91 -23.84 -32.20
N PRO C 289 -13.72 -22.77 -32.97
CA PRO C 289 -13.28 -22.90 -34.36
C PRO C 289 -11.79 -22.87 -34.64
N THR C 290 -10.92 -22.70 -33.64
CA THR C 290 -9.47 -22.65 -33.88
C THR C 290 -8.80 -23.89 -33.33
N VAL C 291 -7.55 -24.12 -33.76
CA VAL C 291 -6.73 -25.16 -33.14
C VAL C 291 -6.62 -24.90 -31.65
N ASN C 292 -6.41 -23.64 -31.28
CA ASN C 292 -6.19 -23.24 -29.90
C ASN C 292 -7.43 -23.41 -29.04
N SER C 293 -8.63 -23.39 -29.64
CA SER C 293 -9.85 -23.64 -28.85
C SER C 293 -9.78 -24.92 -28.04
N TYR C 294 -9.14 -25.95 -28.58
CA TYR C 294 -9.13 -27.25 -27.91
C TYR C 294 -8.05 -27.34 -26.84
N LYS C 295 -7.16 -26.35 -26.76
CA LYS C 295 -6.28 -26.22 -25.60
C LYS C 295 -7.00 -25.62 -24.41
N ARG C 296 -8.11 -24.90 -24.64
CA ARG C 296 -8.94 -24.45 -23.54
C ARG C 296 -9.87 -25.56 -23.03
N LEU C 297 -10.38 -26.39 -23.94
CA LEU C 297 -11.29 -27.47 -23.56
C LEU C 297 -10.51 -28.64 -22.98
N VAL C 298 -9.76 -28.35 -21.91
CA VAL C 298 -9.06 -29.37 -21.14
C VAL C 298 -9.52 -29.26 -19.69
N PRO C 299 -9.45 -30.33 -18.90
CA PRO C 299 -10.09 -30.30 -17.58
C PRO C 299 -9.33 -29.45 -16.57
N GLY C 300 -10.08 -28.85 -15.65
CA GLY C 300 -9.52 -28.17 -14.51
C GLY C 300 -9.49 -26.65 -14.56
N TYR C 301 -10.16 -26.02 -15.53
CA TYR C 301 -10.02 -24.57 -15.68
C TYR C 301 -11.35 -23.87 -15.87
N GLU C 302 -12.44 -24.47 -15.38
CA GLU C 302 -13.79 -23.94 -15.50
C GLU C 302 -14.25 -23.81 -16.93
N ALA C 303 -13.58 -24.47 -17.83
CA ALA C 303 -14.06 -24.68 -19.18
C ALA C 303 -14.58 -26.11 -19.32
N PRO C 304 -15.58 -26.36 -20.15
CA PRO C 304 -16.08 -27.73 -20.28
C PRO C 304 -15.18 -28.58 -21.16
N CYS C 305 -15.21 -29.88 -20.89
CA CYS C 305 -14.71 -30.80 -21.89
C CYS C 305 -15.58 -32.04 -22.03
N TYR C 306 -16.65 -32.16 -21.24
CA TYR C 306 -17.60 -33.25 -21.30
C TYR C 306 -19.00 -32.72 -21.53
N VAL C 307 -19.80 -33.50 -22.24
CA VAL C 307 -21.15 -33.11 -22.61
C VAL C 307 -22.07 -33.47 -21.44
N ALA C 308 -22.38 -32.48 -20.61
CA ALA C 308 -23.21 -32.67 -19.43
C ALA C 308 -23.76 -31.31 -18.98
N TRP C 309 -24.74 -31.35 -18.06
CA TRP C 309 -25.31 -30.15 -17.48
C TRP C 309 -25.44 -30.31 -15.98
N SER C 310 -25.51 -29.19 -15.27
CA SER C 310 -25.69 -29.20 -13.82
C SER C 310 -26.00 -27.78 -13.37
N ALA C 311 -26.80 -27.65 -12.33
CA ALA C 311 -27.11 -26.34 -11.75
C ALA C 311 -25.92 -25.82 -10.93
N SER C 312 -25.68 -24.50 -11.01
CA SER C 312 -24.72 -23.82 -10.14
C SER C 312 -23.34 -24.50 -10.15
N ASN C 313 -22.99 -25.10 -11.29
CA ASN C 313 -21.79 -25.92 -11.44
C ASN C 313 -21.00 -25.38 -12.61
N ARG C 314 -19.71 -25.11 -12.41
CA ARG C 314 -18.87 -24.55 -13.47
C ARG C 314 -17.95 -25.57 -14.13
N SER C 315 -18.06 -26.87 -13.78
CA SER C 315 -17.38 -27.95 -14.50
C SER C 315 -18.05 -28.45 -15.80
N PRO C 316 -19.40 -28.40 -15.96
CA PRO C 316 -19.99 -29.03 -17.14
C PRO C 316 -20.10 -28.12 -18.35
N MET C 317 -20.73 -28.63 -19.41
CA MET C 317 -20.91 -27.84 -20.63
C MET C 317 -22.03 -26.82 -20.48
N ILE C 318 -23.10 -27.18 -19.77
CA ILE C 318 -24.22 -26.29 -19.52
C ILE C 318 -24.36 -26.12 -18.03
N ARG C 319 -24.35 -24.86 -17.58
CA ARG C 319 -24.70 -24.51 -16.22
C ARG C 319 -26.08 -23.84 -16.22
N ILE C 320 -26.88 -24.14 -15.22
CA ILE C 320 -28.11 -23.39 -14.94
C ILE C 320 -27.79 -22.47 -13.75
N PRO C 321 -27.59 -21.18 -13.96
CA PRO C 321 -27.26 -20.30 -12.84
C PRO C 321 -28.40 -20.26 -11.83
N ALA C 322 -28.03 -20.02 -10.58
CA ALA C 322 -28.96 -20.10 -9.45
C ALA C 322 -29.75 -18.79 -9.29
N SER C 323 -30.51 -18.46 -10.33
CA SER C 323 -31.43 -17.33 -10.29
C SER C 323 -32.61 -17.71 -11.17
N ARG C 324 -33.74 -17.06 -10.93
CA ARG C 324 -34.96 -17.44 -11.63
C ARG C 324 -35.80 -16.21 -11.95
N GLY C 325 -36.78 -16.42 -12.82
CA GLY C 325 -37.63 -15.35 -13.30
C GLY C 325 -37.19 -14.90 -14.67
N LEU C 326 -37.13 -13.59 -14.89
CA LEU C 326 -36.60 -13.09 -16.16
C LEU C 326 -35.16 -13.54 -16.37
N SER C 327 -34.40 -13.78 -15.31
CA SER C 327 -33.01 -14.22 -15.46
C SER C 327 -32.85 -15.73 -15.57
N THR C 328 -33.95 -16.50 -15.62
CA THR C 328 -33.83 -17.93 -15.92
C THR C 328 -33.23 -18.11 -17.31
N ARG C 329 -32.13 -18.86 -17.39
CA ARG C 329 -31.42 -18.99 -18.66
C ARG C 329 -30.57 -20.25 -18.66
N VAL C 330 -30.21 -20.67 -19.85
CA VAL C 330 -29.29 -21.78 -20.07
C VAL C 330 -27.92 -21.19 -20.38
N GLU C 331 -26.92 -21.47 -19.55
CA GLU C 331 -25.57 -20.98 -19.83
C GLU C 331 -24.78 -22.07 -20.55
N VAL C 332 -24.59 -21.90 -21.86
CA VAL C 332 -23.75 -22.80 -22.64
C VAL C 332 -22.32 -22.26 -22.57
N ARG C 333 -21.43 -23.02 -21.92
CA ARG C 333 -20.13 -22.50 -21.52
C ARG C 333 -19.02 -22.86 -22.50
N ASN C 334 -19.25 -23.76 -23.45
CA ASN C 334 -18.11 -24.16 -24.29
C ASN C 334 -17.66 -23.14 -25.34
N PRO C 335 -18.50 -22.27 -25.91
CA PRO C 335 -17.99 -21.33 -26.92
C PRO C 335 -16.85 -20.48 -26.38
N ASP C 336 -15.90 -20.17 -27.25
CA ASP C 336 -14.86 -19.21 -26.90
C ASP C 336 -15.01 -17.96 -27.76
N PRO C 337 -14.35 -16.86 -27.37
CA PRO C 337 -14.58 -15.60 -28.10
C PRO C 337 -13.95 -15.55 -29.48
N ALA C 338 -13.29 -16.61 -29.93
CA ALA C 338 -12.92 -16.70 -31.34
C ALA C 338 -14.06 -17.15 -32.23
N ALA C 339 -15.17 -17.64 -31.67
CA ALA C 339 -16.28 -18.06 -32.50
C ALA C 339 -16.91 -16.87 -33.21
N ASN C 340 -17.30 -17.07 -34.45
CA ASN C 340 -18.17 -16.11 -35.13
C ASN C 340 -19.47 -16.01 -34.34
N PRO C 341 -19.80 -14.87 -33.74
CA PRO C 341 -21.02 -14.83 -32.92
C PRO C 341 -22.28 -15.14 -33.70
N TYR C 342 -22.36 -14.71 -34.96
CA TYR C 342 -23.57 -15.00 -35.73
C TYR C 342 -23.73 -16.50 -35.98
N LEU C 343 -22.65 -17.17 -36.41
CA LEU C 343 -22.73 -18.61 -36.67
C LEU C 343 -22.94 -19.38 -35.38
N ALA C 344 -22.27 -18.97 -34.31
CA ALA C 344 -22.38 -19.69 -33.04
C ALA C 344 -23.81 -19.62 -32.50
N LEU C 345 -24.41 -18.43 -32.49
CA LEU C 345 -25.81 -18.34 -32.06
C LEU C 345 -26.71 -19.14 -32.99
N ALA C 346 -26.41 -19.15 -34.30
CA ALA C 346 -27.27 -19.86 -35.23
C ALA C 346 -27.28 -21.36 -34.96
N VAL C 347 -26.10 -21.95 -34.72
CA VAL C 347 -26.07 -23.41 -34.57
C VAL C 347 -26.62 -23.81 -33.22
N MET C 348 -26.43 -22.98 -32.19
CA MET C 348 -27.00 -23.33 -30.89
C MET C 348 -28.51 -23.16 -30.87
N LEU C 349 -29.04 -22.14 -31.54
CA LEU C 349 -30.49 -22.02 -31.66
C LEU C 349 -31.08 -23.20 -32.42
N ARG C 350 -30.47 -23.58 -33.55
CA ARG C 350 -31.02 -24.69 -34.30
C ARG C 350 -30.96 -26.00 -33.52
N ALA C 351 -29.90 -26.19 -32.74
CA ALA C 351 -29.81 -27.38 -31.90
C ALA C 351 -30.85 -27.35 -30.80
N GLY C 352 -31.05 -26.19 -30.18
CA GLY C 352 -32.07 -26.08 -29.17
C GLY C 352 -33.47 -26.28 -29.72
N LEU C 353 -33.75 -25.73 -30.90
CA LEU C 353 -35.07 -25.89 -31.50
C LEU C 353 -35.33 -27.35 -31.88
N ASP C 354 -34.31 -28.04 -32.41
CA ASP C 354 -34.44 -29.47 -32.67
C ASP C 354 -34.79 -30.22 -31.40
N GLY C 355 -34.19 -29.83 -30.28
CA GLY C 355 -34.55 -30.45 -29.00
C GLY C 355 -36.00 -30.22 -28.65
N ILE C 356 -36.50 -29.00 -28.86
CA ILE C 356 -37.91 -28.72 -28.60
C ILE C 356 -38.82 -29.47 -29.58
N LYS C 357 -38.51 -29.40 -30.88
CA LYS C 357 -39.39 -30.01 -31.87
C LYS C 357 -39.47 -31.52 -31.72
N ARG C 358 -38.38 -32.15 -31.30
CA ARG C 358 -38.36 -33.60 -31.13
C ARG C 358 -38.60 -34.00 -29.68
N GLN C 359 -38.91 -33.04 -28.81
CA GLN C 359 -39.14 -33.29 -27.38
C GLN C 359 -38.10 -34.24 -26.80
N MET C 360 -36.83 -33.91 -27.07
CA MET C 360 -35.72 -34.74 -26.63
C MET C 360 -35.68 -34.82 -25.11
N ALA C 361 -35.42 -36.03 -24.61
CA ALA C 361 -35.34 -36.25 -23.17
C ALA C 361 -34.02 -35.71 -22.61
N LEU C 362 -34.13 -34.91 -21.56
CA LEU C 362 -32.96 -34.32 -20.93
C LEU C 362 -32.24 -35.35 -20.08
N PRO C 363 -30.96 -35.62 -20.32
CA PRO C 363 -30.22 -36.53 -19.44
C PRO C 363 -30.19 -36.00 -18.02
N ALA C 364 -29.93 -36.90 -17.08
CA ALA C 364 -29.77 -36.51 -15.69
C ALA C 364 -28.58 -35.56 -15.55
N PRO C 365 -28.62 -34.60 -14.63
CA PRO C 365 -27.48 -33.71 -14.43
C PRO C 365 -26.35 -34.42 -13.72
N ILE C 366 -25.15 -33.90 -13.91
CA ILE C 366 -23.95 -34.44 -13.28
C ILE C 366 -23.60 -33.46 -12.16
N ASP C 367 -24.10 -33.74 -10.95
CA ASP C 367 -23.98 -32.80 -9.83
C ASP C 367 -22.70 -33.04 -9.03
N ARG C 368 -21.57 -32.87 -9.72
CA ARG C 368 -20.27 -33.03 -9.09
C ARG C 368 -19.22 -32.31 -9.92
N ASN C 369 -18.01 -32.26 -9.38
CA ASN C 369 -16.85 -31.79 -10.13
C ASN C 369 -16.55 -32.83 -11.19
N ILE C 370 -16.96 -32.57 -12.44
CA ILE C 370 -16.83 -33.57 -13.49
C ILE C 370 -15.38 -33.81 -13.89
N TYR C 371 -14.47 -32.88 -13.56
CA TYR C 371 -13.07 -33.05 -13.93
C TYR C 371 -12.41 -34.21 -13.18
N VAL C 372 -12.84 -34.50 -11.95
CA VAL C 372 -12.19 -35.52 -11.13
C VAL C 372 -12.87 -36.88 -11.26
N MET C 373 -13.83 -37.02 -12.15
CA MET C 373 -14.41 -38.32 -12.42
C MET C 373 -13.47 -39.13 -13.30
N SER C 374 -13.37 -40.43 -13.01
CA SER C 374 -12.54 -41.27 -13.85
C SER C 374 -13.25 -41.56 -15.17
N GLU C 375 -12.46 -41.99 -16.17
CA GLU C 375 -13.04 -42.41 -17.43
C GLU C 375 -14.06 -43.51 -17.22
N GLU C 376 -13.79 -44.42 -16.28
CA GLU C 376 -14.71 -45.51 -15.97
C GLU C 376 -16.06 -44.97 -15.50
N GLU C 377 -16.03 -44.03 -14.54
CA GLU C 377 -17.27 -43.42 -14.06
C GLU C 377 -17.98 -42.67 -15.19
N ARG C 378 -17.23 -41.94 -16.01
CA ARG C 378 -17.85 -41.22 -17.12
C ARG C 378 -18.55 -42.18 -18.08
N ILE C 379 -17.95 -43.34 -18.33
CA ILE C 379 -18.59 -44.31 -19.22
C ILE C 379 -19.82 -44.92 -18.56
N GLU C 380 -19.74 -45.19 -17.25
CA GLU C 380 -20.89 -45.79 -16.56
C GLU C 380 -22.11 -44.89 -16.65
N GLU C 381 -21.92 -43.58 -16.47
CA GLU C 381 -23.02 -42.63 -16.50
C GLU C 381 -23.31 -42.10 -17.90
N GLY C 382 -22.64 -42.62 -18.93
CA GLY C 382 -22.92 -42.23 -20.30
C GLY C 382 -22.65 -40.78 -20.61
N ILE C 383 -21.52 -40.25 -20.13
CA ILE C 383 -21.14 -38.86 -20.34
C ILE C 383 -20.23 -38.79 -21.54
N PRO C 384 -20.65 -38.25 -22.67
CA PRO C 384 -19.74 -38.08 -23.81
C PRO C 384 -18.76 -36.92 -23.62
N SER C 385 -17.67 -36.99 -24.38
CA SER C 385 -16.65 -35.96 -24.39
C SER C 385 -16.92 -35.00 -25.54
N LEU C 386 -16.59 -33.72 -25.32
CA LEU C 386 -16.47 -32.81 -26.44
C LEU C 386 -15.30 -33.27 -27.32
N PRO C 387 -15.23 -32.81 -28.57
CA PRO C 387 -14.14 -33.24 -29.44
C PRO C 387 -12.79 -32.78 -28.88
N ALA C 388 -11.76 -33.59 -29.15
CA ALA C 388 -10.44 -33.38 -28.56
C ALA C 388 -9.59 -32.41 -29.36
N ASP C 389 -9.89 -32.20 -30.64
CA ASP C 389 -9.11 -31.27 -31.44
C ASP C 389 -9.97 -30.84 -32.63
N LEU C 390 -9.48 -29.84 -33.37
CA LEU C 390 -10.28 -29.24 -34.43
C LEU C 390 -10.64 -30.25 -35.51
N LYS C 391 -9.69 -31.13 -35.84
CA LYS C 391 -9.93 -32.13 -36.87
C LYS C 391 -11.11 -33.03 -36.51
N GLU C 392 -11.15 -33.51 -35.26
CA GLU C 392 -12.26 -34.34 -34.82
C GLU C 392 -13.57 -33.57 -34.85
N ALA C 393 -13.55 -32.30 -34.41
CA ALA C 393 -14.76 -31.49 -34.47
C ALA C 393 -15.25 -31.31 -35.89
N LEU C 394 -14.34 -31.05 -36.83
CA LEU C 394 -14.72 -30.90 -38.23
C LEU C 394 -15.34 -32.19 -38.77
N SER C 395 -14.80 -33.34 -38.40
CA SER C 395 -15.40 -34.59 -38.85
C SER C 395 -16.80 -34.76 -38.30
N GLU C 396 -17.05 -34.29 -37.07
CA GLU C 396 -18.41 -34.34 -36.53
C GLU C 396 -19.34 -33.34 -37.21
N LEU C 397 -18.81 -32.20 -37.64
CA LEU C 397 -19.66 -31.17 -38.25
C LEU C 397 -20.26 -31.66 -39.57
N ILE C 398 -19.43 -32.25 -40.44
CA ILE C 398 -19.93 -32.68 -41.75
C ILE C 398 -20.88 -33.85 -41.64
N ARG C 399 -20.83 -34.61 -40.55
CA ARG C 399 -21.74 -35.73 -40.37
C ARG C 399 -23.07 -35.31 -39.75
N SER C 400 -23.22 -34.04 -39.38
CA SER C 400 -24.43 -33.55 -38.71
C SER C 400 -25.32 -32.85 -39.70
N GLU C 401 -26.50 -33.42 -39.96
CA GLU C 401 -27.39 -32.75 -40.90
C GLU C 401 -28.09 -31.55 -40.25
N VAL C 402 -28.34 -31.61 -38.94
CA VAL C 402 -29.00 -30.49 -38.26
C VAL C 402 -28.09 -29.26 -38.23
N ILE C 403 -26.83 -29.44 -37.83
CA ILE C 403 -25.92 -28.30 -37.76
C ILE C 403 -25.52 -27.85 -39.16
N SER C 404 -25.27 -28.80 -40.08
CA SER C 404 -24.99 -28.45 -41.47
C SER C 404 -26.09 -27.59 -42.07
N ASP C 405 -27.35 -27.98 -41.84
CA ASP C 405 -28.47 -27.21 -42.39
C ASP C 405 -28.54 -25.80 -41.81
N ALA C 406 -28.18 -25.64 -40.53
CA ALA C 406 -28.08 -24.29 -39.96
C ALA C 406 -27.19 -23.41 -40.82
N LEU C 407 -26.00 -23.92 -41.16
CA LEU C 407 -24.99 -23.11 -41.85
C LEU C 407 -25.37 -22.85 -43.31
N GLY C 408 -26.03 -23.80 -43.96
CA GLY C 408 -26.25 -23.73 -45.39
C GLY C 408 -25.03 -24.18 -46.18
N ASP C 409 -25.27 -24.57 -47.42
CA ASP C 409 -24.25 -25.24 -48.23
C ASP C 409 -23.01 -24.37 -48.45
N HIS C 410 -23.19 -23.07 -48.65
CA HIS C 410 -22.06 -22.22 -49.00
C HIS C 410 -21.10 -22.07 -47.84
N ALA C 411 -21.60 -21.59 -46.70
CA ALA C 411 -20.73 -21.40 -45.54
C ALA C 411 -20.14 -22.72 -45.08
N LEU C 412 -20.94 -23.81 -45.13
CA LEU C 412 -20.42 -25.12 -44.73
C LEU C 412 -19.20 -25.50 -45.58
N ALA C 413 -19.31 -25.34 -46.91
CA ALA C 413 -18.22 -25.76 -47.78
C ALA C 413 -16.98 -24.87 -47.59
N TYR C 414 -17.17 -23.55 -47.50
CA TYR C 414 -16.03 -22.66 -47.27
C TYR C 414 -15.43 -22.87 -45.89
N PHE C 415 -16.27 -23.03 -44.86
CA PHE C 415 -15.75 -23.21 -43.51
C PHE C 415 -14.90 -24.49 -43.43
N TYR C 416 -15.39 -25.58 -43.99
CA TYR C 416 -14.65 -26.83 -43.92
C TYR C 416 -13.34 -26.75 -44.68
N GLU C 417 -13.34 -26.11 -45.85
CA GLU C 417 -12.10 -26.01 -46.62
C GLU C 417 -11.07 -25.15 -45.89
N LEU C 418 -11.49 -24.03 -45.32
CA LEU C 418 -10.57 -23.17 -44.57
C LEU C 418 -9.99 -23.91 -43.38
N LYS C 419 -10.83 -24.59 -42.62
CA LYS C 419 -10.37 -25.22 -41.39
C LYS C 419 -9.53 -26.46 -41.66
N GLU C 420 -9.79 -27.16 -42.76
CA GLU C 420 -8.94 -28.30 -43.12
C GLU C 420 -7.55 -27.82 -43.53
N ILE C 421 -7.47 -26.66 -44.18
CA ILE C 421 -6.15 -26.09 -44.47
C ILE C 421 -5.47 -25.64 -43.19
N GLU C 422 -6.22 -24.99 -42.30
CA GLU C 422 -5.68 -24.59 -41.00
C GLU C 422 -5.14 -25.79 -40.24
N TRP C 423 -5.91 -26.89 -40.20
CA TRP C 423 -5.49 -28.05 -39.42
C TRP C 423 -4.27 -28.73 -40.06
N ASP C 424 -4.25 -28.84 -41.39
CA ASP C 424 -3.11 -29.48 -42.03
C ASP C 424 -1.84 -28.67 -41.83
N MET C 425 -1.93 -27.34 -41.79
CA MET C 425 -0.74 -26.55 -41.51
C MET C 425 -0.26 -26.76 -40.08
N TYR C 426 -1.20 -26.80 -39.12
CA TYR C 426 -0.83 -26.99 -37.72
C TYR C 426 -0.20 -28.36 -37.51
N ARG C 427 -0.82 -29.40 -38.06
CA ARG C 427 -0.45 -30.78 -37.79
C ARG C 427 0.94 -31.12 -38.31
N THR C 428 1.46 -30.39 -39.30
CA THR C 428 2.78 -30.69 -39.83
C THR C 428 3.89 -29.86 -39.19
N GLN C 429 3.56 -28.85 -38.38
CA GLN C 429 4.58 -28.08 -37.69
C GLN C 429 5.34 -28.94 -36.69
N VAL C 430 6.61 -28.62 -36.49
CA VAL C 430 7.41 -29.22 -35.43
C VAL C 430 7.56 -28.18 -34.34
N HIS C 431 6.95 -28.41 -33.19
CA HIS C 431 6.92 -27.37 -32.16
C HIS C 431 8.15 -27.49 -31.26
N GLN C 432 8.47 -26.37 -30.59
CA GLN C 432 9.60 -26.34 -29.67
C GLN C 432 9.46 -27.41 -28.59
N TRP C 433 8.24 -27.71 -28.15
CA TRP C 433 8.06 -28.76 -27.16
C TRP C 433 8.67 -30.06 -27.62
N GLU C 434 8.52 -30.37 -28.92
CA GLU C 434 9.09 -31.59 -29.45
C GLU C 434 10.62 -31.56 -29.42
N ARG C 435 11.22 -30.41 -29.76
CA ARG C 435 12.67 -30.30 -29.66
C ARG C 435 13.14 -30.50 -28.22
N ASP C 436 12.46 -29.86 -27.27
CA ASP C 436 12.85 -29.98 -25.87
C ASP C 436 12.75 -31.43 -25.38
N GLN C 437 11.71 -32.15 -25.80
CA GLN C 437 11.51 -33.52 -25.32
C GLN C 437 12.42 -34.53 -26.01
N TYR C 438 12.78 -34.32 -27.28
CA TYR C 438 13.33 -35.39 -28.09
C TYR C 438 14.71 -35.14 -28.68
N LEU C 439 15.14 -33.88 -28.79
CA LEU C 439 16.35 -33.58 -29.55
C LEU C 439 17.60 -34.13 -28.85
N THR C 440 17.64 -34.09 -27.52
CA THR C 440 18.76 -34.69 -26.80
C THR C 440 18.45 -36.10 -26.30
N LEU C 441 17.18 -36.49 -26.23
CA LEU C 441 16.84 -37.83 -25.76
C LEU C 441 17.08 -38.87 -26.85
N TYR C 442 16.64 -38.59 -28.06
CA TYR C 442 16.90 -39.49 -29.19
C TYR C 442 18.04 -38.90 -30.05
PB ADP D . 32.29 35.56 13.50
O1B ADP D . 32.67 34.59 14.58
O2B ADP D . 32.18 34.99 12.10
O3B ADP D . 33.05 36.85 13.56
PA ADP D . 29.37 35.72 13.21
O1A ADP D . 29.37 34.55 12.25
O2A ADP D . 28.75 37.04 12.80
O3A ADP D . 30.78 36.01 13.92
O5' ADP D . 28.55 35.18 14.47
C5' ADP D . 28.53 35.97 15.64
C4' ADP D . 27.38 35.47 16.47
O4' ADP D . 27.48 35.99 17.79
C3' ADP D . 26.06 35.94 15.86
O3' ADP D . 25.10 34.90 16.05
C2' ADP D . 25.71 37.10 16.77
O2' ADP D . 24.29 37.35 16.82
C1' ADP D . 26.21 36.56 18.09
N9 ADP D . 26.25 37.57 19.15
C8 ADP D . 26.41 38.90 19.02
N7 ADP D . 26.37 39.49 20.24
C5 ADP D . 26.20 38.53 21.16
C6 ADP D . 26.08 38.44 22.63
N6 ADP D . 26.13 39.55 23.41
N1 ADP D . 25.90 37.21 23.17
C2 ADP D . 25.86 36.09 22.44
N3 ADP D . 25.96 36.09 21.10
C4 ADP D . 26.11 37.26 20.43
O3A P3S E . 34.91 33.43 11.02
PA P3S E . 34.06 32.29 11.58
O1A P3S E . 34.01 32.44 13.06
O2A P3S E . 32.67 32.35 10.97
NE P3S E . 34.83 30.78 11.37
SD P3S E . 36.04 30.55 10.45
OE P3S E . 36.86 31.36 11.33
CE P3S E . 36.68 31.56 9.07
CG P3S E . 36.08 28.77 10.05
CB P3S E . 36.15 28.01 11.40
CA P3S E . 36.29 26.51 11.12
N P3S E . 35.38 26.11 10.03
C P3S E . 36.01 25.69 12.38
OT P3S E . 36.18 24.45 12.31
O P3S E . 35.62 26.25 13.46
MG MG F . 32.49 30.54 10.11
MG MG G . 32.79 32.51 14.57
MG MG H . 30.97 33.51 11.35
PB ADP I . 0.85 2.84 20.69
O1B ADP I . 0.59 1.38 20.77
O2B ADP I . 1.21 3.48 21.99
O3B ADP I . 1.76 3.24 19.57
PA ADP I . -1.10 4.12 18.99
O1A ADP I . -1.51 5.53 19.23
O2A ADP I . -0.28 3.74 17.80
O3A ADP I . -0.59 3.46 20.36
O5' ADP I . -2.44 3.28 18.81
C5' ADP I . -3.40 3.21 19.86
C4' ADP I . -4.68 2.71 19.26
O4' ADP I . -5.55 2.29 20.34
C3' ADP I . -5.38 3.85 18.53
O3' ADP I . -6.13 3.33 17.43
C2' ADP I . -6.39 4.33 19.53
O2' ADP I . -7.52 4.95 18.91
C1' ADP I . -6.76 2.99 20.15
N9 ADP I . -7.58 3.14 21.36
C8 ADP I . -7.64 4.18 22.20
N7 ADP I . -8.56 3.95 23.18
C5 ADP I . -9.09 2.73 22.95
C6 ADP I . -10.10 1.87 23.61
N6 ADP I . -10.74 2.29 24.73
N1 ADP I . -10.35 0.68 23.06
C2 ADP I . -9.73 0.25 21.94
N3 ADP I . -8.79 0.97 21.31
C4 ADP I . -8.45 2.20 21.75
O3A P3S J . 3.32 1.69 17.61
PA P3S J . 3.95 0.88 18.71
O1A P3S J . 2.97 0.17 19.58
O2A P3S J . 4.77 1.83 19.56
NE P3S J . 4.87 -0.40 18.07
SD P3S J . 6.39 -0.44 18.13
OE P3S J . 6.32 -0.67 19.56
CE P3S J . 7.68 0.78 18.54
CG P3S J . 6.94 -1.50 16.75
CB P3S J . 6.33 -2.91 17.02
CA P3S J . 6.87 -3.96 16.04
N P3S J . 6.93 -3.44 14.68
C P3S J . 5.99 -5.22 16.02
OT P3S J . 6.41 -6.19 15.34
O P3S J . 4.87 -5.28 16.64
MG MG K . 1.57 2.87 17.53
MG MG L . 1.00 -0.19 19.59
MG MG M . 4.23 1.05 15.85
PB ADP N . -21.93 -15.53 -14.68
O1B ADP N . -22.60 -15.97 -13.39
O2B ADP N . -20.62 -14.85 -14.40
O3B ADP N . -21.93 -16.57 -15.76
PA ADP N . -22.59 -12.95 -15.81
O1A ADP N . -23.30 -11.96 -14.95
O2A ADP N . -21.15 -12.78 -16.17
O3A ADP N . -22.94 -14.44 -15.29
O5' ADP N . -23.35 -13.06 -17.21
C5' ADP N . -24.72 -13.45 -17.28
C4' ADP N . -25.23 -13.01 -18.63
O4' ADP N . -26.50 -13.64 -18.84
C3' ADP N . -25.48 -11.50 -18.64
O3' ADP N . -25.20 -10.99 -19.94
C2' ADP N . -26.96 -11.40 -18.39
O2' ADP N . -27.53 -10.21 -18.91
C1' ADP N . -27.41 -12.61 -19.16
N9 ADP N . -28.82 -12.97 -18.90
C8 ADP N . -29.58 -12.69 -17.83
N7 ADP N . -30.85 -13.19 -18.02
C5 ADP N . -30.88 -13.77 -19.23
C6 ADP N . -31.89 -14.47 -20.06
N6 ADP N . -33.16 -14.67 -19.62
N1 ADP N . -31.49 -14.92 -21.27
C2 ADP N . -30.24 -14.74 -21.74
N3 ADP N . -29.28 -14.12 -21.04
C4 ADP N . -29.55 -13.62 -19.81
O3A P3S O . -17.98 -15.39 -15.62
PA P3S O . -18.02 -16.81 -15.12
O1A P3S O . -18.18 -16.92 -13.61
O2A P3S O . -19.17 -17.58 -15.74
NE P3S O . -16.64 -17.63 -15.70
SD P3S O . -15.54 -18.27 -14.86
OE P3S O . -16.47 -19.24 -14.30
CE P3S O . -14.96 -17.96 -13.15
CG P3S O . -14.09 -18.46 -15.98
CB P3S O . -14.53 -19.41 -17.13
CA P3S O . -13.31 -19.79 -18.00
N P3S O . -12.52 -18.63 -18.31
C P3S O . -13.72 -20.42 -19.32
OT P3S O . -12.81 -20.89 -20.06
O P3S O . -14.94 -20.45 -19.70
MG MG P . -20.55 -17.26 -17.08
MG MG Q . -19.40 -13.86 -15.77
MG MG R . -16.04 -15.27 -16.49
#